data_2DMN
#
_entry.id   2DMN
#
_entity_poly.entity_id   1
_entity_poly.type   'polypeptide(L)'
_entity_poly.pdbx_seq_one_letter_code
;GSSGSSGKKRKGNLPAESVKILRDWMYKHRFKAYPSEEEKQMLSEKTNLSLLQISNWFINARRRILPDMLQQRRNDPSGP
SSG
;
_entity_poly.pdbx_strand_id   A
#
# COMPACT_ATOMS: atom_id res chain seq x y z
N GLY A 1 -27.16 14.58 0.06
CA GLY A 1 -26.17 15.33 0.81
C GLY A 1 -24.75 15.03 0.37
N SER A 2 -23.97 16.09 0.13
CA SER A 2 -22.59 15.93 -0.32
C SER A 2 -21.67 16.84 0.48
N SER A 3 -20.39 16.45 0.57
CA SER A 3 -19.41 17.24 1.31
C SER A 3 -18.01 16.64 1.14
N GLY A 4 -17.01 17.34 1.65
CA GLY A 4 -15.64 16.87 1.55
C GLY A 4 -14.68 17.70 2.39
N SER A 5 -13.41 17.31 2.39
CA SER A 5 -12.39 18.00 3.16
C SER A 5 -11.08 18.09 2.38
N SER A 6 -10.14 18.88 2.88
CA SER A 6 -8.85 19.04 2.24
C SER A 6 -7.72 19.06 3.27
N GLY A 7 -6.49 18.92 2.79
CA GLY A 7 -5.35 18.92 3.69
C GLY A 7 -4.03 18.82 2.94
N LYS A 8 -3.11 19.74 3.22
CA LYS A 8 -1.81 19.75 2.58
C LYS A 8 -0.68 19.75 3.61
N LYS A 9 0.15 18.72 3.57
CA LYS A 9 1.26 18.60 4.50
C LYS A 9 2.40 17.80 3.89
N ARG A 10 3.54 17.79 4.56
CA ARG A 10 4.71 17.06 4.08
C ARG A 10 5.31 16.20 5.18
N LYS A 11 5.43 14.90 4.90
CA LYS A 11 5.99 13.96 5.88
C LYS A 11 6.63 12.77 5.17
N GLY A 12 7.59 12.14 5.85
CA GLY A 12 8.27 10.99 5.27
C GLY A 12 7.38 9.76 5.23
N ASN A 13 7.99 8.60 5.47
CA ASN A 13 7.25 7.34 5.45
C ASN A 13 6.00 7.43 6.33
N LEU A 14 5.21 6.36 6.33
CA LEU A 14 3.99 6.31 7.13
C LEU A 14 4.18 5.44 8.37
N PRO A 15 3.45 5.77 9.44
CA PRO A 15 3.51 5.04 10.70
C PRO A 15 2.90 3.64 10.59
N ALA A 16 3.65 2.64 11.06
CA ALA A 16 3.19 1.25 11.02
C ALA A 16 1.68 1.17 11.19
N GLU A 17 1.21 1.52 12.38
CA GLU A 17 -0.21 1.50 12.68
C GLU A 17 -1.04 1.86 11.46
N SER A 18 -0.60 2.91 10.75
CA SER A 18 -1.30 3.37 9.56
C SER A 18 -1.02 2.44 8.37
N VAL A 19 0.24 2.11 8.17
CA VAL A 19 0.65 1.24 7.07
C VAL A 19 -0.21 -0.03 7.04
N LYS A 20 -0.39 -0.65 8.21
CA LYS A 20 -1.20 -1.86 8.31
C LYS A 20 -2.42 -1.77 7.43
N ILE A 21 -3.08 -0.61 7.43
CA ILE A 21 -4.28 -0.41 6.62
C ILE A 21 -3.97 -0.59 5.14
N LEU A 22 -2.86 -0.01 4.69
CA LEU A 22 -2.46 -0.10 3.29
C LEU A 22 -1.98 -1.51 2.96
N ARG A 23 -1.06 -2.03 3.78
CA ARG A 23 -0.52 -3.36 3.58
C ARG A 23 -1.64 -4.39 3.48
N ASP A 24 -2.42 -4.51 4.55
CA ASP A 24 -3.53 -5.46 4.59
C ASP A 24 -4.21 -5.56 3.22
N TRP A 25 -4.37 -4.43 2.57
CA TRP A 25 -5.01 -4.39 1.26
C TRP A 25 -4.02 -4.79 0.16
N MET A 26 -2.79 -4.30 0.26
CA MET A 26 -1.75 -4.63 -0.72
C MET A 26 -1.54 -6.14 -0.79
N TYR A 27 -1.86 -6.83 0.29
CA TYR A 27 -1.69 -8.28 0.35
C TYR A 27 -2.71 -8.98 -0.53
N LYS A 28 -3.98 -8.86 -0.17
CA LYS A 28 -5.07 -9.47 -0.93
C LYS A 28 -5.00 -9.09 -2.40
N HIS A 29 -4.57 -7.86 -2.66
CA HIS A 29 -4.44 -7.37 -4.03
C HIS A 29 -3.00 -7.44 -4.51
N ARG A 30 -2.13 -7.99 -3.67
CA ARG A 30 -0.71 -8.12 -4.01
C ARG A 30 -0.54 -8.46 -5.48
N PHE A 31 -1.48 -9.22 -6.02
CA PHE A 31 -1.43 -9.61 -7.43
C PHE A 31 -0.95 -8.46 -8.30
N LYS A 32 -1.56 -7.29 -8.11
CA LYS A 32 -1.19 -6.11 -8.87
C LYS A 32 -0.62 -5.02 -7.96
N ALA A 33 -0.98 -5.08 -6.69
CA ALA A 33 -0.49 -4.11 -5.72
C ALA A 33 -0.71 -2.68 -6.21
N TYR A 34 -1.82 -2.48 -6.92
CA TYR A 34 -2.14 -1.15 -7.45
C TYR A 34 -3.61 -0.81 -7.22
N PRO A 35 -3.88 -0.07 -6.13
CA PRO A 35 -5.23 0.34 -5.76
C PRO A 35 -5.80 1.37 -6.73
N SER A 36 -7.11 1.61 -6.63
CA SER A 36 -7.79 2.57 -7.48
C SER A 36 -8.14 3.83 -6.72
N GLU A 37 -8.25 4.95 -7.44
CA GLU A 37 -8.59 6.22 -6.82
C GLU A 37 -9.57 6.03 -5.68
N GLU A 38 -10.43 5.01 -5.79
CA GLU A 38 -11.42 4.72 -4.77
C GLU A 38 -10.77 4.04 -3.56
N GLU A 39 -10.01 2.99 -3.82
CA GLU A 39 -9.34 2.25 -2.76
C GLU A 39 -8.46 3.18 -1.92
N LYS A 40 -7.62 3.96 -2.58
CA LYS A 40 -6.73 4.89 -1.90
C LYS A 40 -7.54 5.85 -1.03
N GLN A 41 -8.41 6.63 -1.66
CA GLN A 41 -9.23 7.60 -0.94
C GLN A 41 -9.90 6.95 0.26
N MET A 42 -10.24 5.67 0.13
CA MET A 42 -10.89 4.93 1.20
C MET A 42 -9.93 4.71 2.37
N LEU A 43 -8.75 4.19 2.06
CA LEU A 43 -7.74 3.93 3.09
C LEU A 43 -7.28 5.22 3.74
N SER A 44 -7.10 6.26 2.92
CA SER A 44 -6.66 7.56 3.42
C SER A 44 -7.51 8.01 4.60
N GLU A 45 -8.74 7.50 4.67
CA GLU A 45 -9.66 7.85 5.74
C GLU A 45 -9.26 7.15 7.04
N LYS A 46 -8.74 5.93 6.91
CA LYS A 46 -8.32 5.16 8.08
C LYS A 46 -6.90 5.53 8.49
N THR A 47 -6.04 5.73 7.51
CA THR A 47 -4.65 6.09 7.77
C THR A 47 -4.50 7.59 7.99
N ASN A 48 -5.42 8.36 7.41
CA ASN A 48 -5.39 9.82 7.55
C ASN A 48 -4.25 10.42 6.72
N LEU A 49 -4.01 9.85 5.55
CA LEU A 49 -2.96 10.33 4.66
C LEU A 49 -3.56 11.01 3.43
N SER A 50 -2.68 11.40 2.50
CA SER A 50 -3.13 12.07 1.28
C SER A 50 -2.95 11.16 0.07
N LEU A 51 -3.98 11.09 -0.77
CA LEU A 51 -3.95 10.26 -1.96
C LEU A 51 -2.54 10.21 -2.55
N LEU A 52 -1.88 11.35 -2.58
CA LEU A 52 -0.52 11.44 -3.12
C LEU A 52 0.43 10.53 -2.34
N GLN A 53 0.36 10.61 -1.02
CA GLN A 53 1.22 9.79 -0.16
C GLN A 53 0.87 8.31 -0.30
N ILE A 54 -0.42 8.02 -0.38
CA ILE A 54 -0.87 6.63 -0.52
C ILE A 54 -0.15 5.93 -1.65
N SER A 55 -0.44 6.35 -2.88
CA SER A 55 0.19 5.75 -4.06
C SER A 55 1.71 5.79 -3.94
N ASN A 56 2.24 6.94 -3.52
CA ASN A 56 3.68 7.11 -3.37
C ASN A 56 4.26 5.98 -2.54
N TRP A 57 3.64 5.69 -1.40
CA TRP A 57 4.10 4.63 -0.50
C TRP A 57 4.08 3.28 -1.22
N PHE A 58 3.03 3.03 -1.98
CA PHE A 58 2.89 1.77 -2.71
C PHE A 58 4.08 1.55 -3.64
N ILE A 59 4.53 2.62 -4.29
CA ILE A 59 5.66 2.55 -5.21
C ILE A 59 6.83 1.83 -4.57
N ASN A 60 7.49 2.49 -3.61
CA ASN A 60 8.63 1.91 -2.92
C ASN A 60 8.22 0.68 -2.13
N ALA A 61 7.00 0.72 -1.59
CA ALA A 61 6.49 -0.39 -0.80
C ALA A 61 6.42 -1.67 -1.63
N ARG A 62 6.12 -1.52 -2.91
CA ARG A 62 6.02 -2.66 -3.82
C ARG A 62 7.40 -3.20 -4.16
N ARG A 63 8.44 -2.56 -3.62
CA ARG A 63 9.81 -2.99 -3.88
C ARG A 63 10.38 -3.74 -2.68
N ARG A 64 9.74 -3.57 -1.53
CA ARG A 64 10.18 -4.24 -0.31
C ARG A 64 9.05 -5.04 0.32
N ILE A 65 7.86 -4.44 0.36
CA ILE A 65 6.70 -5.11 0.93
C ILE A 65 6.14 -6.15 -0.02
N LEU A 66 5.63 -5.70 -1.16
CA LEU A 66 5.07 -6.60 -2.16
C LEU A 66 5.90 -7.86 -2.29
N PRO A 67 7.21 -7.68 -2.51
CA PRO A 67 8.15 -8.81 -2.65
C PRO A 67 8.37 -9.56 -1.33
N ASP A 68 8.08 -8.89 -0.22
CA ASP A 68 8.23 -9.49 1.09
C ASP A 68 7.04 -10.39 1.43
N MET A 69 5.86 -10.01 0.92
CA MET A 69 4.65 -10.76 1.18
C MET A 69 4.42 -11.80 0.07
N LEU A 70 4.56 -11.36 -1.18
CA LEU A 70 4.38 -12.25 -2.32
C LEU A 70 5.55 -13.21 -2.46
N GLN A 71 6.76 -12.69 -2.28
CA GLN A 71 7.96 -13.51 -2.39
C GLN A 71 8.03 -14.22 -3.74
N GLN A 72 7.74 -13.47 -4.80
CA GLN A 72 7.76 -14.02 -6.16
C GLN A 72 9.12 -13.82 -6.81
N ARG A 73 9.99 -14.80 -6.66
CA ARG A 73 11.33 -14.73 -7.23
C ARG A 73 11.28 -14.85 -8.75
N ARG A 74 10.95 -13.75 -9.41
CA ARG A 74 10.87 -13.72 -10.86
C ARG A 74 12.22 -14.09 -11.50
N ASN A 75 13.26 -13.37 -11.11
CA ASN A 75 14.60 -13.62 -11.63
C ASN A 75 14.69 -13.22 -13.10
N ASP A 76 14.23 -12.00 -13.41
CA ASP A 76 14.26 -11.50 -14.78
C ASP A 76 14.97 -10.15 -14.85
N PRO A 77 16.30 -10.18 -15.03
CA PRO A 77 17.11 -8.97 -15.11
C PRO A 77 16.86 -8.19 -16.40
N SER A 78 16.10 -7.10 -16.29
CA SER A 78 15.78 -6.27 -17.44
C SER A 78 17.04 -5.77 -18.12
N GLY A 79 17.16 -6.05 -19.42
CA GLY A 79 18.32 -5.63 -20.17
C GLY A 79 18.69 -4.19 -19.90
N PRO A 80 20.00 -3.90 -19.94
CA PRO A 80 20.52 -2.54 -19.69
C PRO A 80 20.18 -1.58 -20.82
N SER A 81 20.63 -0.34 -20.70
CA SER A 81 20.36 0.68 -21.71
C SER A 81 21.59 0.91 -22.58
N SER A 82 22.75 0.99 -21.93
CA SER A 82 24.01 1.22 -22.65
C SER A 82 23.98 2.55 -23.38
N GLY A 83 23.46 3.58 -22.72
CA GLY A 83 23.38 4.89 -23.33
C GLY A 83 23.75 6.00 -22.36
N GLY A 1 -2.47 6.67 -10.77
CA GLY A 1 -1.34 6.58 -11.67
C GLY A 1 -0.35 7.71 -11.48
N SER A 2 0.75 7.67 -12.22
CA SER A 2 1.78 8.70 -12.13
C SER A 2 1.30 9.99 -12.78
N SER A 3 0.87 9.89 -14.04
CA SER A 3 0.40 11.07 -14.77
C SER A 3 1.24 12.30 -14.45
N GLY A 4 2.56 12.09 -14.38
CA GLY A 4 3.46 13.19 -14.08
C GLY A 4 4.77 12.73 -13.49
N SER A 5 4.93 12.91 -12.18
CA SER A 5 6.14 12.51 -11.49
C SER A 5 7.36 13.21 -12.08
N SER A 6 7.30 14.54 -12.15
CA SER A 6 8.39 15.34 -12.70
C SER A 6 9.40 15.67 -11.62
N GLY A 7 9.83 14.65 -10.87
CA GLY A 7 10.81 14.85 -9.82
C GLY A 7 10.16 15.04 -8.46
N LYS A 8 9.22 14.17 -8.12
CA LYS A 8 8.52 14.25 -6.85
C LYS A 8 8.99 13.15 -5.91
N LYS A 9 9.79 13.53 -4.92
CA LYS A 9 10.30 12.57 -3.94
C LYS A 9 10.30 13.17 -2.54
N ARG A 10 9.61 12.50 -1.61
CA ARG A 10 9.53 12.97 -0.23
C ARG A 10 10.04 11.91 0.73
N LYS A 11 11.16 12.20 1.39
CA LYS A 11 11.76 11.28 2.33
C LYS A 11 10.84 11.05 3.53
N GLY A 12 10.79 9.81 4.01
CA GLY A 12 9.95 9.49 5.15
C GLY A 12 9.14 8.23 4.93
N ASN A 13 8.41 7.81 5.96
CA ASN A 13 7.59 6.60 5.87
C ASN A 13 6.34 6.73 6.74
N LEU A 14 5.31 5.97 6.39
CA LEU A 14 4.06 6.00 7.15
C LEU A 14 4.18 5.20 8.43
N PRO A 15 3.41 5.59 9.46
CA PRO A 15 3.42 4.92 10.76
C PRO A 15 2.78 3.54 10.70
N ALA A 16 3.45 2.56 11.30
CA ALA A 16 2.95 1.19 11.32
C ALA A 16 1.43 1.16 11.40
N GLU A 17 0.89 1.62 12.52
CA GLU A 17 -0.56 1.65 12.72
C GLU A 17 -1.28 1.97 11.41
N SER A 18 -0.80 2.98 10.71
CA SER A 18 -1.40 3.38 9.44
C SER A 18 -1.08 2.38 8.34
N VAL A 19 0.17 1.93 8.31
CA VAL A 19 0.61 0.96 7.31
C VAL A 19 -0.29 -0.26 7.29
N LYS A 20 -0.47 -0.87 8.46
CA LYS A 20 -1.31 -2.05 8.58
C LYS A 20 -2.56 -1.93 7.70
N ILE A 21 -3.12 -0.73 7.64
CA ILE A 21 -4.31 -0.48 6.84
C ILE A 21 -4.01 -0.66 5.35
N LEU A 22 -2.88 -0.13 4.91
CA LEU A 22 -2.49 -0.24 3.51
C LEU A 22 -2.01 -1.66 3.18
N ARG A 23 -1.07 -2.15 3.97
CA ARG A 23 -0.53 -3.49 3.77
C ARG A 23 -1.66 -4.51 3.64
N ASP A 24 -2.51 -4.58 4.65
CA ASP A 24 -3.64 -5.52 4.64
C ASP A 24 -4.26 -5.60 3.24
N TRP A 25 -4.55 -4.44 2.66
CA TRP A 25 -5.15 -4.40 1.34
C TRP A 25 -4.14 -4.80 0.26
N MET A 26 -2.91 -4.33 0.42
CA MET A 26 -1.86 -4.65 -0.54
C MET A 26 -1.61 -6.16 -0.60
N TYR A 27 -1.96 -6.85 0.47
CA TYR A 27 -1.78 -8.29 0.54
C TYR A 27 -2.78 -9.01 -0.35
N LYS A 28 -4.06 -8.68 -0.18
CA LYS A 28 -5.12 -9.29 -0.98
C LYS A 28 -4.97 -8.96 -2.45
N HIS A 29 -4.62 -7.70 -2.73
CA HIS A 29 -4.44 -7.25 -4.10
C HIS A 29 -2.97 -7.30 -4.50
N ARG A 30 -2.13 -7.80 -3.60
CA ARG A 30 -0.70 -7.90 -3.84
C ARG A 30 -0.43 -8.26 -5.30
N PHE A 31 -1.26 -9.13 -5.85
CA PHE A 31 -1.11 -9.57 -7.25
C PHE A 31 -0.60 -8.42 -8.11
N LYS A 32 -1.19 -7.24 -7.93
CA LYS A 32 -0.81 -6.06 -8.69
C LYS A 32 -0.25 -4.97 -7.78
N ALA A 33 -0.62 -5.03 -6.50
CA ALA A 33 -0.16 -4.05 -5.52
C ALA A 33 -0.36 -2.63 -6.03
N TYR A 34 -1.41 -2.43 -6.82
CA TYR A 34 -1.72 -1.12 -7.37
C TYR A 34 -3.21 -0.81 -7.25
N PRO A 35 -3.58 -0.12 -6.15
CA PRO A 35 -4.97 0.25 -5.89
C PRO A 35 -5.48 1.32 -6.86
N SER A 36 -6.78 1.60 -6.79
CA SER A 36 -7.39 2.59 -7.66
C SER A 36 -7.75 3.85 -6.88
N GLU A 37 -7.81 4.98 -7.58
CA GLU A 37 -8.14 6.25 -6.96
C GLU A 37 -9.19 6.06 -5.86
N GLU A 38 -10.07 5.09 -6.05
CA GLU A 38 -11.12 4.80 -5.09
C GLU A 38 -10.56 4.10 -3.85
N GLU A 39 -9.81 3.03 -4.09
CA GLU A 39 -9.21 2.27 -3.00
C GLU A 39 -8.38 3.18 -2.09
N LYS A 40 -7.45 3.91 -2.70
CA LYS A 40 -6.58 4.81 -1.95
C LYS A 40 -7.41 5.76 -1.08
N GLN A 41 -8.21 6.60 -1.73
CA GLN A 41 -9.05 7.56 -1.02
C GLN A 41 -9.70 6.91 0.19
N MET A 42 -10.16 5.68 0.03
CA MET A 42 -10.80 4.95 1.12
C MET A 42 -9.82 4.72 2.27
N LEU A 43 -8.65 4.17 1.94
CA LEU A 43 -7.62 3.90 2.94
C LEU A 43 -7.18 5.18 3.63
N SER A 44 -6.92 6.21 2.83
CA SER A 44 -6.48 7.50 3.37
C SER A 44 -7.36 7.92 4.55
N GLU A 45 -8.62 7.52 4.51
CA GLU A 45 -9.56 7.86 5.57
C GLU A 45 -9.20 7.15 6.87
N LYS A 46 -8.75 5.90 6.75
CA LYS A 46 -8.38 5.11 7.91
C LYS A 46 -6.95 5.44 8.36
N THR A 47 -6.09 5.71 7.39
CA THR A 47 -4.70 6.05 7.68
C THR A 47 -4.54 7.56 7.91
N ASN A 48 -5.54 8.32 7.52
CA ASN A 48 -5.51 9.77 7.69
C ASN A 48 -4.36 10.38 6.90
N LEU A 49 -4.11 9.83 5.72
CA LEU A 49 -3.05 10.33 4.86
C LEU A 49 -3.61 10.99 3.60
N SER A 50 -2.73 11.46 2.73
CA SER A 50 -3.16 12.12 1.50
C SER A 50 -2.96 11.19 0.30
N LEU A 51 -3.96 11.14 -0.57
CA LEU A 51 -3.92 10.29 -1.75
C LEU A 51 -2.51 10.28 -2.36
N LEU A 52 -1.83 11.42 -2.26
CA LEU A 52 -0.48 11.55 -2.80
C LEU A 52 0.49 10.64 -2.04
N GLN A 53 0.41 10.67 -0.72
CA GLN A 53 1.29 9.86 0.11
C GLN A 53 0.96 8.37 -0.05
N ILE A 54 -0.33 8.07 -0.11
CA ILE A 54 -0.78 6.69 -0.25
C ILE A 54 -0.05 5.99 -1.39
N SER A 55 -0.33 6.42 -2.62
CA SER A 55 0.30 5.83 -3.80
C SER A 55 1.82 5.81 -3.64
N ASN A 56 2.39 6.95 -3.28
CA ASN A 56 3.83 7.07 -3.10
C ASN A 56 4.38 5.87 -2.32
N TRP A 57 3.65 5.46 -1.29
CA TRP A 57 4.07 4.32 -0.47
C TRP A 57 3.97 3.02 -1.25
N PHE A 58 2.92 2.89 -2.07
CA PHE A 58 2.71 1.70 -2.87
C PHE A 58 3.82 1.53 -3.89
N ILE A 59 4.38 2.66 -4.35
CA ILE A 59 5.46 2.63 -5.33
C ILE A 59 6.68 1.89 -4.79
N ASN A 60 7.27 2.44 -3.73
CA ASN A 60 8.44 1.83 -3.11
C ASN A 60 8.07 0.56 -2.37
N ALA A 61 6.84 0.50 -1.86
CA ALA A 61 6.36 -0.66 -1.14
C ALA A 61 6.23 -1.87 -2.06
N ARG A 62 5.57 -1.68 -3.19
CA ARG A 62 5.37 -2.76 -4.15
C ARG A 62 6.70 -3.18 -4.77
N ARG A 63 7.77 -2.50 -4.37
CA ARG A 63 9.10 -2.81 -4.88
C ARG A 63 9.92 -3.57 -3.85
N ARG A 64 9.61 -3.36 -2.58
CA ARG A 64 10.32 -4.04 -1.50
C ARG A 64 9.35 -4.77 -0.59
N ILE A 65 8.24 -4.11 -0.26
CA ILE A 65 7.22 -4.71 0.60
C ILE A 65 6.52 -5.87 -0.09
N LEU A 66 6.04 -5.61 -1.31
CA LEU A 66 5.34 -6.64 -2.09
C LEU A 66 6.14 -7.94 -2.11
N PRO A 67 7.41 -7.84 -2.54
CA PRO A 67 8.31 -9.00 -2.62
C PRO A 67 8.70 -9.53 -1.25
N ASP A 68 8.27 -8.82 -0.20
CA ASP A 68 8.58 -9.22 1.17
C ASP A 68 7.41 -9.97 1.79
N MET A 69 6.24 -9.35 1.79
CA MET A 69 5.04 -9.97 2.35
C MET A 69 4.63 -11.20 1.54
N LEU A 70 4.82 -11.12 0.22
CA LEU A 70 4.47 -12.22 -0.66
C LEU A 70 5.31 -13.46 -0.36
N GLN A 71 6.63 -13.26 -0.24
CA GLN A 71 7.54 -14.34 0.04
C GLN A 71 6.94 -15.30 1.07
N GLN A 72 7.21 -16.59 0.90
CA GLN A 72 6.71 -17.61 1.81
C GLN A 72 7.25 -17.40 3.21
N ARG A 73 6.39 -17.03 4.14
CA ARG A 73 6.78 -16.80 5.52
C ARG A 73 5.87 -17.53 6.49
N ARG A 74 4.57 -17.29 6.35
CA ARG A 74 3.58 -17.93 7.21
C ARG A 74 2.55 -18.70 6.39
N ASN A 75 2.39 -19.98 6.71
CA ASN A 75 1.44 -20.83 5.99
C ASN A 75 0.08 -20.15 5.88
N ASP A 76 -0.42 -20.03 4.66
CA ASP A 76 -1.71 -19.39 4.41
C ASP A 76 -2.72 -20.41 3.88
N PRO A 77 -3.44 -21.05 4.80
CA PRO A 77 -4.46 -22.06 4.46
C PRO A 77 -5.68 -21.45 3.78
N SER A 78 -6.59 -22.29 3.33
CA SER A 78 -7.81 -21.84 2.67
C SER A 78 -8.91 -21.56 3.69
N GLY A 79 -9.78 -20.61 3.37
CA GLY A 79 -10.87 -20.27 4.26
C GLY A 79 -12.22 -20.44 3.61
N PRO A 80 -13.29 -20.50 4.43
CA PRO A 80 -14.66 -20.67 3.95
C PRO A 80 -15.17 -19.41 3.23
N SER A 81 -16.03 -19.62 2.25
CA SER A 81 -16.60 -18.51 1.49
C SER A 81 -18.04 -18.83 1.05
N SER A 82 -18.75 -17.79 0.65
CA SER A 82 -20.14 -17.95 0.21
C SER A 82 -20.21 -18.43 -1.23
N GLY A 83 -21.42 -18.70 -1.71
CA GLY A 83 -21.61 -19.16 -3.07
C GLY A 83 -22.56 -20.33 -3.16
N GLY A 1 -8.82 10.98 -26.47
CA GLY A 1 -8.41 11.56 -25.21
C GLY A 1 -9.18 10.99 -24.03
N SER A 2 -8.48 10.75 -22.93
CA SER A 2 -9.12 10.20 -21.73
C SER A 2 -8.72 11.00 -20.49
N SER A 3 -7.41 11.13 -20.27
CA SER A 3 -6.90 11.86 -19.12
C SER A 3 -5.50 12.40 -19.40
N GLY A 4 -4.96 13.16 -18.45
CA GLY A 4 -3.63 13.72 -18.60
C GLY A 4 -2.62 13.07 -17.69
N SER A 5 -1.77 13.90 -17.07
CA SER A 5 -0.74 13.40 -16.17
C SER A 5 0.00 14.56 -15.50
N SER A 6 0.84 14.23 -14.53
CA SER A 6 1.61 15.25 -13.81
C SER A 6 2.83 14.62 -13.13
N GLY A 7 3.70 15.47 -12.60
CA GLY A 7 4.90 14.98 -11.93
C GLY A 7 4.90 15.31 -10.44
N LYS A 8 5.57 14.47 -9.67
CA LYS A 8 5.66 14.69 -8.22
C LYS A 8 6.65 13.71 -7.59
N LYS A 9 7.48 14.23 -6.68
CA LYS A 9 8.47 13.42 -6.00
C LYS A 9 8.76 13.96 -4.60
N ARG A 10 8.30 13.25 -3.59
CA ARG A 10 8.51 13.66 -2.21
C ARG A 10 9.00 12.49 -1.35
N LYS A 11 9.72 12.81 -0.28
CA LYS A 11 10.25 11.78 0.61
C LYS A 11 9.45 11.73 1.91
N GLY A 12 9.51 10.58 2.59
CA GLY A 12 8.79 10.43 3.84
C GLY A 12 8.20 9.04 4.00
N ASN A 13 8.11 8.57 5.23
CA ASN A 13 7.57 7.25 5.52
C ASN A 13 6.33 7.35 6.41
N LEU A 14 5.48 6.34 6.34
CA LEU A 14 4.25 6.30 7.14
C LEU A 14 4.43 5.42 8.36
N PRO A 15 3.67 5.73 9.43
CA PRO A 15 3.72 4.97 10.68
C PRO A 15 3.11 3.58 10.53
N ALA A 16 3.81 2.58 11.06
CA ALA A 16 3.33 1.20 11.00
C ALA A 16 1.81 1.14 11.09
N GLU A 17 1.27 1.59 12.22
CA GLU A 17 -0.17 1.59 12.44
C GLU A 17 -0.92 1.89 11.14
N SER A 18 -0.57 2.99 10.51
CA SER A 18 -1.20 3.39 9.26
C SER A 18 -0.88 2.40 8.14
N VAL A 19 0.36 1.93 8.12
CA VAL A 19 0.80 0.98 7.10
C VAL A 19 -0.08 -0.27 7.11
N LYS A 20 -0.24 -0.87 8.28
CA LYS A 20 -1.05 -2.07 8.41
C LYS A 20 -2.31 -1.98 7.56
N ILE A 21 -2.93 -0.80 7.56
CA ILE A 21 -4.14 -0.57 6.79
C ILE A 21 -3.88 -0.74 5.30
N LEU A 22 -2.80 -0.14 4.83
CA LEU A 22 -2.44 -0.23 3.41
C LEU A 22 -1.95 -1.63 3.05
N ARG A 23 -0.95 -2.11 3.79
CA ARG A 23 -0.40 -3.44 3.55
C ARG A 23 -1.51 -4.47 3.45
N ASP A 24 -2.28 -4.62 4.52
CA ASP A 24 -3.38 -5.58 4.56
C ASP A 24 -4.08 -5.65 3.21
N TRP A 25 -4.38 -4.48 2.65
CA TRP A 25 -5.05 -4.41 1.35
C TRP A 25 -4.10 -4.80 0.22
N MET A 26 -2.87 -4.33 0.30
CA MET A 26 -1.86 -4.63 -0.71
C MET A 26 -1.62 -6.13 -0.82
N TYR A 27 -1.88 -6.84 0.29
CA TYR A 27 -1.69 -8.29 0.33
C TYR A 27 -2.71 -8.99 -0.56
N LYS A 28 -3.98 -8.67 -0.37
CA LYS A 28 -5.06 -9.28 -1.15
C LYS A 28 -4.89 -8.95 -2.63
N HIS A 29 -4.63 -7.68 -2.92
CA HIS A 29 -4.46 -7.23 -4.30
C HIS A 29 -2.98 -7.30 -4.71
N ARG A 30 -2.14 -7.78 -3.81
CA ARG A 30 -0.72 -7.90 -4.08
C ARG A 30 -0.46 -8.28 -5.53
N PHE A 31 -1.27 -9.20 -6.05
CA PHE A 31 -1.13 -9.64 -7.43
C PHE A 31 -0.76 -8.48 -8.35
N LYS A 32 -1.46 -7.37 -8.19
CA LYS A 32 -1.20 -6.17 -8.99
C LYS A 32 -0.44 -5.13 -8.19
N ALA A 33 -0.71 -5.07 -6.89
CA ALA A 33 -0.05 -4.11 -6.01
C ALA A 33 -0.29 -2.68 -6.48
N TYR A 34 -1.56 -2.35 -6.74
CA TYR A 34 -1.91 -1.01 -7.21
C TYR A 34 -3.40 -0.74 -6.97
N PRO A 35 -3.69 0.08 -5.96
CA PRO A 35 -5.07 0.45 -5.60
C PRO A 35 -5.72 1.34 -6.65
N SER A 36 -7.01 1.62 -6.47
CA SER A 36 -7.74 2.46 -7.41
C SER A 36 -8.15 3.77 -6.73
N GLU A 37 -8.28 4.82 -7.53
CA GLU A 37 -8.66 6.13 -7.02
C GLU A 37 -9.64 5.99 -5.86
N GLU A 38 -10.49 4.96 -5.92
CA GLU A 38 -11.46 4.72 -4.87
C GLU A 38 -10.81 4.12 -3.64
N GLU A 39 -10.02 3.07 -3.84
CA GLU A 39 -9.33 2.40 -2.75
C GLU A 39 -8.51 3.38 -1.94
N LYS A 40 -7.65 4.14 -2.61
CA LYS A 40 -6.81 5.14 -1.96
C LYS A 40 -7.65 6.10 -1.13
N GLN A 41 -8.57 6.78 -1.79
CA GLN A 41 -9.44 7.75 -1.12
C GLN A 41 -10.08 7.12 0.11
N MET A 42 -10.34 5.82 0.05
CA MET A 42 -10.96 5.11 1.16
C MET A 42 -9.94 4.88 2.28
N LEU A 43 -8.80 4.31 1.93
CA LEU A 43 -7.75 4.04 2.91
C LEU A 43 -7.31 5.33 3.60
N SER A 44 -7.13 6.38 2.83
CA SER A 44 -6.72 7.67 3.37
C SER A 44 -7.55 8.04 4.59
N GLU A 45 -8.76 7.49 4.66
CA GLU A 45 -9.65 7.77 5.78
C GLU A 45 -9.22 7.00 7.03
N LYS A 46 -8.78 5.76 6.84
CA LYS A 46 -8.34 4.92 7.93
C LYS A 46 -6.91 5.28 8.35
N THR A 47 -6.06 5.56 7.37
CA THR A 47 -4.68 5.92 7.65
C THR A 47 -4.53 7.42 7.87
N ASN A 48 -5.55 8.18 7.47
CA ASN A 48 -5.54 9.63 7.63
C ASN A 48 -4.43 10.25 6.77
N LEU A 49 -4.11 9.61 5.67
CA LEU A 49 -3.07 10.10 4.77
C LEU A 49 -3.68 10.76 3.54
N SER A 50 -2.83 11.17 2.61
CA SER A 50 -3.29 11.82 1.39
C SER A 50 -2.95 10.98 0.16
N LEU A 51 -3.91 10.86 -0.76
CA LEU A 51 -3.71 10.08 -1.98
C LEU A 51 -2.25 10.16 -2.44
N LEU A 52 -1.68 11.35 -2.35
CA LEU A 52 -0.28 11.56 -2.76
C LEU A 52 0.65 10.62 -2.01
N GLN A 53 0.51 10.59 -0.69
CA GLN A 53 1.34 9.73 0.15
C GLN A 53 0.95 8.27 -0.01
N ILE A 54 -0.32 8.04 -0.33
CA ILE A 54 -0.83 6.68 -0.50
C ILE A 54 -0.14 5.99 -1.68
N SER A 55 -0.43 6.46 -2.88
CA SER A 55 0.16 5.88 -4.09
C SER A 55 1.68 5.86 -3.99
N ASN A 56 2.26 7.00 -3.64
CA ASN A 56 3.72 7.11 -3.52
C ASN A 56 4.27 5.97 -2.68
N TRP A 57 3.65 5.72 -1.53
CA TRP A 57 4.08 4.65 -0.64
C TRP A 57 4.06 3.30 -1.35
N PHE A 58 2.95 3.03 -2.05
CA PHE A 58 2.80 1.78 -2.77
C PHE A 58 3.99 1.53 -3.70
N ILE A 59 4.58 2.61 -4.20
CA ILE A 59 5.72 2.50 -5.09
C ILE A 59 6.89 1.81 -4.42
N ASN A 60 7.52 2.49 -3.48
CA ASN A 60 8.65 1.93 -2.75
C ASN A 60 8.21 0.76 -1.88
N ALA A 61 6.93 0.73 -1.53
CA ALA A 61 6.38 -0.33 -0.70
C ALA A 61 6.10 -1.57 -1.53
N ARG A 62 5.82 -1.38 -2.81
CA ARG A 62 5.53 -2.47 -3.71
C ARG A 62 6.81 -3.18 -4.15
N ARG A 63 7.94 -2.56 -3.87
CA ARG A 63 9.24 -3.12 -4.24
C ARG A 63 9.95 -3.69 -3.02
N ARG A 64 9.37 -3.46 -1.84
CA ARG A 64 9.95 -3.97 -0.60
C ARG A 64 8.94 -4.80 0.18
N ILE A 65 7.71 -4.32 0.24
CA ILE A 65 6.64 -5.02 0.95
C ILE A 65 6.09 -6.16 0.11
N LEU A 66 5.50 -5.82 -1.03
CA LEU A 66 4.92 -6.81 -1.92
C LEU A 66 5.84 -8.03 -2.05
N PRO A 67 7.11 -7.77 -2.39
CA PRO A 67 8.12 -8.82 -2.55
C PRO A 67 8.49 -9.48 -1.21
N ASP A 68 8.17 -8.80 -0.12
CA ASP A 68 8.46 -9.31 1.22
C ASP A 68 7.35 -10.23 1.70
N MET A 69 6.11 -9.89 1.35
CA MET A 69 4.96 -10.69 1.76
C MET A 69 4.91 -12.00 0.99
N LEU A 70 5.17 -11.93 -0.31
CA LEU A 70 5.15 -13.12 -1.15
C LEU A 70 6.22 -14.12 -0.73
N GLN A 71 7.41 -13.60 -0.45
CA GLN A 71 8.53 -14.45 -0.02
C GLN A 71 8.87 -15.47 -1.10
N GLN A 72 8.82 -15.05 -2.36
CA GLN A 72 9.12 -15.93 -3.48
C GLN A 72 10.55 -16.44 -3.40
N ARG A 73 10.72 -17.62 -2.80
CA ARG A 73 12.04 -18.22 -2.65
C ARG A 73 13.09 -17.15 -2.37
N ARG A 74 12.74 -16.17 -1.55
CA ARG A 74 13.65 -15.10 -1.20
C ARG A 74 14.35 -15.37 0.13
N ASN A 75 13.58 -15.81 1.11
CA ASN A 75 14.12 -16.12 2.43
C ASN A 75 15.40 -16.95 2.32
N ASP A 76 16.54 -16.30 2.50
CA ASP A 76 17.83 -16.97 2.41
C ASP A 76 18.55 -16.93 3.76
N PRO A 77 19.28 -18.01 4.08
CA PRO A 77 20.04 -18.11 5.33
C PRO A 77 21.24 -17.18 5.36
N SER A 78 21.19 -16.19 6.24
CA SER A 78 22.29 -15.23 6.37
C SER A 78 23.25 -15.64 7.48
N GLY A 79 24.52 -15.30 7.30
CA GLY A 79 25.52 -15.64 8.29
C GLY A 79 25.52 -14.70 9.47
N PRO A 80 25.64 -15.25 10.69
CA PRO A 80 25.65 -14.48 11.92
C PRO A 80 26.92 -13.63 12.07
N SER A 81 26.75 -12.40 12.53
CA SER A 81 27.88 -11.49 12.71
C SER A 81 27.90 -10.92 14.11
N SER A 82 29.08 -10.54 14.58
CA SER A 82 29.23 -9.97 15.92
C SER A 82 30.51 -9.13 16.01
N GLY A 83 30.53 -8.21 16.97
CA GLY A 83 31.69 -7.37 17.15
C GLY A 83 31.53 -6.01 16.51
N GLY A 1 -16.44 28.78 4.40
CA GLY A 1 -15.47 27.75 4.73
C GLY A 1 -15.22 26.80 3.58
N SER A 2 -13.94 26.58 3.27
CA SER A 2 -13.56 25.69 2.18
C SER A 2 -12.09 25.30 2.29
N SER A 3 -11.69 24.31 1.50
CA SER A 3 -10.31 23.83 1.50
C SER A 3 -9.47 24.56 0.46
N GLY A 4 -8.19 24.75 0.77
CA GLY A 4 -7.30 25.43 -0.15
C GLY A 4 -5.92 24.82 -0.19
N SER A 5 -4.95 25.49 0.43
CA SER A 5 -3.58 25.00 0.46
C SER A 5 -3.44 23.80 1.40
N SER A 6 -3.72 22.62 0.88
CA SER A 6 -3.64 21.39 1.67
C SER A 6 -2.28 21.28 2.35
N GLY A 7 -1.22 21.36 1.55
CA GLY A 7 0.13 21.26 2.09
C GLY A 7 0.88 20.05 1.58
N LYS A 8 1.71 20.26 0.56
CA LYS A 8 2.48 19.18 -0.03
C LYS A 8 3.73 18.88 0.80
N LYS A 9 3.58 18.00 1.79
CA LYS A 9 4.69 17.62 2.65
C LYS A 9 4.79 16.11 2.79
N ARG A 10 6.02 15.61 2.94
CA ARG A 10 6.24 14.18 3.09
C ARG A 10 6.11 13.75 4.54
N LYS A 11 6.94 14.33 5.40
CA LYS A 11 6.91 14.01 6.82
C LYS A 11 7.36 12.57 7.07
N GLY A 12 8.41 12.15 6.36
CA GLY A 12 8.92 10.80 6.51
C GLY A 12 7.89 9.75 6.16
N ASN A 13 8.31 8.49 6.18
CA ASN A 13 7.41 7.39 5.85
C ASN A 13 6.20 7.37 6.77
N LEU A 14 5.23 6.53 6.45
CA LEU A 14 4.01 6.42 7.26
C LEU A 14 4.24 5.50 8.46
N PRO A 15 3.49 5.76 9.54
CA PRO A 15 3.58 4.96 10.77
C PRO A 15 3.05 3.55 10.60
N ALA A 16 3.80 2.56 11.08
CA ALA A 16 3.40 1.17 10.98
C ALA A 16 1.88 1.03 11.09
N GLU A 17 1.34 1.36 12.26
CA GLU A 17 -0.10 1.26 12.49
C GLU A 17 -0.87 1.63 11.24
N SER A 18 -0.64 2.84 10.74
CA SER A 18 -1.32 3.32 9.54
C SER A 18 -1.03 2.42 8.35
N VAL A 19 0.23 2.06 8.17
CA VAL A 19 0.65 1.19 7.07
C VAL A 19 -0.17 -0.11 7.07
N LYS A 20 -0.23 -0.77 8.21
CA LYS A 20 -0.98 -2.01 8.33
C LYS A 20 -2.25 -1.97 7.50
N ILE A 21 -2.86 -0.79 7.43
CA ILE A 21 -4.10 -0.61 6.67
C ILE A 21 -3.83 -0.75 5.17
N LEU A 22 -2.76 -0.13 4.70
CA LEU A 22 -2.39 -0.18 3.30
C LEU A 22 -1.81 -1.54 2.93
N ARG A 23 -0.90 -2.02 3.77
CA ARG A 23 -0.25 -3.32 3.53
C ARG A 23 -1.30 -4.43 3.42
N ASP A 24 -2.13 -4.56 4.45
CA ASP A 24 -3.17 -5.58 4.48
C ASP A 24 -3.90 -5.63 3.14
N TRP A 25 -4.13 -4.46 2.55
CA TRP A 25 -4.84 -4.38 1.27
C TRP A 25 -3.91 -4.77 0.13
N MET A 26 -2.68 -4.27 0.16
CA MET A 26 -1.70 -4.58 -0.88
C MET A 26 -1.57 -6.08 -1.08
N TYR A 27 -1.79 -6.84 -0.01
CA TYR A 27 -1.70 -8.30 -0.08
C TYR A 27 -2.82 -8.88 -0.93
N LYS A 28 -4.06 -8.58 -0.53
CA LYS A 28 -5.23 -9.08 -1.26
C LYS A 28 -5.16 -8.68 -2.73
N HIS A 29 -4.87 -7.42 -2.99
CA HIS A 29 -4.77 -6.92 -4.36
C HIS A 29 -3.34 -7.04 -4.88
N ARG A 30 -2.47 -7.63 -4.07
CA ARG A 30 -1.08 -7.82 -4.45
C ARG A 30 -0.96 -8.24 -5.91
N PHE A 31 -1.93 -9.01 -6.38
CA PHE A 31 -1.93 -9.48 -7.76
C PHE A 31 -1.43 -8.39 -8.71
N LYS A 32 -1.97 -7.19 -8.55
CA LYS A 32 -1.58 -6.06 -9.39
C LYS A 32 -0.81 -5.02 -8.57
N ALA A 33 -0.94 -5.09 -7.26
CA ALA A 33 -0.27 -4.15 -6.37
C ALA A 33 -0.52 -2.71 -6.80
N TYR A 34 -1.79 -2.37 -6.99
CA TYR A 34 -2.15 -1.02 -7.40
C TYR A 34 -3.63 -0.75 -7.14
N PRO A 35 -3.92 0.03 -6.09
CA PRO A 35 -5.28 0.38 -5.70
C PRO A 35 -5.95 1.32 -6.71
N SER A 36 -7.24 1.55 -6.52
CA SER A 36 -8.00 2.42 -7.42
C SER A 36 -8.37 3.72 -6.72
N GLU A 37 -8.51 4.78 -7.51
CA GLU A 37 -8.86 6.10 -6.96
C GLU A 37 -9.83 5.95 -5.80
N GLU A 38 -10.66 4.91 -5.84
CA GLU A 38 -11.65 4.67 -4.80
C GLU A 38 -10.97 4.10 -3.55
N GLU A 39 -10.14 3.09 -3.75
CA GLU A 39 -9.44 2.44 -2.63
C GLU A 39 -8.61 3.47 -1.86
N LYS A 40 -7.65 4.08 -2.55
CA LYS A 40 -6.78 5.07 -1.94
C LYS A 40 -7.59 6.03 -1.06
N GLN A 41 -8.58 6.69 -1.66
CA GLN A 41 -9.42 7.63 -0.94
C GLN A 41 -10.03 6.98 0.30
N MET A 42 -10.40 5.71 0.17
CA MET A 42 -10.99 4.97 1.28
C MET A 42 -9.98 4.75 2.39
N LEU A 43 -8.82 4.20 2.03
CA LEU A 43 -7.77 3.94 3.00
C LEU A 43 -7.32 5.23 3.68
N SER A 44 -7.16 6.29 2.89
CA SER A 44 -6.74 7.58 3.41
C SER A 44 -7.56 7.97 4.64
N GLU A 45 -8.79 7.46 4.70
CA GLU A 45 -9.67 7.76 5.82
C GLU A 45 -9.21 7.04 7.08
N LYS A 46 -8.69 5.82 6.92
CA LYS A 46 -8.21 5.03 8.04
C LYS A 46 -6.79 5.42 8.41
N THR A 47 -5.99 5.76 7.40
CA THR A 47 -4.60 6.15 7.63
C THR A 47 -4.47 7.66 7.77
N ASN A 48 -5.51 8.38 7.35
CA ASN A 48 -5.52 9.83 7.43
C ASN A 48 -4.37 10.42 6.61
N LEU A 49 -4.02 9.75 5.52
CA LEU A 49 -2.95 10.22 4.65
C LEU A 49 -3.51 10.93 3.42
N SER A 50 -2.62 11.32 2.52
CA SER A 50 -3.03 12.03 1.30
C SER A 50 -2.92 11.12 0.08
N LEU A 51 -3.93 11.17 -0.77
CA LEU A 51 -3.95 10.34 -1.98
C LEU A 51 -2.56 10.25 -2.60
N LEU A 52 -1.81 11.35 -2.52
CA LEU A 52 -0.46 11.39 -3.06
C LEU A 52 0.47 10.46 -2.30
N GLN A 53 0.45 10.55 -0.98
CA GLN A 53 1.28 9.71 -0.13
C GLN A 53 0.90 8.24 -0.28
N ILE A 54 -0.40 7.99 -0.42
CA ILE A 54 -0.89 6.62 -0.57
C ILE A 54 -0.22 5.92 -1.73
N SER A 55 -0.51 6.37 -2.95
CA SER A 55 0.08 5.78 -4.14
C SER A 55 1.59 5.77 -4.07
N ASN A 56 2.17 6.88 -3.62
CA ASN A 56 3.62 7.00 -3.49
C ASN A 56 4.18 5.85 -2.67
N TRP A 57 3.61 5.63 -1.49
CA TRP A 57 4.06 4.56 -0.60
C TRP A 57 4.03 3.22 -1.31
N PHE A 58 3.03 3.02 -2.17
CA PHE A 58 2.90 1.78 -2.92
C PHE A 58 4.08 1.58 -3.86
N ILE A 59 4.78 2.66 -4.16
CA ILE A 59 5.93 2.61 -5.05
C ILE A 59 7.12 1.92 -4.38
N ASN A 60 7.61 2.53 -3.31
CA ASN A 60 8.74 1.97 -2.57
C ASN A 60 8.33 0.72 -1.80
N ALA A 61 7.05 0.66 -1.42
CA ALA A 61 6.53 -0.49 -0.69
C ALA A 61 6.44 -1.72 -1.57
N ARG A 62 5.94 -1.53 -2.79
CA ARG A 62 5.81 -2.63 -3.74
C ARG A 62 7.17 -3.13 -4.20
N ARG A 63 8.23 -2.48 -3.70
CA ARG A 63 9.59 -2.85 -4.07
C ARG A 63 10.22 -3.72 -2.99
N ARG A 64 9.78 -3.53 -1.74
CA ARG A 64 10.30 -4.30 -0.62
C ARG A 64 9.18 -4.99 0.15
N ILE A 65 8.09 -4.26 0.36
CA ILE A 65 6.94 -4.80 1.07
C ILE A 65 6.23 -5.87 0.25
N LEU A 66 5.81 -5.50 -0.96
CA LEU A 66 5.12 -6.43 -1.84
C LEU A 66 5.85 -7.77 -1.91
N PRO A 67 7.15 -7.71 -2.21
CA PRO A 67 7.99 -8.91 -2.30
C PRO A 67 8.24 -9.56 -0.95
N ASP A 68 7.82 -8.87 0.12
CA ASP A 68 7.99 -9.38 1.47
C ASP A 68 6.81 -10.27 1.87
N MET A 69 5.60 -9.83 1.54
CA MET A 69 4.40 -10.59 1.87
C MET A 69 4.09 -11.61 0.77
N LEU A 70 4.23 -11.18 -0.48
CA LEU A 70 3.96 -12.05 -1.62
C LEU A 70 5.13 -13.00 -1.86
N GLN A 71 6.32 -12.56 -1.47
CA GLN A 71 7.52 -13.37 -1.66
C GLN A 71 7.62 -13.89 -3.10
N GLN A 72 7.49 -12.97 -4.05
CA GLN A 72 7.56 -13.33 -5.46
C GLN A 72 9.01 -13.51 -5.90
N ARG A 73 9.57 -14.69 -5.64
CA ARG A 73 10.94 -14.98 -6.00
C ARG A 73 11.13 -14.92 -7.52
N ARG A 74 11.73 -13.83 -7.99
CA ARG A 74 11.98 -13.64 -9.42
C ARG A 74 13.44 -13.33 -9.69
N ASN A 75 14.01 -12.45 -8.87
CA ASN A 75 15.40 -12.04 -9.03
C ASN A 75 16.14 -12.14 -7.70
N ASP A 76 15.86 -13.20 -6.94
CA ASP A 76 16.50 -13.41 -5.65
C ASP A 76 17.17 -14.78 -5.59
N PRO A 77 18.50 -14.80 -5.78
CA PRO A 77 19.28 -16.05 -5.76
C PRO A 77 19.37 -16.64 -4.36
N SER A 78 19.08 -17.93 -4.24
CA SER A 78 19.14 -18.61 -2.96
C SER A 78 20.45 -18.32 -2.24
N GLY A 79 20.37 -17.48 -1.21
CA GLY A 79 21.56 -17.12 -0.45
C GLY A 79 21.24 -16.74 0.98
N PRO A 80 21.10 -15.43 1.23
CA PRO A 80 20.79 -14.91 2.57
C PRO A 80 19.37 -15.26 3.01
N SER A 81 19.21 -15.50 4.31
CA SER A 81 17.90 -15.85 4.85
C SER A 81 17.65 -15.12 6.17
N SER A 82 16.38 -14.94 6.51
CA SER A 82 16.01 -14.26 7.74
C SER A 82 15.75 -15.25 8.87
N GLY A 83 15.17 -16.39 8.52
CA GLY A 83 14.89 -17.41 9.52
C GLY A 83 16.13 -18.18 9.93
N GLY A 1 -15.01 9.70 -15.25
CA GLY A 1 -14.08 10.42 -16.10
C GLY A 1 -13.13 11.29 -15.31
N SER A 2 -11.87 11.31 -15.71
CA SER A 2 -10.85 12.10 -15.03
C SER A 2 -9.52 12.04 -15.78
N SER A 3 -8.67 13.04 -15.54
CA SER A 3 -7.37 13.11 -16.19
C SER A 3 -6.26 12.65 -15.26
N GLY A 4 -6.28 13.18 -14.03
CA GLY A 4 -5.27 12.82 -13.05
C GLY A 4 -3.93 13.47 -13.34
N SER A 5 -3.15 13.69 -12.29
CA SER A 5 -1.84 14.31 -12.43
C SER A 5 -0.99 14.06 -11.19
N SER A 6 0.33 14.24 -11.33
CA SER A 6 1.26 14.03 -10.22
C SER A 6 2.63 14.61 -10.56
N GLY A 7 3.36 15.00 -9.52
CA GLY A 7 4.69 15.57 -9.71
C GLY A 7 5.41 15.80 -8.41
N LYS A 8 4.79 16.55 -7.51
CA LYS A 8 5.39 16.86 -6.21
C LYS A 8 6.06 15.62 -5.62
N LYS A 9 7.22 15.81 -5.01
CA LYS A 9 7.96 14.71 -4.41
C LYS A 9 8.63 15.16 -3.11
N ARG A 10 8.63 14.28 -2.12
CA ARG A 10 9.24 14.58 -0.82
C ARG A 10 9.26 13.35 0.08
N LYS A 11 10.44 13.01 0.58
CA LYS A 11 10.60 11.86 1.45
C LYS A 11 9.58 11.88 2.58
N GLY A 12 9.32 10.71 3.18
CA GLY A 12 8.37 10.63 4.27
C GLY A 12 7.63 9.30 4.29
N ASN A 13 7.98 8.46 5.25
CA ASN A 13 7.35 7.15 5.38
C ASN A 13 6.11 7.23 6.27
N LEU A 14 5.26 6.21 6.18
CA LEU A 14 4.04 6.16 6.98
C LEU A 14 4.24 5.31 8.23
N PRO A 15 3.55 5.67 9.32
CA PRO A 15 3.64 4.95 10.59
C PRO A 15 2.98 3.58 10.52
N ALA A 16 3.61 2.60 11.15
CA ALA A 16 3.09 1.24 11.16
C ALA A 16 1.57 1.23 11.23
N GLU A 17 1.03 1.74 12.33
CA GLU A 17 -0.41 1.79 12.51
C GLU A 17 -1.13 2.05 11.19
N SER A 18 -0.69 3.10 10.50
CA SER A 18 -1.28 3.47 9.22
C SER A 18 -0.95 2.43 8.15
N VAL A 19 0.28 1.97 8.15
CA VAL A 19 0.74 0.98 7.18
C VAL A 19 -0.16 -0.26 7.20
N LYS A 20 -0.35 -0.83 8.38
CA LYS A 20 -1.19 -2.00 8.55
C LYS A 20 -2.43 -1.91 7.67
N ILE A 21 -3.04 -0.73 7.64
CA ILE A 21 -4.24 -0.51 6.84
C ILE A 21 -3.96 -0.71 5.35
N LEU A 22 -2.86 -0.13 4.89
CA LEU A 22 -2.47 -0.25 3.48
C LEU A 22 -1.99 -1.66 3.17
N ARG A 23 -0.98 -2.11 3.89
CA ARG A 23 -0.42 -3.45 3.69
C ARG A 23 -1.54 -4.49 3.59
N ASP A 24 -2.43 -4.49 4.57
CA ASP A 24 -3.55 -5.43 4.59
C ASP A 24 -4.19 -5.53 3.21
N TRP A 25 -4.39 -4.39 2.56
CA TRP A 25 -4.99 -4.36 1.24
C TRP A 25 -3.98 -4.75 0.17
N MET A 26 -2.81 -4.14 0.21
CA MET A 26 -1.75 -4.43 -0.76
C MET A 26 -1.45 -5.93 -0.79
N TYR A 27 -1.78 -6.62 0.29
CA TYR A 27 -1.54 -8.06 0.39
C TYR A 27 -2.51 -8.83 -0.49
N LYS A 28 -3.80 -8.71 -0.18
CA LYS A 28 -4.83 -9.41 -0.94
C LYS A 28 -4.84 -8.96 -2.39
N HIS A 29 -4.47 -7.69 -2.62
CA HIS A 29 -4.41 -7.15 -3.96
C HIS A 29 -2.98 -7.10 -4.48
N ARG A 30 -2.06 -7.62 -3.69
CA ARG A 30 -0.65 -7.64 -4.07
C ARG A 30 -0.49 -7.92 -5.56
N PHE A 31 -1.36 -8.76 -6.09
CA PHE A 31 -1.33 -9.12 -7.51
C PHE A 31 -1.02 -7.90 -8.36
N LYS A 32 -1.70 -6.80 -8.07
CA LYS A 32 -1.50 -5.55 -8.81
C LYS A 32 -0.89 -4.48 -7.92
N ALA A 33 -1.24 -4.51 -6.64
CA ALA A 33 -0.73 -3.53 -5.68
C ALA A 33 -0.93 -2.10 -6.19
N TYR A 34 -1.91 -1.93 -7.06
CA TYR A 34 -2.21 -0.61 -7.63
C TYR A 34 -3.68 -0.27 -7.48
N PRO A 35 -4.04 0.35 -6.34
CA PRO A 35 -5.42 0.74 -6.05
C PRO A 35 -5.89 1.90 -6.93
N SER A 36 -7.19 2.17 -6.90
CA SER A 36 -7.77 3.24 -7.69
C SER A 36 -8.10 4.45 -6.82
N GLU A 37 -8.03 5.63 -7.42
CA GLU A 37 -8.32 6.87 -6.70
C GLU A 37 -9.42 6.65 -5.67
N GLU A 38 -10.35 5.75 -5.99
CA GLU A 38 -11.46 5.46 -5.09
C GLU A 38 -10.99 4.62 -3.90
N GLU A 39 -10.29 3.53 -4.18
CA GLU A 39 -9.78 2.65 -3.14
C GLU A 39 -8.87 3.42 -2.18
N LYS A 40 -7.89 4.12 -2.75
CA LYS A 40 -6.95 4.90 -1.95
C LYS A 40 -7.68 5.85 -1.01
N GLN A 41 -8.55 6.66 -1.58
CA GLN A 41 -9.32 7.62 -0.79
C GLN A 41 -9.95 6.96 0.42
N MET A 42 -10.46 5.73 0.22
CA MET A 42 -11.09 4.99 1.30
C MET A 42 -10.09 4.70 2.41
N LEU A 43 -8.88 4.32 2.03
CA LEU A 43 -7.83 4.01 3.00
C LEU A 43 -7.33 5.27 3.69
N SER A 44 -7.27 6.36 2.94
CA SER A 44 -6.81 7.64 3.47
C SER A 44 -7.61 8.02 4.72
N GLU A 45 -8.82 7.49 4.83
CA GLU A 45 -9.68 7.78 5.97
C GLU A 45 -9.19 7.03 7.22
N LYS A 46 -8.84 5.77 7.04
CA LYS A 46 -8.35 4.95 8.14
C LYS A 46 -6.90 5.29 8.49
N THR A 47 -6.15 5.72 7.48
CA THR A 47 -4.75 6.08 7.69
C THR A 47 -4.60 7.59 7.84
N ASN A 48 -5.61 8.34 7.43
CA ASN A 48 -5.59 9.79 7.53
C ASN A 48 -4.48 10.38 6.66
N LEU A 49 -4.18 9.70 5.56
CA LEU A 49 -3.14 10.16 4.64
C LEU A 49 -3.75 10.79 3.39
N SER A 50 -2.89 11.14 2.44
CA SER A 50 -3.34 11.75 1.20
C SER A 50 -3.05 10.85 0.00
N LEU A 51 -4.02 10.71 -0.89
CA LEU A 51 -3.87 9.87 -2.07
C LEU A 51 -2.43 9.91 -2.58
N LEU A 52 -1.83 11.09 -2.57
CA LEU A 52 -0.46 11.25 -3.03
C LEU A 52 0.49 10.36 -2.24
N GLN A 53 0.35 10.38 -0.91
CA GLN A 53 1.19 9.57 -0.04
C GLN A 53 0.81 8.09 -0.14
N ILE A 54 -0.48 7.83 -0.34
CA ILE A 54 -0.97 6.46 -0.45
C ILE A 54 -0.27 5.71 -1.57
N SER A 55 -0.54 6.10 -2.81
CA SER A 55 0.06 5.47 -3.97
C SER A 55 1.58 5.53 -3.88
N ASN A 56 2.11 6.70 -3.54
CA ASN A 56 3.55 6.89 -3.42
C ASN A 56 4.18 5.77 -2.58
N TRP A 57 3.54 5.45 -1.46
CA TRP A 57 4.04 4.40 -0.57
C TRP A 57 4.03 3.05 -1.27
N PHE A 58 2.97 2.78 -2.03
CA PHE A 58 2.85 1.51 -2.75
C PHE A 58 4.02 1.32 -3.72
N ILE A 59 4.38 2.39 -4.41
CA ILE A 59 5.49 2.35 -5.37
C ILE A 59 6.72 1.73 -4.73
N ASN A 60 7.31 2.45 -3.77
CA ASN A 60 8.50 1.98 -3.09
C ASN A 60 8.24 0.67 -2.36
N ALA A 61 7.14 0.63 -1.61
CA ALA A 61 6.77 -0.56 -0.86
C ALA A 61 6.69 -1.78 -1.77
N ARG A 62 6.27 -1.56 -3.02
CA ARG A 62 6.16 -2.65 -3.99
C ARG A 62 7.54 -3.16 -4.39
N ARG A 63 8.58 -2.56 -3.82
CA ARG A 63 9.95 -2.95 -4.13
C ARG A 63 10.54 -3.79 -2.99
N ARG A 64 10.00 -3.60 -1.79
CA ARG A 64 10.47 -4.33 -0.62
C ARG A 64 9.32 -5.04 0.09
N ILE A 65 8.20 -4.34 0.23
CA ILE A 65 7.03 -4.89 0.88
C ILE A 65 6.38 -5.97 0.01
N LEU A 66 5.92 -5.58 -1.17
CA LEU A 66 5.28 -6.51 -2.09
C LEU A 66 6.07 -7.81 -2.18
N PRO A 67 7.37 -7.70 -2.49
CA PRO A 67 8.26 -8.86 -2.61
C PRO A 67 8.54 -9.52 -1.27
N ASP A 68 8.14 -8.85 -0.19
CA ASP A 68 8.35 -9.38 1.16
C ASP A 68 7.16 -10.23 1.59
N MET A 69 5.95 -9.75 1.31
CA MET A 69 4.74 -10.47 1.67
C MET A 69 4.67 -11.80 0.93
N LEU A 70 4.92 -11.77 -0.37
CA LEU A 70 4.88 -12.98 -1.19
C LEU A 70 5.81 -14.05 -0.63
N GLN A 71 7.03 -13.65 -0.29
CA GLN A 71 8.01 -14.58 0.26
C GLN A 71 7.34 -15.62 1.15
N GLN A 72 6.46 -15.16 2.03
CA GLN A 72 5.75 -16.05 2.94
C GLN A 72 5.08 -17.18 2.18
N ARG A 73 4.74 -18.25 2.89
CA ARG A 73 4.09 -19.41 2.28
C ARG A 73 3.02 -18.97 1.29
N ARG A 74 3.31 -19.11 0.00
CA ARG A 74 2.38 -18.72 -1.05
C ARG A 74 1.38 -19.85 -1.32
N ASN A 75 0.37 -19.56 -2.15
CA ASN A 75 -0.64 -20.53 -2.49
C ASN A 75 -0.73 -20.72 -4.00
N ASP A 76 -0.80 -21.98 -4.44
CA ASP A 76 -0.90 -22.29 -5.86
C ASP A 76 -2.23 -22.94 -6.18
N PRO A 77 -3.23 -22.10 -6.54
CA PRO A 77 -4.57 -22.58 -6.88
C PRO A 77 -4.60 -23.33 -8.21
N SER A 78 -5.26 -24.48 -8.21
CA SER A 78 -5.37 -25.30 -9.41
C SER A 78 -5.86 -24.47 -10.60
N GLY A 79 -4.97 -24.23 -11.55
CA GLY A 79 -5.34 -23.45 -12.72
C GLY A 79 -4.27 -23.47 -13.80
N PRO A 80 -4.68 -23.39 -15.06
CA PRO A 80 -3.78 -23.39 -16.20
C PRO A 80 -2.94 -22.11 -16.29
N SER A 81 -2.11 -22.03 -17.33
CA SER A 81 -1.26 -20.86 -17.52
C SER A 81 -1.40 -20.32 -18.94
N SER A 82 -0.93 -19.09 -19.15
CA SER A 82 -1.00 -18.46 -20.46
C SER A 82 0.31 -17.76 -20.81
N GLY A 83 0.46 -17.41 -22.08
CA GLY A 83 1.68 -16.75 -22.52
C GLY A 83 2.76 -17.73 -22.91
N GLY A 1 -17.11 11.35 8.04
CA GLY A 1 -17.09 12.36 9.08
C GLY A 1 -16.59 13.70 8.58
N SER A 2 -15.27 13.78 8.37
CA SER A 2 -14.65 15.02 7.89
C SER A 2 -14.00 14.80 6.53
N SER A 3 -13.64 15.90 5.87
CA SER A 3 -13.01 15.84 4.56
C SER A 3 -12.04 16.99 4.36
N GLY A 4 -10.89 16.69 3.76
CA GLY A 4 -9.89 17.72 3.53
C GLY A 4 -8.49 17.24 3.83
N SER A 5 -7.49 18.02 3.42
CA SER A 5 -6.09 17.67 3.65
C SER A 5 -5.20 18.90 3.57
N SER A 6 -4.17 18.93 4.41
CA SER A 6 -3.24 20.05 4.43
C SER A 6 -1.92 19.65 5.08
N GLY A 7 -0.82 19.87 4.36
CA GLY A 7 0.49 19.52 4.88
C GLY A 7 1.53 19.38 3.79
N LYS A 8 2.73 19.92 4.05
CA LYS A 8 3.81 19.85 3.08
C LYS A 8 4.92 18.92 3.56
N LYS A 9 4.93 17.70 3.04
CA LYS A 9 5.94 16.71 3.41
C LYS A 9 6.16 15.71 2.28
N ARG A 10 7.42 15.58 1.86
CA ARG A 10 7.77 14.67 0.78
C ARG A 10 8.77 13.61 1.27
N LYS A 11 9.05 12.63 0.42
CA LYS A 11 9.99 11.57 0.77
C LYS A 11 9.79 11.12 2.21
N GLY A 12 8.53 11.05 2.63
CA GLY A 12 8.24 10.63 4.00
C GLY A 12 7.42 9.35 4.04
N ASN A 13 7.77 8.46 4.96
CA ASN A 13 7.06 7.20 5.11
C ASN A 13 5.87 7.35 6.05
N LEU A 14 5.07 6.29 6.16
CA LEU A 14 3.90 6.30 7.03
C LEU A 14 4.12 5.42 8.26
N PRO A 15 3.45 5.78 9.37
CA PRO A 15 3.56 5.03 10.62
C PRO A 15 2.90 3.66 10.54
N ALA A 16 3.56 2.66 11.12
CA ALA A 16 3.03 1.31 11.12
C ALA A 16 1.50 1.31 11.18
N GLU A 17 0.97 1.73 12.32
CA GLU A 17 -0.48 1.79 12.51
C GLU A 17 -1.19 2.14 11.20
N SER A 18 -0.69 3.17 10.53
CA SER A 18 -1.28 3.61 9.27
C SER A 18 -0.91 2.65 8.14
N VAL A 19 0.31 2.16 8.15
CA VAL A 19 0.79 1.23 7.12
C VAL A 19 -0.07 -0.03 7.10
N LYS A 20 -0.22 -0.66 8.26
CA LYS A 20 -1.02 -1.88 8.37
C LYS A 20 -2.25 -1.80 7.48
N ILE A 21 -2.88 -0.64 7.45
CA ILE A 21 -4.08 -0.43 6.64
C ILE A 21 -3.78 -0.65 5.15
N LEU A 22 -2.64 -0.14 4.71
CA LEU A 22 -2.24 -0.29 3.31
C LEU A 22 -1.68 -1.69 3.05
N ARG A 23 -0.81 -2.15 3.93
CA ARG A 23 -0.20 -3.47 3.79
C ARG A 23 -1.29 -4.55 3.69
N ASP A 24 -2.17 -4.59 4.68
CA ASP A 24 -3.25 -5.57 4.70
C ASP A 24 -3.95 -5.63 3.34
N TRP A 25 -4.15 -4.47 2.72
CA TRP A 25 -4.81 -4.39 1.43
C TRP A 25 -3.86 -4.83 0.30
N MET A 26 -2.60 -4.43 0.42
CA MET A 26 -1.60 -4.78 -0.58
C MET A 26 -1.45 -6.29 -0.70
N TYR A 27 -1.77 -7.00 0.38
CA TYR A 27 -1.68 -8.45 0.40
C TYR A 27 -2.74 -9.08 -0.49
N LYS A 28 -4.01 -8.76 -0.21
CA LYS A 28 -5.12 -9.29 -0.99
C LYS A 28 -4.98 -8.92 -2.46
N HIS A 29 -4.51 -7.70 -2.72
CA HIS A 29 -4.34 -7.23 -4.09
C HIS A 29 -2.88 -7.37 -4.53
N ARG A 30 -2.06 -7.96 -3.66
CA ARG A 30 -0.65 -8.15 -3.96
C ARG A 30 -0.44 -8.49 -5.42
N PHE A 31 -1.32 -9.32 -5.96
CA PHE A 31 -1.24 -9.73 -7.37
C PHE A 31 -0.82 -8.56 -8.24
N LYS A 32 -1.69 -7.55 -8.33
CA LYS A 32 -1.42 -6.37 -9.14
C LYS A 32 -0.60 -5.35 -8.35
N ALA A 33 -0.93 -5.18 -7.08
CA ALA A 33 -0.21 -4.25 -6.23
C ALA A 33 -0.41 -2.81 -6.69
N TYR A 34 -1.67 -2.44 -6.94
CA TYR A 34 -1.99 -1.10 -7.39
C TYR A 34 -3.45 -0.76 -7.11
N PRO A 35 -3.68 0.08 -6.09
CA PRO A 35 -5.03 0.50 -5.70
C PRO A 35 -5.67 1.42 -6.72
N SER A 36 -6.97 1.66 -6.57
CA SER A 36 -7.71 2.51 -7.48
C SER A 36 -8.09 3.82 -6.80
N GLU A 37 -8.27 4.88 -7.60
CA GLU A 37 -8.64 6.18 -7.08
C GLU A 37 -9.64 6.04 -5.93
N GLU A 38 -10.40 4.95 -5.95
CA GLU A 38 -11.41 4.71 -4.92
C GLU A 38 -10.76 4.06 -3.69
N GLU A 39 -9.90 3.08 -3.93
CA GLU A 39 -9.22 2.37 -2.84
C GLU A 39 -8.37 3.34 -2.02
N LYS A 40 -7.47 4.05 -2.70
CA LYS A 40 -6.60 5.01 -2.03
C LYS A 40 -7.40 5.95 -1.13
N GLN A 41 -8.32 6.69 -1.73
CA GLN A 41 -9.15 7.62 -0.98
C GLN A 41 -9.77 6.94 0.24
N MET A 42 -10.16 5.68 0.07
CA MET A 42 -10.77 4.92 1.16
C MET A 42 -9.76 4.69 2.29
N LEU A 43 -8.60 4.13 1.93
CA LEU A 43 -7.55 3.85 2.91
C LEU A 43 -7.10 5.14 3.59
N SER A 44 -7.01 6.22 2.82
CA SER A 44 -6.57 7.50 3.35
C SER A 44 -7.43 7.91 4.55
N GLU A 45 -8.66 7.41 4.59
CA GLU A 45 -9.57 7.73 5.68
C GLU A 45 -9.20 6.96 6.94
N LYS A 46 -8.80 5.70 6.76
CA LYS A 46 -8.42 4.85 7.88
C LYS A 46 -7.00 5.18 8.35
N THR A 47 -6.18 5.69 7.44
CA THR A 47 -4.81 6.04 7.75
C THR A 47 -4.66 7.54 7.96
N ASN A 48 -5.62 8.30 7.43
CA ASN A 48 -5.59 9.75 7.56
C ASN A 48 -4.43 10.35 6.79
N LEU A 49 -4.13 9.75 5.63
CA LEU A 49 -3.03 10.23 4.80
C LEU A 49 -3.57 10.98 3.59
N SER A 50 -2.67 11.38 2.69
CA SER A 50 -3.04 12.11 1.49
C SER A 50 -2.89 11.24 0.25
N LEU A 51 -3.90 11.26 -0.62
CA LEU A 51 -3.87 10.47 -1.84
C LEU A 51 -2.46 10.38 -2.41
N LEU A 52 -1.74 11.50 -2.37
CA LEU A 52 -0.38 11.56 -2.88
C LEU A 52 0.53 10.61 -2.09
N GLN A 53 0.42 10.65 -0.77
CA GLN A 53 1.22 9.79 0.10
C GLN A 53 0.85 8.33 -0.08
N ILE A 54 -0.44 8.07 -0.26
CA ILE A 54 -0.93 6.71 -0.44
C ILE A 54 -0.22 6.02 -1.60
N SER A 55 -0.47 6.50 -2.82
CA SER A 55 0.15 5.94 -4.01
C SER A 55 1.66 5.94 -3.89
N ASN A 56 2.23 7.10 -3.55
CA ASN A 56 3.66 7.23 -3.41
C ASN A 56 4.25 6.08 -2.58
N TRP A 57 3.57 5.76 -1.47
CA TRP A 57 4.02 4.69 -0.60
C TRP A 57 3.99 3.35 -1.32
N PHE A 58 2.81 2.98 -1.83
CA PHE A 58 2.65 1.72 -2.54
C PHE A 58 3.81 1.48 -3.50
N ILE A 59 4.27 2.56 -4.13
CA ILE A 59 5.38 2.46 -5.07
C ILE A 59 6.59 1.78 -4.44
N ASN A 60 7.26 2.48 -3.53
CA ASN A 60 8.42 1.94 -2.85
C ASN A 60 8.07 0.67 -2.07
N ALA A 61 6.94 0.72 -1.37
CA ALA A 61 6.47 -0.42 -0.59
C ALA A 61 6.23 -1.63 -1.47
N ARG A 62 5.97 -1.38 -2.75
CA ARG A 62 5.70 -2.45 -3.71
C ARG A 62 7.01 -3.10 -4.15
N ARG A 63 8.13 -2.51 -3.77
CA ARG A 63 9.44 -3.03 -4.13
C ARG A 63 10.09 -3.75 -2.95
N ARG A 64 9.51 -3.58 -1.77
CA ARG A 64 10.03 -4.21 -0.56
C ARG A 64 8.95 -5.05 0.13
N ILE A 65 7.75 -4.50 0.20
CA ILE A 65 6.64 -5.19 0.83
C ILE A 65 6.06 -6.26 -0.09
N LEU A 66 5.51 -5.82 -1.22
CA LEU A 66 4.92 -6.74 -2.19
C LEU A 66 5.77 -8.01 -2.32
N PRO A 67 7.07 -7.82 -2.58
CA PRO A 67 8.01 -8.94 -2.73
C PRO A 67 8.28 -9.65 -1.42
N ASP A 68 8.01 -8.97 -0.31
CA ASP A 68 8.23 -9.54 1.02
C ASP A 68 7.06 -10.45 1.40
N MET A 69 5.85 -10.03 1.06
CA MET A 69 4.66 -10.80 1.38
C MET A 69 4.36 -11.80 0.27
N LEU A 70 4.66 -11.43 -0.96
CA LEU A 70 4.43 -12.30 -2.12
C LEU A 70 5.17 -13.62 -1.96
N GLN A 71 6.30 -13.58 -1.28
CA GLN A 71 7.10 -14.77 -1.06
C GLN A 71 6.25 -15.91 -0.50
N GLN A 72 6.61 -17.14 -0.83
CA GLN A 72 5.88 -18.31 -0.37
C GLN A 72 5.33 -18.09 1.04
N ARG A 73 4.12 -18.55 1.27
CA ARG A 73 3.47 -18.40 2.58
C ARG A 73 3.68 -19.65 3.44
N ARG A 74 3.13 -19.63 4.64
CA ARG A 74 3.25 -20.75 5.56
C ARG A 74 2.35 -21.90 5.13
N ASN A 75 2.90 -23.10 5.12
CA ASN A 75 2.15 -24.29 4.73
C ASN A 75 0.73 -24.24 5.27
N ASP A 76 -0.25 -24.36 4.37
CA ASP A 76 -1.65 -24.33 4.76
C ASP A 76 -2.35 -25.63 4.40
N PRO A 77 -3.35 -26.02 5.21
CA PRO A 77 -4.12 -27.24 4.99
C PRO A 77 -5.02 -27.16 3.76
N SER A 78 -5.55 -28.29 3.34
CA SER A 78 -6.43 -28.34 2.18
C SER A 78 -7.87 -28.03 2.57
N GLY A 79 -8.35 -26.86 2.17
CA GLY A 79 -9.70 -26.46 2.48
C GLY A 79 -10.65 -26.61 1.31
N PRO A 80 -11.91 -26.96 1.60
CA PRO A 80 -12.93 -27.15 0.57
C PRO A 80 -13.34 -25.84 -0.10
N SER A 81 -13.18 -25.78 -1.42
CA SER A 81 -13.53 -24.58 -2.17
C SER A 81 -13.72 -24.91 -3.65
N SER A 82 -14.61 -24.17 -4.29
CA SER A 82 -14.89 -24.39 -5.72
C SER A 82 -13.60 -24.65 -6.49
N GLY A 83 -12.70 -23.68 -6.46
CA GLY A 83 -11.44 -23.81 -7.17
C GLY A 83 -10.55 -22.59 -7.03
N GLY A 1 -8.79 17.54 -4.57
CA GLY A 1 -8.68 16.38 -5.42
C GLY A 1 -8.10 16.72 -6.78
N SER A 2 -8.57 17.82 -7.36
CA SER A 2 -8.09 18.25 -8.68
C SER A 2 -6.59 18.52 -8.65
N SER A 3 -6.17 19.44 -7.78
CA SER A 3 -4.76 19.79 -7.66
C SER A 3 -4.03 18.79 -6.77
N GLY A 4 -2.72 18.97 -6.66
CA GLY A 4 -1.92 18.06 -5.83
C GLY A 4 -0.64 17.64 -6.53
N SER A 5 -0.76 17.15 -7.76
CA SER A 5 0.40 16.70 -8.52
C SER A 5 1.62 17.56 -8.21
N SER A 6 1.46 18.88 -8.39
CA SER A 6 2.55 19.82 -8.14
C SER A 6 3.13 19.61 -6.74
N GLY A 7 4.45 19.75 -6.62
CA GLY A 7 5.10 19.58 -5.33
C GLY A 7 5.18 18.13 -4.91
N LYS A 8 6.34 17.52 -5.10
CA LYS A 8 6.54 16.13 -4.73
C LYS A 8 7.84 15.95 -3.97
N LYS A 9 7.94 14.86 -3.19
CA LYS A 9 9.13 14.57 -2.41
C LYS A 9 9.41 13.07 -2.38
N ARG A 10 10.65 12.72 -2.09
CA ARG A 10 11.04 11.31 -2.02
C ARG A 10 11.66 10.99 -0.67
N LYS A 11 11.08 11.52 0.39
CA LYS A 11 11.56 11.29 1.75
C LYS A 11 10.40 11.01 2.70
N GLY A 12 10.74 10.62 3.93
CA GLY A 12 9.72 10.33 4.92
C GLY A 12 9.04 9.01 4.69
N ASN A 13 8.38 8.49 5.71
CA ASN A 13 7.68 7.20 5.60
C ASN A 13 6.47 7.16 6.54
N LEU A 14 5.42 6.47 6.11
CA LEU A 14 4.21 6.35 6.90
C LEU A 14 4.43 5.47 8.12
N PRO A 15 3.72 5.77 9.21
CA PRO A 15 3.82 5.01 10.46
C PRO A 15 3.22 3.61 10.34
N ALA A 16 3.83 2.66 11.04
CA ALA A 16 3.36 1.28 11.01
C ALA A 16 1.85 1.21 11.20
N GLU A 17 1.38 1.68 12.35
CA GLU A 17 -0.05 1.67 12.64
C GLU A 17 -0.87 1.95 11.39
N SER A 18 -0.52 3.03 10.68
CA SER A 18 -1.23 3.41 9.47
C SER A 18 -0.97 2.40 8.36
N VAL A 19 0.29 2.08 8.14
CA VAL A 19 0.68 1.12 7.11
C VAL A 19 -0.20 -0.12 7.16
N LYS A 20 -0.38 -0.65 8.36
CA LYS A 20 -1.20 -1.86 8.55
C LYS A 20 -2.45 -1.80 7.67
N ILE A 21 -3.09 -0.64 7.63
CA ILE A 21 -4.29 -0.46 6.83
C ILE A 21 -4.01 -0.67 5.34
N LEU A 22 -2.89 -0.10 4.87
CA LEU A 22 -2.50 -0.23 3.47
C LEU A 22 -2.02 -1.64 3.17
N ARG A 23 -0.99 -2.08 3.90
CA ARG A 23 -0.43 -3.41 3.71
C ARG A 23 -1.53 -4.46 3.63
N ASP A 24 -2.38 -4.49 4.66
CA ASP A 24 -3.48 -5.45 4.72
C ASP A 24 -4.13 -5.60 3.35
N TRP A 25 -4.34 -4.48 2.66
CA TRP A 25 -4.95 -4.49 1.34
C TRP A 25 -3.95 -4.91 0.28
N MET A 26 -2.73 -4.39 0.38
CA MET A 26 -1.67 -4.71 -0.58
C MET A 26 -1.43 -6.21 -0.63
N TYR A 27 -1.85 -6.92 0.41
CA TYR A 27 -1.67 -8.36 0.48
C TYR A 27 -2.71 -9.08 -0.38
N LYS A 28 -3.97 -8.74 -0.18
CA LYS A 28 -5.06 -9.35 -0.95
C LYS A 28 -4.92 -9.04 -2.43
N HIS A 29 -4.66 -7.77 -2.74
CA HIS A 29 -4.49 -7.34 -4.13
C HIS A 29 -3.03 -7.40 -4.56
N ARG A 30 -2.18 -7.89 -3.65
CA ARG A 30 -0.75 -8.00 -3.93
C ARG A 30 -0.50 -8.39 -5.38
N PHE A 31 -1.44 -9.15 -5.95
CA PHE A 31 -1.33 -9.60 -7.34
C PHE A 31 -0.86 -8.45 -8.24
N LYS A 32 -1.47 -7.29 -8.06
CA LYS A 32 -1.11 -6.12 -8.85
C LYS A 32 -0.45 -5.04 -7.98
N ALA A 33 -0.78 -5.05 -6.69
CA ALA A 33 -0.22 -4.09 -5.76
C ALA A 33 -0.39 -2.65 -6.28
N TYR A 34 -1.41 -2.44 -7.08
CA TYR A 34 -1.69 -1.13 -7.64
C TYR A 34 -3.15 -0.74 -7.46
N PRO A 35 -3.45 -0.07 -6.35
CA PRO A 35 -4.81 0.37 -6.02
C PRO A 35 -5.29 1.48 -6.94
N SER A 36 -6.60 1.73 -6.94
CA SER A 36 -7.20 2.77 -7.78
C SER A 36 -7.52 4.01 -6.96
N GLU A 37 -7.48 5.17 -7.60
CA GLU A 37 -7.78 6.42 -6.93
C GLU A 37 -8.88 6.25 -5.90
N GLU A 38 -9.79 5.31 -6.17
CA GLU A 38 -10.90 5.03 -5.25
C GLU A 38 -10.42 4.24 -4.04
N GLU A 39 -9.67 3.17 -4.29
CA GLU A 39 -9.16 2.32 -3.22
C GLU A 39 -8.32 3.14 -2.24
N LYS A 40 -7.32 3.83 -2.77
CA LYS A 40 -6.43 4.65 -1.95
C LYS A 40 -7.23 5.58 -1.05
N GLN A 41 -8.00 6.48 -1.67
CA GLN A 41 -8.82 7.43 -0.92
C GLN A 41 -9.52 6.74 0.25
N MET A 42 -10.12 5.58 -0.02
CA MET A 42 -10.82 4.82 1.01
C MET A 42 -9.91 4.54 2.19
N LEU A 43 -8.66 4.18 1.90
CA LEU A 43 -7.68 3.88 2.93
C LEU A 43 -7.18 5.16 3.60
N SER A 44 -7.01 6.21 2.80
CA SER A 44 -6.53 7.49 3.32
C SER A 44 -7.36 7.93 4.52
N GLU A 45 -8.62 7.51 4.54
CA GLU A 45 -9.52 7.88 5.63
C GLU A 45 -9.18 7.09 6.90
N LYS A 46 -8.76 5.85 6.72
CA LYS A 46 -8.41 4.98 7.84
C LYS A 46 -6.99 5.28 8.31
N THR A 47 -6.11 5.65 7.38
CA THR A 47 -4.73 5.95 7.70
C THR A 47 -4.54 7.45 7.96
N ASN A 48 -5.55 8.23 7.62
CA ASN A 48 -5.50 9.68 7.83
C ASN A 48 -4.37 10.30 7.02
N LEU A 49 -4.07 9.68 5.88
CA LEU A 49 -3.00 10.18 5.00
C LEU A 49 -3.58 10.91 3.80
N SER A 50 -2.71 11.34 2.89
CA SER A 50 -3.13 12.05 1.69
C SER A 50 -3.04 11.15 0.47
N LEU A 51 -4.09 11.17 -0.34
CA LEU A 51 -4.14 10.35 -1.55
C LEU A 51 -2.76 10.26 -2.20
N LEU A 52 -2.01 11.35 -2.17
CA LEU A 52 -0.68 11.39 -2.75
C LEU A 52 0.26 10.46 -1.99
N GLN A 53 0.35 10.65 -0.68
CA GLN A 53 1.21 9.83 0.15
C GLN A 53 0.85 8.35 0.03
N ILE A 54 -0.43 8.09 -0.20
CA ILE A 54 -0.91 6.71 -0.35
C ILE A 54 -0.32 6.05 -1.58
N SER A 55 -0.63 6.60 -2.76
CA SER A 55 -0.13 6.07 -4.01
C SER A 55 1.39 5.92 -3.98
N ASN A 56 2.07 7.00 -3.65
CA ASN A 56 3.52 7.00 -3.58
C ASN A 56 4.03 5.82 -2.74
N TRP A 57 3.57 5.76 -1.50
CA TRP A 57 3.98 4.70 -0.59
C TRP A 57 3.94 3.35 -1.30
N PHE A 58 2.81 3.04 -1.92
CA PHE A 58 2.65 1.77 -2.63
C PHE A 58 3.82 1.54 -3.59
N ILE A 59 4.25 2.60 -4.27
CA ILE A 59 5.35 2.51 -5.20
C ILE A 59 6.54 1.78 -4.60
N ASN A 60 7.23 2.43 -3.66
CA ASN A 60 8.37 1.84 -3.00
C ASN A 60 7.97 0.61 -2.20
N ALA A 61 6.82 0.70 -1.53
CA ALA A 61 6.32 -0.41 -0.73
C ALA A 61 6.02 -1.62 -1.60
N ARG A 62 5.77 -1.38 -2.89
CA ARG A 62 5.46 -2.45 -3.82
C ARG A 62 6.74 -3.17 -4.26
N ARG A 63 7.88 -2.55 -4.00
CA ARG A 63 9.17 -3.12 -4.38
C ARG A 63 9.90 -3.65 -3.15
N ARG A 64 9.32 -3.44 -1.98
CA ARG A 64 9.92 -3.90 -0.74
C ARG A 64 8.94 -4.76 0.06
N ILE A 65 7.69 -4.31 0.12
CA ILE A 65 6.65 -5.03 0.85
C ILE A 65 6.08 -6.16 0.01
N LEU A 66 5.47 -5.81 -1.12
CA LEU A 66 4.88 -6.79 -2.02
C LEU A 66 5.79 -8.00 -2.18
N PRO A 67 7.07 -7.74 -2.49
CA PRO A 67 8.07 -8.80 -2.66
C PRO A 67 8.43 -9.50 -1.35
N ASP A 68 8.13 -8.83 -0.24
CA ASP A 68 8.41 -9.38 1.08
C ASP A 68 7.27 -10.27 1.55
N MET A 69 6.05 -9.90 1.19
CA MET A 69 4.88 -10.66 1.58
C MET A 69 4.80 -11.99 0.83
N LEU A 70 5.08 -11.93 -0.46
CA LEU A 70 5.06 -13.14 -1.30
C LEU A 70 5.82 -14.28 -0.64
N GLN A 71 7.07 -14.01 -0.26
CA GLN A 71 7.91 -15.01 0.38
C GLN A 71 8.12 -16.21 -0.54
N GLN A 72 8.39 -15.94 -1.82
CA GLN A 72 8.61 -16.99 -2.79
C GLN A 72 9.52 -18.07 -2.22
N ARG A 73 9.45 -19.27 -2.81
CA ARG A 73 10.27 -20.39 -2.36
C ARG A 73 11.63 -19.90 -1.88
N ARG A 74 12.15 -18.85 -2.52
CA ARG A 74 13.44 -18.30 -2.16
C ARG A 74 13.69 -18.41 -0.66
N ASN A 75 14.93 -18.71 -0.28
CA ASN A 75 15.29 -18.84 1.12
C ASN A 75 14.50 -17.86 1.98
N ASP A 76 13.51 -18.37 2.70
CA ASP A 76 12.68 -17.53 3.57
C ASP A 76 12.88 -17.91 5.03
N PRO A 77 12.84 -16.90 5.91
CA PRO A 77 13.01 -17.10 7.35
C PRO A 77 11.83 -17.82 7.98
N SER A 78 11.92 -18.05 9.29
CA SER A 78 10.85 -18.74 10.01
C SER A 78 9.61 -17.87 10.11
N GLY A 79 8.44 -18.48 9.90
CA GLY A 79 7.19 -17.75 9.98
C GLY A 79 6.00 -18.59 9.59
N PRO A 80 4.80 -18.18 10.05
CA PRO A 80 3.56 -18.90 9.76
C PRO A 80 3.14 -18.78 8.30
N SER A 81 2.27 -19.68 7.86
CA SER A 81 1.80 -19.67 6.48
C SER A 81 0.49 -20.46 6.35
N SER A 82 -0.26 -20.18 5.28
CA SER A 82 -1.52 -20.85 5.05
C SER A 82 -2.07 -20.51 3.66
N GLY A 83 -2.97 -21.35 3.17
CA GLY A 83 -3.55 -21.13 1.86
C GLY A 83 -4.01 -22.41 1.19
N GLY A 1 -8.37 10.77 19.82
CA GLY A 1 -9.32 10.24 18.86
C GLY A 1 -9.82 11.31 17.91
N SER A 2 -8.89 12.05 17.31
CA SER A 2 -9.23 13.11 16.37
C SER A 2 -8.47 12.95 15.06
N SER A 3 -8.84 13.74 14.06
CA SER A 3 -8.20 13.69 12.76
C SER A 3 -7.32 14.92 12.53
N GLY A 4 -7.91 16.10 12.75
CA GLY A 4 -7.18 17.34 12.57
C GLY A 4 -6.42 17.37 11.26
N SER A 5 -7.11 17.05 10.16
CA SER A 5 -6.49 17.03 8.84
C SER A 5 -5.97 18.42 8.48
N SER A 6 -4.73 18.48 8.01
CA SER A 6 -4.11 19.74 7.62
C SER A 6 -3.47 19.64 6.24
N GLY A 7 -2.69 18.58 6.04
CA GLY A 7 -2.03 18.37 4.76
C GLY A 7 -0.65 19.00 4.72
N LYS A 8 0.33 18.25 4.25
CA LYS A 8 1.70 18.74 4.15
C LYS A 8 2.42 18.13 2.95
N LYS A 9 3.57 18.69 2.61
CA LYS A 9 4.36 18.20 1.48
C LYS A 9 5.79 17.90 1.90
N ARG A 10 6.13 16.63 1.99
CA ARG A 10 7.47 16.21 2.38
C ARG A 10 7.63 14.70 2.28
N LYS A 11 8.87 14.24 2.19
CA LYS A 11 9.15 12.81 2.08
C LYS A 11 9.21 12.17 3.46
N GLY A 12 8.62 10.99 3.59
CA GLY A 12 8.63 10.28 4.86
C GLY A 12 7.77 9.03 4.82
N ASN A 13 8.26 7.97 5.45
CA ASN A 13 7.53 6.70 5.50
C ASN A 13 6.33 6.79 6.44
N LEU A 14 5.32 5.98 6.17
CA LEU A 14 4.11 5.97 6.98
C LEU A 14 4.31 5.11 8.23
N PRO A 15 3.63 5.48 9.33
CA PRO A 15 3.72 4.76 10.60
C PRO A 15 3.04 3.40 10.53
N ALA A 16 3.68 2.39 11.14
CA ALA A 16 3.13 1.05 11.15
C ALA A 16 1.60 1.06 11.22
N GLU A 17 1.07 1.60 12.31
CA GLU A 17 -0.37 1.68 12.50
C GLU A 17 -1.07 1.95 11.17
N SER A 18 -0.68 3.04 10.51
CA SER A 18 -1.28 3.42 9.24
C SER A 18 -0.95 2.39 8.16
N VAL A 19 0.29 1.90 8.18
CA VAL A 19 0.73 0.91 7.21
C VAL A 19 -0.18 -0.32 7.21
N LYS A 20 -0.36 -0.91 8.39
CA LYS A 20 -1.21 -2.09 8.54
C LYS A 20 -2.45 -1.96 7.68
N ILE A 21 -3.02 -0.77 7.63
CA ILE A 21 -4.23 -0.53 6.83
C ILE A 21 -3.95 -0.72 5.34
N LEU A 22 -2.82 -0.19 4.88
CA LEU A 22 -2.44 -0.30 3.48
C LEU A 22 -1.94 -1.70 3.16
N ARG A 23 -0.93 -2.15 3.90
CA ARG A 23 -0.35 -3.47 3.70
C ARG A 23 -1.45 -4.52 3.55
N ASP A 24 -2.31 -4.61 4.57
CA ASP A 24 -3.41 -5.57 4.55
C ASP A 24 -4.06 -5.64 3.17
N TRP A 25 -4.37 -4.48 2.62
CA TRP A 25 -4.99 -4.40 1.30
C TRP A 25 -3.99 -4.77 0.20
N MET A 26 -2.75 -4.36 0.39
CA MET A 26 -1.70 -4.63 -0.59
C MET A 26 -1.45 -6.14 -0.70
N TYR A 27 -1.75 -6.86 0.38
CA TYR A 27 -1.56 -8.31 0.40
C TYR A 27 -2.61 -9.01 -0.47
N LYS A 28 -3.87 -8.71 -0.20
CA LYS A 28 -4.98 -9.32 -0.95
C LYS A 28 -4.92 -8.91 -2.41
N HIS A 29 -4.50 -7.67 -2.66
CA HIS A 29 -4.40 -7.15 -4.03
C HIS A 29 -2.95 -7.17 -4.51
N ARG A 30 -2.07 -7.70 -3.68
CA ARG A 30 -0.65 -7.78 -4.03
C ARG A 30 -0.47 -8.17 -5.49
N PHE A 31 -1.43 -8.90 -6.03
CA PHE A 31 -1.38 -9.33 -7.41
C PHE A 31 -0.88 -8.21 -8.32
N LYS A 32 -1.54 -7.06 -8.24
CA LYS A 32 -1.17 -5.90 -9.05
C LYS A 32 -0.39 -4.89 -8.21
N ALA A 33 -0.69 -4.84 -6.92
CA ALA A 33 -0.02 -3.91 -6.02
C ALA A 33 -0.27 -2.46 -6.43
N TYR A 34 -1.52 -2.13 -6.71
CA TYR A 34 -1.89 -0.79 -7.13
C TYR A 34 -3.39 -0.55 -6.94
N PRO A 35 -3.72 0.23 -5.89
CA PRO A 35 -5.11 0.56 -5.57
C PRO A 35 -5.75 1.50 -6.59
N SER A 36 -7.07 1.62 -6.54
CA SER A 36 -7.78 2.49 -7.46
C SER A 36 -8.13 3.82 -6.81
N GLU A 37 -8.24 4.87 -7.62
CA GLU A 37 -8.57 6.19 -7.12
C GLU A 37 -9.57 6.11 -5.97
N GLU A 38 -10.40 5.07 -6.00
CA GLU A 38 -11.41 4.88 -4.97
C GLU A 38 -10.82 4.18 -3.75
N GLU A 39 -10.06 3.12 -4.00
CA GLU A 39 -9.44 2.37 -2.92
C GLU A 39 -8.58 3.27 -2.04
N LYS A 40 -7.70 4.05 -2.67
CA LYS A 40 -6.83 4.97 -1.94
C LYS A 40 -7.64 5.89 -1.04
N GLN A 41 -8.45 6.76 -1.66
CA GLN A 41 -9.27 7.69 -0.91
C GLN A 41 -9.91 7.01 0.30
N MET A 42 -10.31 5.76 0.12
CA MET A 42 -10.94 5.00 1.20
C MET A 42 -9.96 4.77 2.34
N LEU A 43 -8.77 4.27 2.01
CA LEU A 43 -7.74 4.01 3.00
C LEU A 43 -7.28 5.30 3.67
N SER A 44 -7.06 6.34 2.87
CA SER A 44 -6.62 7.63 3.38
C SER A 44 -7.45 8.04 4.58
N GLU A 45 -8.65 7.48 4.70
CA GLU A 45 -9.55 7.78 5.81
C GLU A 45 -9.11 7.06 7.08
N LYS A 46 -8.71 5.81 6.93
CA LYS A 46 -8.26 5.00 8.07
C LYS A 46 -6.83 5.36 8.46
N THR A 47 -6.04 5.79 7.47
CA THR A 47 -4.66 6.16 7.71
C THR A 47 -4.52 7.66 7.94
N ASN A 48 -5.42 8.42 7.33
CA ASN A 48 -5.39 9.89 7.46
C ASN A 48 -4.24 10.49 6.66
N LEU A 49 -3.96 9.88 5.51
CA LEU A 49 -2.88 10.35 4.65
C LEU A 49 -3.44 11.06 3.41
N SER A 50 -2.56 11.44 2.51
CA SER A 50 -2.96 12.12 1.28
C SER A 50 -2.82 11.19 0.07
N LEU A 51 -3.84 11.18 -0.78
CA LEU A 51 -3.83 10.34 -1.97
C LEU A 51 -2.43 10.26 -2.58
N LEU A 52 -1.71 11.38 -2.53
CA LEU A 52 -0.35 11.44 -3.07
C LEU A 52 0.58 10.53 -2.28
N GLN A 53 0.49 10.60 -0.95
CA GLN A 53 1.33 9.79 -0.09
C GLN A 53 0.96 8.31 -0.20
N ILE A 54 -0.33 8.04 -0.41
CA ILE A 54 -0.81 6.68 -0.54
C ILE A 54 -0.14 5.95 -1.70
N SER A 55 -0.45 6.39 -2.91
CA SER A 55 0.13 5.78 -4.11
C SER A 55 1.65 5.82 -4.06
N ASN A 56 2.19 6.96 -3.65
CA ASN A 56 3.63 7.14 -3.56
C ASN A 56 4.26 6.06 -2.69
N TRP A 57 3.60 5.75 -1.58
CA TRP A 57 4.09 4.72 -0.67
C TRP A 57 4.05 3.35 -1.31
N PHE A 58 2.96 3.06 -2.01
CA PHE A 58 2.79 1.77 -2.68
C PHE A 58 3.99 1.48 -3.59
N ILE A 59 4.51 2.52 -4.23
CA ILE A 59 5.64 2.38 -5.13
C ILE A 59 6.84 1.79 -4.40
N ASN A 60 7.35 2.51 -3.41
CA ASN A 60 8.49 2.04 -2.64
C ASN A 60 8.14 0.80 -1.82
N ALA A 61 6.87 0.69 -1.45
CA ALA A 61 6.41 -0.45 -0.68
C ALA A 61 6.19 -1.67 -1.56
N ARG A 62 5.95 -1.41 -2.84
CA ARG A 62 5.72 -2.50 -3.81
C ARG A 62 7.03 -3.16 -4.20
N ARG A 63 8.15 -2.52 -3.85
CA ARG A 63 9.47 -3.05 -4.17
C ARG A 63 10.14 -3.61 -2.93
N ARG A 64 9.50 -3.44 -1.77
CA ARG A 64 10.03 -3.93 -0.52
C ARG A 64 9.02 -4.82 0.20
N ILE A 65 7.77 -4.39 0.23
CA ILE A 65 6.72 -5.14 0.89
C ILE A 65 6.15 -6.21 -0.05
N LEU A 66 5.50 -5.77 -1.12
CA LEU A 66 4.92 -6.69 -2.09
C LEU A 66 5.77 -7.96 -2.22
N PRO A 67 7.06 -7.78 -2.51
CA PRO A 67 8.00 -8.89 -2.66
C PRO A 67 8.29 -9.59 -1.33
N ASP A 68 8.23 -8.84 -0.25
CA ASP A 68 8.48 -9.39 1.09
C ASP A 68 7.33 -10.27 1.53
N MET A 69 6.13 -9.95 1.06
CA MET A 69 4.94 -10.73 1.42
C MET A 69 4.72 -11.87 0.44
N LEU A 70 5.07 -11.64 -0.83
CA LEU A 70 4.92 -12.65 -1.86
C LEU A 70 5.54 -13.97 -1.43
N GLN A 71 6.59 -13.89 -0.61
CA GLN A 71 7.28 -15.08 -0.13
C GLN A 71 6.29 -16.06 0.50
N GLN A 72 6.77 -17.25 0.82
CA GLN A 72 5.93 -18.29 1.43
C GLN A 72 5.68 -17.98 2.90
N ARG A 73 5.28 -16.75 3.18
CA ARG A 73 5.01 -16.32 4.56
C ARG A 73 3.71 -16.95 5.07
N ARG A 74 2.63 -16.77 4.31
CA ARG A 74 1.33 -17.31 4.69
C ARG A 74 0.81 -18.24 3.60
N ASN A 75 -0.02 -19.20 4.01
CA ASN A 75 -0.60 -20.15 3.07
C ASN A 75 -1.14 -19.43 1.83
N ASP A 76 -0.78 -19.94 0.66
CA ASP A 76 -1.22 -19.36 -0.60
C ASP A 76 -2.21 -20.27 -1.31
N PRO A 77 -3.16 -19.67 -2.04
CA PRO A 77 -4.18 -20.41 -2.78
C PRO A 77 -3.60 -21.18 -3.96
N SER A 78 -3.67 -22.50 -3.90
CA SER A 78 -3.15 -23.35 -4.96
C SER A 78 -4.12 -23.41 -6.13
N GLY A 79 -3.58 -23.59 -7.33
CA GLY A 79 -4.43 -23.66 -8.52
C GLY A 79 -3.66 -23.34 -9.78
N PRO A 80 -4.39 -22.98 -10.85
CA PRO A 80 -3.80 -22.64 -12.14
C PRO A 80 -3.04 -21.32 -12.10
N SER A 81 -1.88 -21.30 -12.74
CA SER A 81 -1.03 -20.10 -12.77
C SER A 81 -0.88 -19.59 -14.20
N SER A 82 -0.55 -18.31 -14.33
CA SER A 82 -0.37 -17.70 -15.65
C SER A 82 0.35 -16.36 -15.53
N GLY A 83 0.73 -15.80 -16.67
CA GLY A 83 1.42 -14.52 -16.67
C GLY A 83 1.44 -13.87 -18.04
N GLY A 1 -15.98 22.73 1.88
CA GLY A 1 -14.94 21.75 2.16
C GLY A 1 -13.60 22.39 2.47
N SER A 2 -12.57 21.57 2.61
CA SER A 2 -11.23 22.06 2.91
C SER A 2 -10.17 21.09 2.40
N SER A 3 -9.08 21.65 1.88
CA SER A 3 -7.99 20.83 1.35
C SER A 3 -6.64 21.36 1.83
N GLY A 4 -5.58 20.63 1.49
CA GLY A 4 -4.24 21.04 1.90
C GLY A 4 -3.24 19.91 1.85
N SER A 5 -2.20 20.07 1.06
CA SER A 5 -1.17 19.04 0.93
C SER A 5 0.22 19.68 0.84
N SER A 6 1.07 19.34 1.80
CA SER A 6 2.43 19.87 1.84
C SER A 6 3.43 18.79 2.25
N GLY A 7 4.65 18.88 1.71
CA GLY A 7 5.67 17.90 2.03
C GLY A 7 6.87 18.00 1.11
N LYS A 8 7.90 17.20 1.40
CA LYS A 8 9.11 17.20 0.58
C LYS A 8 9.19 15.94 -0.27
N LYS A 9 10.12 15.94 -1.23
CA LYS A 9 10.30 14.81 -2.12
C LYS A 9 10.15 13.49 -1.35
N ARG A 10 10.84 13.39 -0.23
CA ARG A 10 10.79 12.19 0.60
C ARG A 10 10.95 12.53 2.07
N LYS A 11 10.01 12.06 2.89
CA LYS A 11 10.05 12.32 4.32
C LYS A 11 9.74 11.05 5.11
N GLY A 12 10.80 10.40 5.61
CA GLY A 12 10.62 9.18 6.38
C GLY A 12 9.63 8.24 5.74
N ASN A 13 8.78 7.62 6.56
CA ASN A 13 7.78 6.68 6.07
C ASN A 13 6.53 6.71 6.95
N LEU A 14 5.43 6.21 6.40
CA LEU A 14 4.16 6.18 7.13
C LEU A 14 4.28 5.31 8.38
N PRO A 15 3.53 5.68 9.43
CA PRO A 15 3.53 4.95 10.70
C PRO A 15 2.88 3.57 10.58
N ALA A 16 3.53 2.56 11.15
CA ALA A 16 3.01 1.20 11.11
C ALA A 16 1.49 1.19 11.24
N GLU A 17 1.00 1.70 12.36
CA GLU A 17 -0.44 1.74 12.61
C GLU A 17 -1.20 2.09 11.34
N SER A 18 -0.67 3.05 10.58
CA SER A 18 -1.30 3.47 9.35
C SER A 18 -0.99 2.51 8.21
N VAL A 19 0.28 2.12 8.11
CA VAL A 19 0.72 1.20 7.06
C VAL A 19 -0.13 -0.06 7.05
N LYS A 20 -0.31 -0.67 8.22
CA LYS A 20 -1.11 -1.89 8.34
C LYS A 20 -2.35 -1.80 7.47
N ILE A 21 -3.01 -0.65 7.47
CA ILE A 21 -4.21 -0.44 6.68
C ILE A 21 -3.93 -0.65 5.19
N LEU A 22 -2.84 -0.05 4.71
CA LEU A 22 -2.45 -0.17 3.31
C LEU A 22 -1.95 -1.58 3.00
N ARG A 23 -1.00 -2.05 3.80
CA ARG A 23 -0.44 -3.39 3.61
C ARG A 23 -1.54 -4.44 3.52
N ASP A 24 -2.30 -4.58 4.61
CA ASP A 24 -3.40 -5.54 4.67
C ASP A 24 -4.11 -5.61 3.32
N TRP A 25 -4.27 -4.47 2.67
CA TRP A 25 -4.95 -4.41 1.38
C TRP A 25 -4.01 -4.85 0.25
N MET A 26 -2.80 -4.31 0.26
CA MET A 26 -1.81 -4.66 -0.77
C MET A 26 -1.57 -6.15 -0.81
N TYR A 27 -1.85 -6.83 0.30
CA TYR A 27 -1.67 -8.28 0.39
C TYR A 27 -2.69 -9.00 -0.46
N LYS A 28 -3.96 -8.67 -0.27
CA LYS A 28 -5.05 -9.29 -1.02
C LYS A 28 -4.95 -8.96 -2.51
N HIS A 29 -4.50 -7.74 -2.80
CA HIS A 29 -4.35 -7.30 -4.18
C HIS A 29 -2.90 -7.41 -4.64
N ARG A 30 -2.05 -7.95 -3.77
CA ARG A 30 -0.63 -8.10 -4.08
C ARG A 30 -0.44 -8.47 -5.54
N PHE A 31 -1.31 -9.33 -6.06
CA PHE A 31 -1.23 -9.76 -7.45
C PHE A 31 -0.87 -8.59 -8.36
N LYS A 32 -1.63 -7.51 -8.26
CA LYS A 32 -1.39 -6.32 -9.07
C LYS A 32 -0.61 -5.28 -8.28
N ALA A 33 -0.90 -5.18 -6.99
CA ALA A 33 -0.21 -4.21 -6.13
C ALA A 33 -0.45 -2.78 -6.60
N TYR A 34 -1.72 -2.45 -6.84
CA TYR A 34 -2.08 -1.12 -7.30
C TYR A 34 -3.55 -0.83 -7.02
N PRO A 35 -3.80 0.01 -5.99
CA PRO A 35 -5.16 0.39 -5.59
C PRO A 35 -5.84 1.28 -6.62
N SER A 36 -7.14 1.45 -6.49
CA SER A 36 -7.91 2.28 -7.41
C SER A 36 -8.25 3.63 -6.77
N GLU A 37 -8.40 4.65 -7.60
CA GLU A 37 -8.73 5.98 -7.11
C GLU A 37 -9.67 5.92 -5.91
N GLU A 38 -10.51 4.89 -5.88
CA GLU A 38 -11.46 4.71 -4.79
C GLU A 38 -10.77 4.09 -3.57
N GLU A 39 -10.01 3.02 -3.80
CA GLU A 39 -9.30 2.35 -2.73
C GLU A 39 -8.47 3.34 -1.91
N LYS A 40 -7.61 4.08 -2.61
CA LYS A 40 -6.75 5.06 -1.95
C LYS A 40 -7.58 6.03 -1.11
N GLN A 41 -8.49 6.75 -1.76
CA GLN A 41 -9.34 7.71 -1.07
C GLN A 41 -10.04 7.05 0.12
N MET A 42 -10.23 5.75 0.04
CA MET A 42 -10.88 5.00 1.12
C MET A 42 -9.93 4.77 2.28
N LEU A 43 -8.74 4.25 1.97
CA LEU A 43 -7.74 3.98 3.00
C LEU A 43 -7.28 5.27 3.66
N SER A 44 -7.02 6.29 2.84
CA SER A 44 -6.57 7.58 3.35
C SER A 44 -7.44 8.03 4.53
N GLU A 45 -8.67 7.56 4.55
CA GLU A 45 -9.60 7.92 5.62
C GLU A 45 -9.21 7.24 6.93
N LYS A 46 -8.84 5.97 6.85
CA LYS A 46 -8.44 5.22 8.03
C LYS A 46 -7.03 5.59 8.46
N THR A 47 -6.14 5.75 7.48
CA THR A 47 -4.75 6.11 7.77
C THR A 47 -4.60 7.62 7.96
N ASN A 48 -5.60 8.37 7.51
CA ASN A 48 -5.58 9.83 7.63
C ASN A 48 -4.43 10.43 6.83
N LEU A 49 -4.19 9.86 5.65
CA LEU A 49 -3.12 10.35 4.78
C LEU A 49 -3.69 10.99 3.53
N SER A 50 -2.80 11.40 2.62
CA SER A 50 -3.22 12.04 1.38
C SER A 50 -3.00 11.10 0.19
N LEU A 51 -3.92 11.15 -0.76
CA LEU A 51 -3.83 10.31 -1.95
C LEU A 51 -2.39 10.24 -2.47
N LEU A 52 -1.70 11.37 -2.40
CA LEU A 52 -0.31 11.44 -2.86
C LEU A 52 0.57 10.49 -2.06
N GLN A 53 0.49 10.58 -0.74
CA GLN A 53 1.28 9.72 0.13
C GLN A 53 0.86 8.26 -0.02
N ILE A 54 -0.43 8.03 -0.18
CA ILE A 54 -0.96 6.67 -0.34
C ILE A 54 -0.23 5.94 -1.46
N SER A 55 -0.46 6.38 -2.69
CA SER A 55 0.16 5.77 -3.86
C SER A 55 1.69 5.83 -3.75
N ASN A 56 2.20 6.96 -3.28
CA ASN A 56 3.64 7.15 -3.13
C ASN A 56 4.25 6.01 -2.32
N TRP A 57 3.52 5.57 -1.30
CA TRP A 57 3.99 4.49 -0.44
C TRP A 57 3.95 3.15 -1.16
N PHE A 58 2.97 2.98 -2.04
CA PHE A 58 2.83 1.75 -2.81
C PHE A 58 4.01 1.54 -3.73
N ILE A 59 4.65 2.63 -4.13
CA ILE A 59 5.82 2.56 -5.01
C ILE A 59 6.99 1.87 -4.31
N ASN A 60 7.49 2.49 -3.25
CA ASN A 60 8.61 1.94 -2.50
C ASN A 60 8.22 0.62 -1.83
N ALA A 61 6.96 0.52 -1.43
CA ALA A 61 6.45 -0.69 -0.79
C ALA A 61 6.43 -1.87 -1.76
N ARG A 62 5.71 -1.70 -2.87
CA ARG A 62 5.61 -2.74 -3.87
C ARG A 62 6.99 -3.15 -4.39
N ARG A 63 8.01 -2.37 -4.01
CA ARG A 63 9.37 -2.65 -4.44
C ARG A 63 10.04 -3.64 -3.49
N ARG A 64 9.70 -3.55 -2.21
CA ARG A 64 10.28 -4.44 -1.20
C ARG A 64 9.18 -5.15 -0.42
N ILE A 65 8.16 -4.40 -0.02
CA ILE A 65 7.04 -4.96 0.73
C ILE A 65 6.36 -6.08 -0.04
N LEU A 66 5.88 -5.75 -1.24
CA LEU A 66 5.20 -6.73 -2.08
C LEU A 66 6.02 -8.02 -2.19
N PRO A 67 7.27 -7.88 -2.63
CA PRO A 67 8.19 -9.03 -2.78
C PRO A 67 8.61 -9.60 -1.44
N ASP A 68 8.14 -8.99 -0.35
CA ASP A 68 8.47 -9.45 0.99
C ASP A 68 7.36 -10.32 1.55
N MET A 69 6.12 -9.95 1.27
CA MET A 69 4.96 -10.70 1.76
C MET A 69 4.81 -12.02 1.00
N LEU A 70 5.13 -12.00 -0.28
CA LEU A 70 5.03 -13.19 -1.11
C LEU A 70 6.05 -14.24 -0.67
N GLN A 71 7.20 -13.77 -0.22
CA GLN A 71 8.26 -14.67 0.24
C GLN A 71 8.63 -15.67 -0.84
N GLN A 72 8.73 -15.19 -2.08
CA GLN A 72 9.08 -16.05 -3.20
C GLN A 72 10.37 -16.81 -2.95
N ARG A 73 10.71 -17.72 -3.84
CA ARG A 73 11.93 -18.52 -3.71
C ARG A 73 13.11 -17.63 -3.29
N ARG A 74 13.45 -17.67 -2.01
CA ARG A 74 14.55 -16.87 -1.48
C ARG A 74 15.14 -17.51 -0.23
N ASN A 75 16.46 -17.41 -0.08
CA ASN A 75 17.14 -17.98 1.07
C ASN A 75 16.94 -17.12 2.31
N ASP A 76 15.86 -17.37 3.04
CA ASP A 76 15.56 -16.61 4.25
C ASP A 76 15.40 -17.54 5.45
N PRO A 77 15.86 -17.07 6.62
CA PRO A 77 15.78 -17.85 7.86
C PRO A 77 14.35 -18.00 8.36
N SER A 78 14.13 -18.97 9.25
CA SER A 78 12.80 -19.22 9.80
C SER A 78 12.63 -18.47 11.12
N GLY A 79 11.39 -18.06 11.39
CA GLY A 79 11.10 -17.33 12.62
C GLY A 79 9.69 -17.58 13.12
N PRO A 80 8.71 -16.97 12.44
CA PRO A 80 7.29 -17.10 12.81
C PRO A 80 6.75 -18.49 12.51
N SER A 81 5.61 -18.82 13.12
CA SER A 81 4.99 -20.13 12.93
C SER A 81 3.54 -20.11 13.38
N SER A 82 2.77 -21.09 12.94
CA SER A 82 1.36 -21.19 13.30
C SER A 82 1.05 -22.56 13.90
N GLY A 83 0.33 -22.56 15.02
CA GLY A 83 -0.03 -23.80 15.67
C GLY A 83 1.06 -24.86 15.54
N GLY A 1 -4.22 23.22 -16.64
CA GLY A 1 -2.95 22.75 -17.19
C GLY A 1 -2.01 22.26 -16.11
N SER A 2 -0.72 22.17 -16.45
CA SER A 2 0.29 21.70 -15.50
C SER A 2 1.68 22.17 -15.91
N SER A 3 2.67 21.85 -15.09
CA SER A 3 4.05 22.24 -15.37
C SER A 3 5.02 21.15 -14.94
N GLY A 4 6.29 21.32 -15.32
CA GLY A 4 7.30 20.34 -14.96
C GLY A 4 8.57 20.98 -14.44
N SER A 5 9.21 20.32 -13.48
CA SER A 5 10.44 20.84 -12.89
C SER A 5 11.34 19.70 -12.43
N SER A 6 12.60 20.01 -12.17
CA SER A 6 13.57 19.01 -11.73
C SER A 6 12.91 18.01 -10.78
N GLY A 7 12.43 18.51 -9.64
CA GLY A 7 11.79 17.64 -8.66
C GLY A 7 10.30 17.89 -8.57
N LYS A 8 9.56 16.87 -8.17
CA LYS A 8 8.11 16.98 -8.02
C LYS A 8 7.71 17.10 -6.56
N LYS A 9 7.85 16.01 -5.82
CA LYS A 9 7.51 15.99 -4.41
C LYS A 9 8.58 15.26 -3.59
N ARG A 10 8.43 15.28 -2.27
CA ARG A 10 9.38 14.64 -1.39
C ARG A 10 8.92 13.21 -1.04
N LYS A 11 9.87 12.37 -0.66
CA LYS A 11 9.57 11.00 -0.30
C LYS A 11 9.37 10.85 1.20
N GLY A 12 8.92 9.67 1.62
CA GLY A 12 8.70 9.42 3.04
C GLY A 12 8.03 8.09 3.30
N ASN A 13 7.97 7.70 4.56
CA ASN A 13 7.35 6.43 4.95
C ASN A 13 6.21 6.66 5.93
N LEU A 14 5.28 5.72 5.98
CA LEU A 14 4.14 5.81 6.89
C LEU A 14 4.36 4.97 8.15
N PRO A 15 3.74 5.39 9.25
CA PRO A 15 3.87 4.69 10.54
C PRO A 15 3.16 3.35 10.53
N ALA A 16 3.80 2.34 11.10
CA ALA A 16 3.23 0.99 11.16
C ALA A 16 1.72 1.05 11.32
N GLU A 17 1.27 1.61 12.44
CA GLU A 17 -0.16 1.72 12.72
C GLU A 17 -0.95 1.98 11.44
N SER A 18 -0.55 3.02 10.71
CA SER A 18 -1.22 3.37 9.47
C SER A 18 -0.95 2.33 8.38
N VAL A 19 0.33 2.00 8.20
CA VAL A 19 0.72 1.02 7.21
C VAL A 19 -0.18 -0.21 7.25
N LYS A 20 -0.35 -0.77 8.44
CA LYS A 20 -1.19 -1.95 8.63
C LYS A 20 -2.45 -1.85 7.77
N ILE A 21 -3.04 -0.66 7.72
CA ILE A 21 -4.25 -0.45 6.94
C ILE A 21 -3.99 -0.68 5.45
N LEU A 22 -2.91 -0.09 4.94
CA LEU A 22 -2.55 -0.25 3.54
C LEU A 22 -2.08 -1.66 3.24
N ARG A 23 -1.07 -2.11 3.98
CA ARG A 23 -0.52 -3.45 3.80
C ARG A 23 -1.64 -4.48 3.71
N ASP A 24 -2.47 -4.53 4.75
CA ASP A 24 -3.58 -5.47 4.78
C ASP A 24 -4.24 -5.60 3.42
N TRP A 25 -4.51 -4.45 2.79
CA TRP A 25 -5.14 -4.44 1.48
C TRP A 25 -4.15 -4.85 0.38
N MET A 26 -2.93 -4.34 0.50
CA MET A 26 -1.89 -4.65 -0.48
C MET A 26 -1.61 -6.14 -0.52
N TYR A 27 -1.93 -6.82 0.57
CA TYR A 27 -1.71 -8.27 0.67
C TYR A 27 -2.68 -9.03 -0.22
N LYS A 28 -3.97 -8.73 -0.08
CA LYS A 28 -5.00 -9.38 -0.87
C LYS A 28 -4.85 -9.04 -2.35
N HIS A 29 -4.61 -7.77 -2.64
CA HIS A 29 -4.45 -7.31 -4.02
C HIS A 29 -2.97 -7.33 -4.42
N ARG A 30 -2.12 -7.80 -3.51
CA ARG A 30 -0.69 -7.88 -3.77
C ARG A 30 -0.42 -8.25 -5.23
N PHE A 31 -1.23 -9.16 -5.76
CA PHE A 31 -1.08 -9.60 -7.14
C PHE A 31 -0.69 -8.44 -8.04
N LYS A 32 -1.42 -7.34 -7.93
CA LYS A 32 -1.15 -6.15 -8.73
C LYS A 32 -0.52 -5.05 -7.89
N ALA A 33 -0.61 -5.19 -6.57
CA ALA A 33 -0.05 -4.20 -5.66
C ALA A 33 -0.23 -2.79 -6.18
N TYR A 34 -1.28 -2.59 -6.96
CA TYR A 34 -1.57 -1.27 -7.53
C TYR A 34 -3.04 -0.92 -7.38
N PRO A 35 -3.37 -0.24 -6.28
CA PRO A 35 -4.75 0.18 -5.98
C PRO A 35 -5.24 1.27 -6.93
N SER A 36 -6.55 1.50 -6.93
CA SER A 36 -7.15 2.51 -7.80
C SER A 36 -7.53 3.75 -7.00
N GLU A 37 -7.51 4.90 -7.66
CA GLU A 37 -7.85 6.16 -7.01
C GLU A 37 -8.93 5.95 -5.95
N GLU A 38 -9.83 5.01 -6.21
CA GLU A 38 -10.92 4.71 -5.28
C GLU A 38 -10.38 4.06 -4.01
N GLU A 39 -9.63 2.98 -4.18
CA GLU A 39 -9.05 2.26 -3.05
C GLU A 39 -8.23 3.20 -2.16
N LYS A 40 -7.19 3.78 -2.75
CA LYS A 40 -6.33 4.71 -2.03
C LYS A 40 -7.15 5.69 -1.21
N GLN A 41 -8.01 6.44 -1.88
CA GLN A 41 -8.85 7.43 -1.20
C GLN A 41 -9.53 6.81 0.02
N MET A 42 -10.16 5.65 -0.17
CA MET A 42 -10.84 4.96 0.92
C MET A 42 -9.90 4.74 2.09
N LEU A 43 -8.74 4.14 1.82
CA LEU A 43 -7.75 3.88 2.86
C LEU A 43 -7.28 5.18 3.52
N SER A 44 -7.13 6.21 2.70
CA SER A 44 -6.68 7.51 3.21
C SER A 44 -7.54 7.97 4.38
N GLU A 45 -8.74 7.41 4.46
CA GLU A 45 -9.67 7.77 5.54
C GLU A 45 -9.25 7.10 6.86
N LYS A 46 -8.80 5.85 6.76
CA LYS A 46 -8.37 5.11 7.94
C LYS A 46 -6.96 5.52 8.36
N THR A 47 -6.09 5.73 7.37
CA THR A 47 -4.72 6.13 7.64
C THR A 47 -4.60 7.64 7.82
N ASN A 48 -5.67 8.35 7.49
CA ASN A 48 -5.69 9.80 7.61
C ASN A 48 -4.54 10.44 6.83
N LEU A 49 -4.15 9.79 5.73
CA LEU A 49 -3.07 10.28 4.90
C LEU A 49 -3.61 11.00 3.67
N SER A 50 -2.70 11.45 2.80
CA SER A 50 -3.09 12.15 1.59
C SER A 50 -2.94 11.24 0.36
N LEU A 51 -3.96 11.24 -0.49
CA LEU A 51 -3.95 10.42 -1.69
C LEU A 51 -2.57 10.40 -2.32
N LEU A 52 -1.83 11.49 -2.17
CA LEU A 52 -0.48 11.60 -2.72
C LEU A 52 0.48 10.67 -1.98
N GLN A 53 0.40 10.69 -0.65
CA GLN A 53 1.27 9.85 0.16
C GLN A 53 0.91 8.38 0.01
N ILE A 54 -0.38 8.10 -0.20
CA ILE A 54 -0.84 6.73 -0.38
C ILE A 54 -0.13 6.04 -1.54
N SER A 55 -0.40 6.51 -2.75
CA SER A 55 0.22 5.95 -3.94
C SER A 55 1.73 5.90 -3.79
N ASN A 56 2.32 6.99 -3.33
CA ASN A 56 3.76 7.08 -3.15
C ASN A 56 4.28 5.88 -2.35
N TRP A 57 3.66 5.62 -1.21
CA TRP A 57 4.05 4.51 -0.35
C TRP A 57 3.91 3.18 -1.09
N PHE A 58 2.79 3.02 -1.79
CA PHE A 58 2.53 1.79 -2.55
C PHE A 58 3.64 1.54 -3.58
N ILE A 59 4.06 2.60 -4.25
CA ILE A 59 5.11 2.50 -5.26
C ILE A 59 6.33 1.79 -4.70
N ASN A 60 7.05 2.47 -3.81
CA ASN A 60 8.24 1.91 -3.19
C ASN A 60 7.91 0.65 -2.39
N ALA A 61 6.86 0.74 -1.58
CA ALA A 61 6.44 -0.39 -0.76
C ALA A 61 6.06 -1.58 -1.63
N ARG A 62 5.77 -1.32 -2.90
CA ARG A 62 5.39 -2.38 -3.82
C ARG A 62 6.63 -3.11 -4.34
N ARG A 63 7.79 -2.48 -4.18
CA ARG A 63 9.05 -3.08 -4.62
C ARG A 63 9.85 -3.61 -3.44
N ARG A 64 9.32 -3.42 -2.24
CA ARG A 64 9.99 -3.88 -1.03
C ARG A 64 9.05 -4.74 -0.19
N ILE A 65 7.80 -4.32 -0.07
CA ILE A 65 6.81 -5.06 0.70
C ILE A 65 6.19 -6.18 -0.13
N LEU A 66 5.43 -5.80 -1.15
CA LEU A 66 4.78 -6.78 -2.02
C LEU A 66 5.66 -8.02 -2.20
N PRO A 67 6.91 -7.80 -2.63
CA PRO A 67 7.87 -8.89 -2.84
C PRO A 67 8.32 -9.52 -1.53
N ASP A 68 8.31 -8.74 -0.47
CA ASP A 68 8.72 -9.22 0.85
C ASP A 68 7.62 -10.06 1.48
N MET A 69 6.38 -9.83 1.07
CA MET A 69 5.24 -10.56 1.60
C MET A 69 4.98 -11.82 0.79
N LEU A 70 5.03 -11.69 -0.54
CA LEU A 70 4.81 -12.83 -1.43
C LEU A 70 5.60 -14.05 -0.97
N GLN A 71 6.81 -13.80 -0.48
CA GLN A 71 7.67 -14.89 0.00
C GLN A 71 6.92 -15.78 0.97
N GLN A 72 6.43 -16.92 0.48
CA GLN A 72 5.69 -17.86 1.30
C GLN A 72 6.64 -18.84 1.98
N ARG A 73 6.44 -19.05 3.29
CA ARG A 73 7.28 -19.96 4.06
C ARG A 73 6.51 -20.54 5.23
N ARG A 74 6.57 -21.87 5.37
CA ARG A 74 5.88 -22.55 6.46
C ARG A 74 6.77 -22.69 7.68
N ASN A 75 6.42 -22.00 8.75
CA ASN A 75 7.19 -22.03 9.98
C ASN A 75 6.34 -21.63 11.18
N ASP A 76 6.29 -22.49 12.19
CA ASP A 76 5.51 -22.22 13.39
C ASP A 76 6.40 -22.19 14.63
N PRO A 77 6.94 -21.01 14.94
CA PRO A 77 7.83 -20.82 16.10
C PRO A 77 7.08 -20.94 17.42
N SER A 78 7.83 -21.00 18.51
CA SER A 78 7.24 -21.12 19.84
C SER A 78 7.06 -19.75 20.48
N GLY A 79 6.06 -19.63 21.35
CA GLY A 79 5.80 -18.37 22.02
C GLY A 79 5.57 -18.53 23.51
N PRO A 80 5.05 -17.48 24.16
CA PRO A 80 4.77 -17.50 25.59
C PRO A 80 3.62 -18.43 25.96
N SER A 81 3.95 -19.60 26.47
CA SER A 81 2.93 -20.58 26.86
C SER A 81 2.22 -20.15 28.13
N SER A 82 2.98 -19.93 29.19
CA SER A 82 2.41 -19.51 30.47
C SER A 82 3.14 -18.29 31.02
N GLY A 83 2.39 -17.21 31.22
CA GLY A 83 2.98 -15.99 31.74
C GLY A 83 2.01 -15.20 32.60
N GLY A 1 -17.70 16.62 -2.26
CA GLY A 1 -16.37 16.71 -1.68
C GLY A 1 -15.91 18.14 -1.53
N SER A 2 -14.90 18.35 -0.69
CA SER A 2 -14.36 19.69 -0.45
C SER A 2 -13.60 20.19 -1.67
N SER A 3 -12.76 19.32 -2.24
CA SER A 3 -11.98 19.69 -3.41
C SER A 3 -11.40 21.10 -3.28
N GLY A 4 -10.86 21.39 -2.10
CA GLY A 4 -10.29 22.71 -1.86
C GLY A 4 -9.53 22.78 -0.54
N SER A 5 -8.26 22.40 -0.58
CA SER A 5 -7.43 22.43 0.62
C SER A 5 -6.00 22.84 0.28
N SER A 6 -5.19 23.04 1.31
CA SER A 6 -3.81 23.46 1.13
C SER A 6 -2.85 22.42 1.70
N GLY A 7 -1.87 22.01 0.90
CA GLY A 7 -0.91 21.02 1.34
C GLY A 7 0.47 21.61 1.54
N LYS A 8 1.18 21.11 2.55
CA LYS A 8 2.52 21.59 2.86
C LYS A 8 3.57 20.56 2.45
N LYS A 9 4.84 20.99 2.47
CA LYS A 9 5.93 20.10 2.10
C LYS A 9 6.15 19.04 3.17
N ARG A 10 6.01 17.77 2.78
CA ARG A 10 6.19 16.66 3.70
C ARG A 10 6.93 15.51 3.03
N LYS A 11 8.05 15.11 3.62
CA LYS A 11 8.86 14.02 3.08
C LYS A 11 9.15 12.98 4.15
N GLY A 12 8.99 11.70 3.79
CA GLY A 12 9.24 10.63 4.74
C GLY A 12 8.32 9.44 4.52
N ASN A 13 8.40 8.46 5.41
CA ASN A 13 7.57 7.26 5.31
C ASN A 13 6.39 7.33 6.27
N LEU A 14 5.37 6.53 6.01
CA LEU A 14 4.18 6.49 6.85
C LEU A 14 4.40 5.58 8.06
N PRO A 15 3.70 5.89 9.16
CA PRO A 15 3.79 5.11 10.40
C PRO A 15 3.16 3.74 10.27
N ALA A 16 3.77 2.74 10.91
CA ALA A 16 3.25 1.38 10.87
C ALA A 16 1.74 1.34 11.09
N GLU A 17 1.32 1.82 12.26
CA GLU A 17 -0.10 1.85 12.60
C GLU A 17 -0.95 2.16 11.36
N SER A 18 -0.49 3.11 10.56
CA SER A 18 -1.21 3.51 9.36
C SER A 18 -0.96 2.52 8.23
N VAL A 19 0.29 2.05 8.13
CA VAL A 19 0.66 1.09 7.09
C VAL A 19 -0.24 -0.14 7.13
N LYS A 20 -0.33 -0.75 8.31
CA LYS A 20 -1.16 -1.94 8.49
C LYS A 20 -2.41 -1.87 7.63
N ILE A 21 -2.98 -0.67 7.52
CA ILE A 21 -4.19 -0.48 6.72
C ILE A 21 -3.91 -0.69 5.24
N LEU A 22 -2.81 -0.10 4.76
CA LEU A 22 -2.43 -0.23 3.36
C LEU A 22 -1.92 -1.63 3.06
N ARG A 23 -1.02 -2.13 3.91
CA ARG A 23 -0.45 -3.46 3.73
C ARG A 23 -1.56 -4.51 3.64
N ASP A 24 -2.33 -4.65 4.72
CA ASP A 24 -3.41 -5.62 4.76
C ASP A 24 -4.11 -5.72 3.41
N TRP A 25 -4.37 -4.56 2.80
CA TRP A 25 -5.04 -4.52 1.49
C TRP A 25 -4.08 -4.91 0.38
N MET A 26 -2.83 -4.49 0.51
CA MET A 26 -1.81 -4.80 -0.49
C MET A 26 -1.62 -6.31 -0.62
N TYR A 27 -1.87 -7.02 0.47
CA TYR A 27 -1.72 -8.48 0.48
C TYR A 27 -2.82 -9.14 -0.35
N LYS A 28 -4.07 -8.81 -0.05
CA LYS A 28 -5.20 -9.37 -0.78
C LYS A 28 -5.13 -9.03 -2.26
N HIS A 29 -4.73 -7.79 -2.55
CA HIS A 29 -4.62 -7.33 -3.94
C HIS A 29 -3.18 -7.43 -4.42
N ARG A 30 -2.30 -7.96 -3.57
CA ARG A 30 -0.89 -8.11 -3.91
C ARG A 30 -0.73 -8.50 -5.37
N PHE A 31 -1.71 -9.24 -5.90
CA PHE A 31 -1.68 -9.69 -7.28
C PHE A 31 -1.13 -8.60 -8.19
N LYS A 32 -1.62 -7.37 -8.02
CA LYS A 32 -1.18 -6.24 -8.82
C LYS A 32 -0.46 -5.21 -7.96
N ALA A 33 -0.75 -5.21 -6.67
CA ALA A 33 -0.13 -4.28 -5.73
C ALA A 33 -0.31 -2.83 -6.19
N TYR A 34 -1.55 -2.47 -6.49
CA TYR A 34 -1.86 -1.11 -6.94
C TYR A 34 -3.34 -0.80 -6.74
N PRO A 35 -3.63 0.02 -5.72
CA PRO A 35 -5.01 0.42 -5.40
C PRO A 35 -5.60 1.35 -6.45
N SER A 36 -6.93 1.40 -6.52
CA SER A 36 -7.61 2.25 -7.48
C SER A 36 -8.01 3.59 -6.84
N GLU A 37 -8.12 4.61 -7.67
CA GLU A 37 -8.48 5.94 -7.19
C GLU A 37 -9.50 5.85 -6.05
N GLU A 38 -10.33 4.81 -6.09
CA GLU A 38 -11.34 4.61 -5.06
C GLU A 38 -10.73 3.99 -3.81
N GLU A 39 -9.93 2.93 -3.99
CA GLU A 39 -9.29 2.25 -2.88
C GLU A 39 -8.51 3.25 -2.02
N LYS A 40 -7.65 4.02 -2.65
CA LYS A 40 -6.84 5.02 -1.94
C LYS A 40 -7.74 5.97 -1.15
N GLN A 41 -8.57 6.72 -1.85
CA GLN A 41 -9.47 7.67 -1.21
C GLN A 41 -10.13 7.04 0.02
N MET A 42 -10.19 5.72 0.04
CA MET A 42 -10.80 4.99 1.15
C MET A 42 -9.78 4.73 2.25
N LEU A 43 -8.62 4.21 1.87
CA LEU A 43 -7.55 3.91 2.82
C LEU A 43 -7.07 5.18 3.51
N SER A 44 -6.98 6.26 2.75
CA SER A 44 -6.53 7.54 3.29
C SER A 44 -7.37 7.96 4.47
N GLU A 45 -8.60 7.45 4.52
CA GLU A 45 -9.52 7.78 5.61
C GLU A 45 -9.13 7.05 6.89
N LYS A 46 -8.73 5.79 6.75
CA LYS A 46 -8.32 4.98 7.90
C LYS A 46 -6.92 5.34 8.35
N THR A 47 -6.03 5.58 7.40
CA THR A 47 -4.65 5.94 7.71
C THR A 47 -4.53 7.43 8.01
N ASN A 48 -5.52 8.21 7.57
CA ASN A 48 -5.52 9.64 7.78
C ASN A 48 -4.46 10.33 6.94
N LEU A 49 -4.13 9.73 5.81
CA LEU A 49 -3.12 10.28 4.91
C LEU A 49 -3.77 10.90 3.68
N SER A 50 -2.95 11.33 2.72
CA SER A 50 -3.44 11.94 1.50
C SER A 50 -3.10 11.08 0.29
N LEU A 51 -4.07 10.95 -0.62
CA LEU A 51 -3.88 10.15 -1.83
C LEU A 51 -2.44 10.26 -2.33
N LEU A 52 -1.91 11.47 -2.33
CA LEU A 52 -0.54 11.71 -2.78
C LEU A 52 0.44 10.85 -2.00
N GLN A 53 0.28 10.81 -0.68
CA GLN A 53 1.15 10.03 0.18
C GLN A 53 0.85 8.54 0.05
N ILE A 54 -0.42 8.22 -0.21
CA ILE A 54 -0.84 6.83 -0.35
C ILE A 54 -0.07 6.14 -1.47
N SER A 55 -0.34 6.54 -2.71
CA SER A 55 0.33 5.95 -3.87
C SER A 55 1.84 5.99 -3.70
N ASN A 56 2.37 7.16 -3.37
CA ASN A 56 3.80 7.34 -3.18
C ASN A 56 4.38 6.19 -2.37
N TRP A 57 3.64 5.73 -1.37
CA TRP A 57 4.08 4.63 -0.53
C TRP A 57 4.10 3.31 -1.31
N PHE A 58 2.99 3.02 -1.97
CA PHE A 58 2.88 1.79 -2.76
C PHE A 58 4.06 1.66 -3.73
N ILE A 59 4.56 2.79 -4.19
CA ILE A 59 5.69 2.80 -5.13
C ILE A 59 6.86 2.00 -4.57
N ASN A 60 7.53 2.57 -3.57
CA ASN A 60 8.67 1.90 -2.95
C ASN A 60 8.24 0.66 -2.18
N ALA A 61 7.10 0.77 -1.49
CA ALA A 61 6.57 -0.34 -0.71
C ALA A 61 6.43 -1.60 -1.57
N ARG A 62 5.82 -1.44 -2.74
CA ARG A 62 5.62 -2.56 -3.65
C ARG A 62 6.95 -3.18 -4.06
N ARG A 63 8.04 -2.51 -3.70
CA ARG A 63 9.38 -2.99 -4.02
C ARG A 63 10.05 -3.61 -2.80
N ARG A 64 9.55 -3.24 -1.61
CA ARG A 64 10.10 -3.76 -0.37
C ARG A 64 9.02 -4.39 0.49
N ILE A 65 7.86 -4.61 -0.11
CA ILE A 65 6.73 -5.21 0.60
C ILE A 65 6.10 -6.32 -0.23
N LEU A 66 5.58 -5.96 -1.40
CA LEU A 66 4.94 -6.93 -2.28
C LEU A 66 5.79 -8.19 -2.42
N PRO A 67 7.07 -8.00 -2.78
CA PRO A 67 8.01 -9.11 -2.94
C PRO A 67 8.37 -9.77 -1.63
N ASP A 68 7.96 -9.15 -0.52
CA ASP A 68 8.24 -9.68 0.81
C ASP A 68 7.07 -10.52 1.31
N MET A 69 5.86 -10.16 0.89
CA MET A 69 4.66 -10.88 1.30
C MET A 69 4.28 -11.94 0.27
N LEU A 70 4.43 -11.59 -1.01
CA LEU A 70 4.11 -12.51 -2.09
C LEU A 70 4.95 -13.77 -2.01
N GLN A 71 6.16 -13.64 -1.47
CA GLN A 71 7.06 -14.77 -1.34
C GLN A 71 6.35 -15.96 -0.68
N GLN A 72 6.79 -17.16 -1.03
CA GLN A 72 6.20 -18.38 -0.48
C GLN A 72 6.17 -18.32 1.04
N ARG A 73 4.98 -18.55 1.60
CA ARG A 73 4.80 -18.53 3.05
C ARG A 73 3.80 -19.59 3.49
N ARG A 74 3.50 -19.60 4.79
CA ARG A 74 2.56 -20.57 5.34
C ARG A 74 1.23 -19.90 5.68
N ASN A 75 0.30 -19.91 4.73
CA ASN A 75 -1.01 -19.31 4.92
C ASN A 75 -1.99 -19.79 3.86
N ASP A 76 -3.27 -19.42 4.03
CA ASP A 76 -4.30 -19.82 3.09
C ASP A 76 -4.68 -18.67 2.17
N PRO A 77 -4.07 -18.65 0.98
CA PRO A 77 -4.32 -17.61 -0.02
C PRO A 77 -5.72 -17.70 -0.62
N SER A 78 -6.53 -16.67 -0.38
CA SER A 78 -7.90 -16.64 -0.88
C SER A 78 -7.95 -16.00 -2.27
N GLY A 79 -8.10 -16.83 -3.29
CA GLY A 79 -8.16 -16.33 -4.65
C GLY A 79 -8.22 -17.44 -5.68
N PRO A 80 -9.26 -17.40 -6.53
CA PRO A 80 -9.46 -18.41 -7.58
C PRO A 80 -8.41 -18.31 -8.69
N SER A 81 -8.08 -17.08 -9.07
CA SER A 81 -7.11 -16.84 -10.13
C SER A 81 -7.64 -17.30 -11.48
N SER A 82 -8.92 -17.05 -11.72
CA SER A 82 -9.56 -17.43 -12.97
C SER A 82 -10.06 -16.20 -13.72
N GLY A 83 -9.66 -16.09 -14.99
CA GLY A 83 -10.09 -14.97 -15.80
C GLY A 83 -8.97 -14.45 -16.69
N GLY A 1 -7.86 15.58 -7.24
CA GLY A 1 -6.41 15.43 -7.29
C GLY A 1 -5.72 16.69 -7.76
N SER A 2 -4.40 16.63 -7.85
CA SER A 2 -3.61 17.78 -8.28
C SER A 2 -2.20 17.34 -8.69
N SER A 3 -1.58 18.15 -9.56
CA SER A 3 -0.24 17.84 -10.04
C SER A 3 0.70 19.02 -9.81
N GLY A 4 1.74 18.79 -9.01
CA GLY A 4 2.70 19.84 -8.71
C GLY A 4 3.51 19.56 -7.47
N SER A 5 4.71 19.01 -7.66
CA SER A 5 5.58 18.68 -6.54
C SER A 5 6.82 19.57 -6.55
N SER A 6 7.59 19.50 -5.45
CA SER A 6 8.80 20.30 -5.33
C SER A 6 10.04 19.46 -5.61
N GLY A 7 10.05 18.24 -5.10
CA GLY A 7 11.17 17.34 -5.30
C GLY A 7 11.11 16.11 -4.43
N LYS A 8 11.51 14.97 -4.99
CA LYS A 8 11.49 13.71 -4.26
C LYS A 8 12.73 13.56 -3.39
N LYS A 9 13.07 14.64 -2.66
CA LYS A 9 14.23 14.63 -1.79
C LYS A 9 13.83 14.30 -0.36
N ARG A 10 12.73 14.89 0.10
CA ARG A 10 12.24 14.67 1.45
C ARG A 10 12.05 13.17 1.71
N LYS A 11 11.52 12.85 2.89
CA LYS A 11 11.30 11.46 3.26
C LYS A 11 9.83 11.07 3.06
N GLY A 12 9.60 9.83 2.63
CA GLY A 12 8.25 9.36 2.39
C GLY A 12 7.99 8.02 3.03
N ASN A 13 7.60 8.03 4.30
CA ASN A 13 7.32 6.80 5.04
C ASN A 13 6.08 6.96 5.92
N LEU A 14 5.34 5.88 6.08
CA LEU A 14 4.13 5.89 6.90
C LEU A 14 4.32 5.07 8.17
N PRO A 15 3.60 5.46 9.23
CA PRO A 15 3.67 4.77 10.53
C PRO A 15 3.04 3.38 10.48
N ALA A 16 3.75 2.40 11.03
CA ALA A 16 3.25 1.03 11.06
C ALA A 16 1.74 0.99 11.19
N GLU A 17 1.24 1.48 12.33
CA GLU A 17 -0.19 1.50 12.58
C GLU A 17 -0.97 1.78 11.30
N SER A 18 -0.62 2.87 10.63
CA SER A 18 -1.30 3.24 9.39
C SER A 18 -0.98 2.25 8.28
N VAL A 19 0.30 1.94 8.12
CA VAL A 19 0.74 1.00 7.09
C VAL A 19 -0.13 -0.26 7.09
N LYS A 20 -0.24 -0.89 8.26
CA LYS A 20 -1.04 -2.10 8.40
C LYS A 20 -2.28 -2.03 7.53
N ILE A 21 -2.92 -0.87 7.51
CA ILE A 21 -4.13 -0.68 6.72
C ILE A 21 -3.84 -0.82 5.23
N LEU A 22 -2.78 -0.17 4.77
CA LEU A 22 -2.40 -0.22 3.37
C LEU A 22 -1.86 -1.60 3.00
N ARG A 23 -0.86 -2.05 3.76
CA ARG A 23 -0.25 -3.35 3.51
C ARG A 23 -1.32 -4.44 3.39
N ASP A 24 -2.09 -4.63 4.46
CA ASP A 24 -3.15 -5.62 4.46
C ASP A 24 -3.87 -5.67 3.12
N TRP A 25 -4.13 -4.49 2.56
CA TRP A 25 -4.82 -4.39 1.27
C TRP A 25 -3.88 -4.71 0.13
N MET A 26 -2.63 -4.27 0.24
CA MET A 26 -1.63 -4.51 -0.79
C MET A 26 -1.43 -6.02 -1.00
N TYR A 27 -1.75 -6.80 0.02
CA TYR A 27 -1.60 -8.25 -0.06
C TYR A 27 -2.65 -8.86 -0.99
N LYS A 28 -3.92 -8.70 -0.62
CA LYS A 28 -5.02 -9.23 -1.42
C LYS A 28 -4.92 -8.75 -2.86
N HIS A 29 -4.46 -7.51 -3.04
CA HIS A 29 -4.32 -6.93 -4.37
C HIS A 29 -2.86 -6.98 -4.83
N ARG A 30 -2.00 -7.57 -4.00
CA ARG A 30 -0.59 -7.67 -4.32
C ARG A 30 -0.38 -8.02 -5.80
N PHE A 31 -1.33 -8.75 -6.36
CA PHE A 31 -1.26 -9.16 -7.76
C PHE A 31 -0.78 -8.01 -8.64
N LYS A 32 -1.34 -6.83 -8.39
CA LYS A 32 -0.97 -5.64 -9.16
C LYS A 32 -0.28 -4.61 -8.28
N ALA A 33 -0.58 -4.65 -6.98
CA ALA A 33 0.02 -3.73 -6.02
C ALA A 33 -0.24 -2.27 -6.43
N TYR A 34 -1.50 -1.97 -6.73
CA TYR A 34 -1.88 -0.62 -7.13
C TYR A 34 -3.38 -0.41 -6.95
N PRO A 35 -3.75 0.34 -5.91
CA PRO A 35 -5.14 0.64 -5.60
C PRO A 35 -5.78 1.59 -6.62
N SER A 36 -7.08 1.80 -6.51
CA SER A 36 -7.80 2.68 -7.42
C SER A 36 -8.17 3.99 -6.73
N GLU A 37 -8.26 5.05 -7.52
CA GLU A 37 -8.60 6.37 -7.00
C GLU A 37 -9.65 6.25 -5.89
N GLU A 38 -10.46 5.20 -5.96
CA GLU A 38 -11.50 4.98 -4.97
C GLU A 38 -10.93 4.33 -3.70
N GLU A 39 -10.15 3.27 -3.89
CA GLU A 39 -9.54 2.57 -2.77
C GLU A 39 -8.68 3.52 -1.94
N LYS A 40 -7.75 4.21 -2.61
CA LYS A 40 -6.87 5.15 -1.94
C LYS A 40 -7.66 6.10 -1.04
N GLN A 41 -8.61 6.80 -1.64
CA GLN A 41 -9.44 7.75 -0.89
C GLN A 41 -10.08 7.07 0.32
N MET A 42 -10.41 5.80 0.18
CA MET A 42 -11.02 5.05 1.27
C MET A 42 -10.02 4.80 2.39
N LEU A 43 -8.87 4.24 2.04
CA LEU A 43 -7.83 3.95 3.02
C LEU A 43 -7.37 5.24 3.72
N SER A 44 -7.13 6.28 2.93
CA SER A 44 -6.69 7.56 3.48
C SER A 44 -7.49 7.93 4.71
N GLU A 45 -8.72 7.42 4.79
CA GLU A 45 -9.59 7.70 5.92
C GLU A 45 -9.12 6.96 7.17
N LYS A 46 -8.71 5.71 6.99
CA LYS A 46 -8.22 4.89 8.09
C LYS A 46 -6.78 5.24 8.45
N THR A 47 -5.98 5.52 7.42
CA THR A 47 -4.58 5.87 7.63
C THR A 47 -4.41 7.36 7.85
N ASN A 48 -5.41 8.14 7.43
CA ASN A 48 -5.38 9.58 7.58
C ASN A 48 -4.23 10.19 6.77
N LEU A 49 -4.00 9.64 5.58
CA LEU A 49 -2.93 10.13 4.71
C LEU A 49 -3.51 10.85 3.50
N SER A 50 -2.63 11.26 2.60
CA SER A 50 -3.05 11.97 1.39
C SER A 50 -2.92 11.07 0.16
N LEU A 51 -3.95 11.07 -0.68
CA LEU A 51 -3.95 10.26 -1.88
C LEU A 51 -2.56 10.17 -2.49
N LEU A 52 -1.86 11.30 -2.50
CA LEU A 52 -0.51 11.35 -3.05
C LEU A 52 0.43 10.42 -2.28
N GLN A 53 0.37 10.49 -0.96
CA GLN A 53 1.22 9.64 -0.11
C GLN A 53 0.85 8.17 -0.28
N ILE A 54 -0.44 7.90 -0.41
CA ILE A 54 -0.92 6.53 -0.58
C ILE A 54 -0.22 5.85 -1.75
N SER A 55 -0.52 6.31 -2.96
CA SER A 55 0.08 5.74 -4.17
C SER A 55 1.60 5.74 -4.07
N ASN A 56 2.16 6.87 -3.65
CA ASN A 56 3.60 7.00 -3.52
C ASN A 56 4.17 5.85 -2.69
N TRP A 57 3.63 5.64 -1.50
CA TRP A 57 4.08 4.58 -0.62
C TRP A 57 4.07 3.23 -1.34
N PHE A 58 2.98 2.97 -2.07
CA PHE A 58 2.85 1.72 -2.80
C PHE A 58 4.03 1.52 -3.76
N ILE A 59 4.53 2.62 -4.30
CA ILE A 59 5.65 2.56 -5.23
C ILE A 59 6.83 1.81 -4.63
N ASN A 60 7.50 2.44 -3.66
CA ASN A 60 8.65 1.83 -3.01
C ASN A 60 8.25 0.55 -2.31
N ALA A 61 7.12 0.59 -1.59
CA ALA A 61 6.62 -0.58 -0.88
C ALA A 61 6.52 -1.79 -1.79
N ARG A 62 6.02 -1.57 -3.00
CA ARG A 62 5.86 -2.64 -3.97
C ARG A 62 7.22 -3.19 -4.41
N ARG A 63 8.29 -2.59 -3.89
CA ARG A 63 9.64 -3.00 -4.21
C ARG A 63 10.25 -3.81 -3.07
N ARG A 64 9.80 -3.54 -1.85
CA ARG A 64 10.30 -4.25 -0.68
C ARG A 64 9.17 -4.87 0.12
N ILE A 65 8.08 -4.11 0.28
CA ILE A 65 6.93 -4.60 1.02
C ILE A 65 6.22 -5.71 0.26
N LEU A 66 5.80 -5.41 -0.96
CA LEU A 66 5.10 -6.39 -1.79
C LEU A 66 5.82 -7.74 -1.77
N PRO A 67 7.13 -7.72 -2.08
CA PRO A 67 7.96 -8.92 -2.10
C PRO A 67 8.21 -9.48 -0.71
N ASP A 68 7.81 -8.71 0.31
CA ASP A 68 7.99 -9.13 1.70
C ASP A 68 6.78 -9.92 2.18
N MET A 69 5.59 -9.41 1.92
CA MET A 69 4.36 -10.06 2.33
C MET A 69 4.07 -11.28 1.46
N LEU A 70 4.44 -11.19 0.18
CA LEU A 70 4.22 -12.28 -0.76
C LEU A 70 4.73 -13.59 -0.19
N GLN A 71 5.93 -13.56 0.38
CA GLN A 71 6.54 -14.76 0.96
C GLN A 71 6.52 -14.68 2.48
N GLN A 72 5.37 -14.33 3.05
CA GLN A 72 5.24 -14.22 4.50
C GLN A 72 4.63 -15.49 5.09
N ARG A 73 4.58 -15.57 6.41
CA ARG A 73 4.02 -16.72 7.09
C ARG A 73 4.81 -17.98 6.76
N ARG A 74 6.13 -17.88 6.81
CA ARG A 74 7.00 -19.02 6.51
C ARG A 74 6.72 -20.18 7.46
N ASN A 75 6.44 -21.35 6.89
CA ASN A 75 6.16 -22.53 7.69
C ASN A 75 5.05 -22.26 8.70
N ASP A 76 4.02 -21.54 8.25
CA ASP A 76 2.89 -21.21 9.12
C ASP A 76 1.76 -22.21 8.94
N PRO A 77 1.12 -22.59 10.05
CA PRO A 77 0.00 -23.54 10.04
C PRO A 77 -1.25 -22.96 9.39
N SER A 78 -2.18 -23.85 9.01
CA SER A 78 -3.41 -23.43 8.38
C SER A 78 -4.09 -22.31 9.18
N GLY A 79 -4.76 -21.40 8.47
CA GLY A 79 -5.43 -20.30 9.13
C GLY A 79 -6.29 -20.76 10.29
N PRO A 80 -6.37 -19.92 11.35
CA PRO A 80 -7.15 -20.23 12.55
C PRO A 80 -8.65 -20.19 12.28
N SER A 81 -9.04 -19.44 11.25
CA SER A 81 -10.46 -19.33 10.89
C SER A 81 -11.13 -20.70 10.89
N SER A 82 -10.59 -21.62 10.10
CA SER A 82 -11.14 -22.96 10.00
C SER A 82 -12.65 -22.92 9.78
N GLY A 83 -13.09 -22.02 8.91
CA GLY A 83 -14.51 -21.88 8.63
C GLY A 83 -14.78 -21.45 7.20
N GLY A 1 -15.25 10.67 1.53
CA GLY A 1 -15.69 11.91 0.91
C GLY A 1 -14.75 13.06 1.18
N SER A 2 -15.21 14.28 0.90
CA SER A 2 -14.40 15.47 1.10
C SER A 2 -14.94 16.31 2.25
N SER A 3 -14.37 16.12 3.44
CA SER A 3 -14.80 16.85 4.63
C SER A 3 -13.62 17.56 5.28
N GLY A 4 -12.60 16.80 5.65
CA GLY A 4 -11.43 17.37 6.28
C GLY A 4 -10.36 17.75 5.27
N SER A 5 -10.19 19.05 5.04
CA SER A 5 -9.20 19.53 4.09
C SER A 5 -7.79 19.17 4.54
N SER A 6 -6.94 18.78 3.59
CA SER A 6 -5.57 18.40 3.89
C SER A 6 -4.97 19.32 4.94
N GLY A 7 -4.82 18.81 6.15
CA GLY A 7 -4.26 19.59 7.23
C GLY A 7 -2.75 19.65 7.18
N LYS A 8 -2.09 19.32 8.29
CA LYS A 8 -0.64 19.33 8.37
C LYS A 8 -0.03 18.58 7.19
N LYS A 9 1.21 18.93 6.85
CA LYS A 9 1.91 18.28 5.74
C LYS A 9 3.37 18.05 6.09
N ARG A 10 3.76 16.78 6.18
CA ARG A 10 5.14 16.42 6.51
C ARG A 10 5.66 15.35 5.56
N LYS A 11 6.98 15.30 5.41
CA LYS A 11 7.60 14.32 4.53
C LYS A 11 8.18 13.17 5.33
N GLY A 12 8.12 11.97 4.75
CA GLY A 12 8.64 10.79 5.43
C GLY A 12 7.72 9.59 5.31
N ASN A 13 8.19 8.44 5.76
CA ASN A 13 7.41 7.21 5.71
C ASN A 13 6.17 7.32 6.60
N LEU A 14 5.24 6.40 6.41
CA LEU A 14 4.00 6.38 7.20
C LEU A 14 4.17 5.53 8.45
N PRO A 15 3.42 5.87 9.50
CA PRO A 15 3.46 5.15 10.78
C PRO A 15 2.84 3.76 10.68
N ALA A 16 3.45 2.79 11.35
CA ALA A 16 2.97 1.41 11.34
C ALA A 16 1.45 1.38 11.44
N GLU A 17 0.91 1.90 12.54
CA GLU A 17 -0.53 1.91 12.75
C GLU A 17 -1.27 2.16 11.44
N SER A 18 -0.80 3.14 10.68
CA SER A 18 -1.41 3.48 9.40
C SER A 18 -1.04 2.45 8.33
N VAL A 19 0.21 2.00 8.36
CA VAL A 19 0.69 1.02 7.39
C VAL A 19 -0.20 -0.22 7.38
N LYS A 20 -0.40 -0.80 8.55
CA LYS A 20 -1.23 -1.99 8.68
C LYS A 20 -2.45 -1.90 7.78
N ILE A 21 -3.09 -0.74 7.76
CA ILE A 21 -4.27 -0.52 6.94
C ILE A 21 -3.96 -0.72 5.46
N LEU A 22 -2.89 -0.08 5.00
CA LEU A 22 -2.48 -0.18 3.60
C LEU A 22 -1.99 -1.60 3.29
N ARG A 23 -0.98 -2.03 4.04
CA ARG A 23 -0.42 -3.36 3.84
C ARG A 23 -1.52 -4.42 3.70
N ASP A 24 -2.35 -4.53 4.72
CA ASP A 24 -3.45 -5.50 4.71
C ASP A 24 -4.06 -5.60 3.32
N TRP A 25 -4.24 -4.46 2.68
CA TRP A 25 -4.82 -4.43 1.33
C TRP A 25 -3.80 -4.88 0.29
N MET A 26 -2.66 -4.22 0.27
CA MET A 26 -1.60 -4.57 -0.68
C MET A 26 -1.34 -6.07 -0.69
N TYR A 27 -1.78 -6.75 0.35
CA TYR A 27 -1.60 -8.19 0.46
C TYR A 27 -2.57 -8.93 -0.45
N LYS A 28 -3.85 -8.57 -0.37
CA LYS A 28 -4.88 -9.20 -1.19
C LYS A 28 -4.67 -8.86 -2.67
N HIS A 29 -4.24 -7.64 -2.94
CA HIS A 29 -4.00 -7.19 -4.31
C HIS A 29 -2.51 -7.22 -4.64
N ARG A 30 -1.71 -7.71 -3.70
CA ARG A 30 -0.27 -7.79 -3.89
C ARG A 30 0.07 -8.15 -5.34
N PHE A 31 -0.83 -8.88 -5.98
CA PHE A 31 -0.63 -9.29 -7.37
C PHE A 31 -0.37 -8.08 -8.26
N LYS A 32 -1.22 -7.06 -8.13
CA LYS A 32 -1.07 -5.84 -8.91
C LYS A 32 -0.48 -4.71 -8.08
N ALA A 33 -0.90 -4.64 -6.82
CA ALA A 33 -0.41 -3.61 -5.91
C ALA A 33 -0.68 -2.22 -6.47
N TYR A 34 -1.83 -2.06 -7.10
CA TYR A 34 -2.21 -0.77 -7.68
C TYR A 34 -3.67 -0.44 -7.36
N PRO A 35 -3.88 0.24 -6.22
CA PRO A 35 -5.22 0.64 -5.77
C PRO A 35 -5.82 1.72 -6.65
N SER A 36 -7.14 1.67 -6.82
CA SER A 36 -7.85 2.65 -7.64
C SER A 36 -8.20 3.89 -6.82
N GLU A 37 -8.34 5.03 -7.50
CA GLU A 37 -8.68 6.28 -6.84
C GLU A 37 -9.59 6.03 -5.64
N GLU A 38 -10.57 5.15 -5.82
CA GLU A 38 -11.51 4.82 -4.76
C GLU A 38 -10.79 4.15 -3.58
N GLU A 39 -10.02 3.12 -3.89
CA GLU A 39 -9.28 2.39 -2.86
C GLU A 39 -8.42 3.35 -2.03
N LYS A 40 -7.59 4.14 -2.70
CA LYS A 40 -6.72 5.09 -2.02
C LYS A 40 -7.55 6.04 -1.14
N GLN A 41 -8.45 6.78 -1.77
CA GLN A 41 -9.29 7.73 -1.04
C GLN A 41 -9.99 7.05 0.13
N MET A 42 -10.33 5.78 -0.04
CA MET A 42 -11.00 5.02 1.00
C MET A 42 -10.05 4.76 2.17
N LEU A 43 -8.89 4.21 1.87
CA LEU A 43 -7.89 3.92 2.90
C LEU A 43 -7.44 5.19 3.61
N SER A 44 -7.20 6.24 2.84
CA SER A 44 -6.77 7.52 3.39
C SER A 44 -7.65 7.93 4.57
N GLU A 45 -8.87 7.40 4.59
CA GLU A 45 -9.81 7.71 5.65
C GLU A 45 -9.40 7.06 6.97
N LYS A 46 -8.84 5.86 6.87
CA LYS A 46 -8.39 5.12 8.04
C LYS A 46 -6.96 5.49 8.39
N THR A 47 -6.15 5.78 7.37
CA THR A 47 -4.76 6.16 7.58
C THR A 47 -4.62 7.66 7.78
N ASN A 48 -5.58 8.42 7.28
CA ASN A 48 -5.55 9.87 7.41
C ASN A 48 -4.41 10.47 6.60
N LEU A 49 -4.06 9.81 5.50
CA LEU A 49 -2.97 10.28 4.64
C LEU A 49 -3.53 10.98 3.40
N SER A 50 -2.63 11.39 2.52
CA SER A 50 -3.03 12.08 1.29
C SER A 50 -2.87 11.17 0.08
N LEU A 51 -3.86 11.20 -0.80
CA LEU A 51 -3.83 10.37 -2.00
C LEU A 51 -2.42 10.29 -2.58
N LEU A 52 -1.70 11.41 -2.51
CA LEU A 52 -0.34 11.47 -3.03
C LEU A 52 0.58 10.54 -2.24
N GLN A 53 0.51 10.63 -0.91
CA GLN A 53 1.34 9.80 -0.04
C GLN A 53 0.96 8.33 -0.19
N ILE A 54 -0.33 8.06 -0.28
CA ILE A 54 -0.81 6.69 -0.41
C ILE A 54 -0.07 5.95 -1.52
N SER A 55 -0.30 6.37 -2.76
CA SER A 55 0.35 5.76 -3.92
C SER A 55 1.87 5.80 -3.77
N ASN A 56 2.38 6.96 -3.39
CA ASN A 56 3.82 7.13 -3.21
C ASN A 56 4.41 6.00 -2.36
N TRP A 57 3.66 5.58 -1.35
CA TRP A 57 4.11 4.51 -0.46
C TRP A 57 3.99 3.16 -1.16
N PHE A 58 2.89 2.96 -1.88
CA PHE A 58 2.66 1.71 -2.58
C PHE A 58 3.80 1.41 -3.55
N ILE A 59 4.39 2.47 -4.10
CA ILE A 59 5.48 2.33 -5.05
C ILE A 59 6.71 1.70 -4.38
N ASN A 60 7.34 2.46 -3.50
CA ASN A 60 8.52 1.97 -2.79
C ASN A 60 8.23 0.67 -2.06
N ALA A 61 6.97 0.49 -1.67
CA ALA A 61 6.55 -0.71 -0.96
C ALA A 61 6.43 -1.90 -1.92
N ARG A 62 5.87 -1.65 -3.10
CA ARG A 62 5.69 -2.70 -4.09
C ARG A 62 7.04 -3.17 -4.62
N ARG A 63 8.11 -2.55 -4.13
CA ARG A 63 9.46 -2.91 -4.56
C ARG A 63 10.16 -3.76 -3.51
N ARG A 64 9.74 -3.61 -2.25
CA ARG A 64 10.32 -4.37 -1.16
C ARG A 64 9.25 -5.12 -0.38
N ILE A 65 8.14 -4.44 -0.11
CA ILE A 65 7.03 -5.03 0.64
C ILE A 65 6.37 -6.15 -0.17
N LEU A 66 5.88 -5.80 -1.35
CA LEU A 66 5.23 -6.77 -2.21
C LEU A 66 6.04 -8.06 -2.31
N PRO A 67 7.32 -7.92 -2.67
CA PRO A 67 8.23 -9.07 -2.80
C PRO A 67 8.58 -9.68 -1.46
N ASP A 68 8.19 -9.02 -0.38
CA ASP A 68 8.45 -9.51 0.97
C ASP A 68 7.32 -10.40 1.46
N MET A 69 6.09 -10.02 1.12
CA MET A 69 4.92 -10.79 1.53
C MET A 69 4.80 -12.08 0.72
N LEU A 70 5.02 -11.97 -0.59
CA LEU A 70 4.94 -13.13 -1.47
C LEU A 70 5.58 -14.35 -0.83
N GLN A 71 6.74 -14.15 -0.21
CA GLN A 71 7.45 -15.24 0.45
C GLN A 71 6.51 -16.03 1.35
N GLN A 72 7.03 -17.10 1.94
CA GLN A 72 6.24 -17.95 2.83
C GLN A 72 5.08 -18.58 2.08
N ARG A 73 5.35 -19.08 0.88
CA ARG A 73 4.31 -19.71 0.06
C ARG A 73 4.86 -20.93 -0.66
N ARG A 74 3.99 -21.89 -0.93
CA ARG A 74 4.39 -23.12 -1.61
C ARG A 74 4.01 -23.06 -3.09
N ASN A 75 4.02 -21.86 -3.65
CA ASN A 75 3.68 -21.67 -5.06
C ASN A 75 4.78 -22.22 -5.97
N ASP A 76 4.45 -23.26 -6.71
CA ASP A 76 5.40 -23.87 -7.64
C ASP A 76 5.04 -23.57 -9.09
N PRO A 77 6.07 -23.45 -9.93
CA PRO A 77 5.89 -23.15 -11.36
C PRO A 77 5.28 -24.32 -12.12
N SER A 78 4.89 -24.07 -13.37
CA SER A 78 4.28 -25.10 -14.20
C SER A 78 5.28 -25.61 -15.24
N GLY A 79 5.03 -26.81 -15.75
CA GLY A 79 5.91 -27.38 -16.75
C GLY A 79 6.24 -26.41 -17.86
N PRO A 80 7.34 -26.70 -18.58
CA PRO A 80 7.80 -25.85 -19.70
C PRO A 80 6.87 -25.92 -20.90
N SER A 81 5.78 -26.67 -20.76
CA SER A 81 4.81 -26.82 -21.84
C SER A 81 4.59 -25.50 -22.55
N SER A 82 5.26 -25.32 -23.69
CA SER A 82 5.15 -24.10 -24.47
C SER A 82 5.76 -24.29 -25.86
N GLY A 83 5.16 -23.65 -26.86
CA GLY A 83 5.65 -23.75 -28.21
C GLY A 83 5.34 -22.53 -29.05
N GLY A 1 -13.62 17.88 -15.75
CA GLY A 1 -12.22 17.54 -15.59
C GLY A 1 -11.64 18.10 -14.31
N SER A 2 -10.40 17.72 -14.00
CA SER A 2 -9.74 18.18 -12.79
C SER A 2 -8.24 17.88 -12.85
N SER A 3 -7.45 18.75 -12.24
CA SER A 3 -6.00 18.58 -12.22
C SER A 3 -5.35 19.49 -11.18
N GLY A 4 -4.36 18.97 -10.47
CA GLY A 4 -3.67 19.76 -9.46
C GLY A 4 -2.25 19.29 -9.24
N SER A 5 -1.44 20.16 -8.63
CA SER A 5 -0.04 19.83 -8.36
C SER A 5 0.60 20.90 -7.48
N SER A 6 1.42 20.47 -6.55
CA SER A 6 2.11 21.40 -5.64
C SER A 6 3.60 21.07 -5.56
N GLY A 7 3.91 19.87 -5.07
CA GLY A 7 5.29 19.46 -4.95
C GLY A 7 5.44 17.95 -4.89
N LYS A 8 6.48 17.43 -5.54
CA LYS A 8 6.73 15.99 -5.56
C LYS A 8 7.85 15.63 -4.59
N LYS A 9 7.48 15.32 -3.35
CA LYS A 9 8.45 14.95 -2.33
C LYS A 9 8.46 13.44 -2.11
N ARG A 10 9.52 12.78 -2.57
CA ARG A 10 9.65 11.34 -2.43
C ARG A 10 10.26 10.98 -1.07
N LYS A 11 10.03 11.84 -0.08
CA LYS A 11 10.55 11.62 1.26
C LYS A 11 9.42 11.50 2.27
N GLY A 12 9.70 10.82 3.38
CA GLY A 12 8.70 10.65 4.41
C GLY A 12 8.02 9.29 4.33
N ASN A 13 7.91 8.62 5.48
CA ASN A 13 7.27 7.31 5.53
C ASN A 13 6.04 7.34 6.42
N LEU A 14 5.24 6.27 6.35
CA LEU A 14 4.02 6.18 7.14
C LEU A 14 4.24 5.30 8.37
N PRO A 15 3.54 5.63 9.47
CA PRO A 15 3.64 4.89 10.73
C PRO A 15 3.03 3.49 10.63
N ALA A 16 3.65 2.52 11.29
CA ALA A 16 3.17 1.15 11.27
C ALA A 16 1.65 1.10 11.25
N GLU A 17 1.03 1.55 12.34
CA GLU A 17 -0.42 1.56 12.43
C GLU A 17 -1.07 1.87 11.08
N SER A 18 -0.70 3.01 10.51
CA SER A 18 -1.25 3.43 9.22
C SER A 18 -0.91 2.40 8.14
N VAL A 19 0.35 1.98 8.10
CA VAL A 19 0.80 1.00 7.11
C VAL A 19 -0.09 -0.23 7.13
N LYS A 20 -0.25 -0.82 8.31
CA LYS A 20 -1.08 -2.02 8.46
C LYS A 20 -2.34 -1.92 7.59
N ILE A 21 -2.93 -0.74 7.55
CA ILE A 21 -4.13 -0.51 6.76
C ILE A 21 -3.86 -0.72 5.27
N LEU A 22 -2.81 -0.09 4.77
CA LEU A 22 -2.44 -0.22 3.36
C LEU A 22 -1.94 -1.62 3.05
N ARG A 23 -0.94 -2.06 3.81
CA ARG A 23 -0.36 -3.39 3.62
C ARG A 23 -1.46 -4.45 3.49
N ASP A 24 -2.26 -4.58 4.55
CA ASP A 24 -3.34 -5.56 4.56
C ASP A 24 -4.03 -5.62 3.21
N TRP A 25 -4.28 -4.45 2.62
CA TRP A 25 -4.94 -4.36 1.33
C TRP A 25 -3.99 -4.78 0.21
N MET A 26 -2.74 -4.33 0.31
CA MET A 26 -1.73 -4.65 -0.69
C MET A 26 -1.60 -6.16 -0.87
N TYR A 27 -1.88 -6.91 0.19
CA TYR A 27 -1.79 -8.36 0.14
C TYR A 27 -2.84 -8.94 -0.80
N LYS A 28 -4.09 -8.54 -0.60
CA LYS A 28 -5.18 -9.03 -1.44
C LYS A 28 -4.92 -8.72 -2.90
N HIS A 29 -4.56 -7.47 -3.19
CA HIS A 29 -4.28 -7.05 -4.57
C HIS A 29 -2.80 -7.24 -4.89
N ARG A 30 -2.05 -7.81 -3.95
CA ARG A 30 -0.63 -8.04 -4.15
C ARG A 30 -0.32 -8.41 -5.59
N PHE A 31 -1.18 -9.26 -6.16
CA PHE A 31 -1.00 -9.69 -7.55
C PHE A 31 -0.63 -8.53 -8.45
N LYS A 32 -1.39 -7.45 -8.36
CA LYS A 32 -1.14 -6.26 -9.16
C LYS A 32 -0.36 -5.21 -8.37
N ALA A 33 -0.78 -4.98 -7.13
CA ALA A 33 -0.13 -4.01 -6.26
C ALA A 33 -0.42 -2.58 -6.71
N TYR A 34 -1.70 -2.29 -6.91
CA TYR A 34 -2.12 -0.96 -7.35
C TYR A 34 -3.60 -0.73 -7.06
N PRO A 35 -3.89 0.07 -6.02
CA PRO A 35 -5.26 0.39 -5.62
C PRO A 35 -5.97 1.28 -6.63
N SER A 36 -7.29 1.39 -6.50
CA SER A 36 -8.07 2.21 -7.40
C SER A 36 -8.38 3.57 -6.79
N GLU A 37 -8.59 4.57 -7.63
CA GLU A 37 -8.88 5.93 -7.16
C GLU A 37 -9.83 5.89 -5.96
N GLU A 38 -10.61 4.82 -5.86
CA GLU A 38 -11.55 4.67 -4.76
C GLU A 38 -10.87 4.03 -3.54
N GLU A 39 -10.14 2.96 -3.78
CA GLU A 39 -9.44 2.26 -2.71
C GLU A 39 -8.61 3.23 -1.87
N LYS A 40 -7.81 4.04 -2.55
CA LYS A 40 -6.97 5.02 -1.87
C LYS A 40 -7.81 5.96 -1.00
N GLN A 41 -8.64 6.76 -1.65
CA GLN A 41 -9.50 7.70 -0.93
C GLN A 41 -10.13 7.04 0.29
N MET A 42 -10.31 5.73 0.22
CA MET A 42 -10.90 4.98 1.33
C MET A 42 -9.88 4.76 2.44
N LEU A 43 -8.70 4.29 2.07
CA LEU A 43 -7.63 4.03 3.03
C LEU A 43 -7.16 5.34 3.68
N SER A 44 -6.98 6.36 2.86
CA SER A 44 -6.53 7.66 3.35
C SER A 44 -7.36 8.12 4.54
N GLU A 45 -8.59 7.59 4.63
CA GLU A 45 -9.48 7.93 5.73
C GLU A 45 -9.05 7.26 7.01
N LYS A 46 -8.70 5.98 6.92
CA LYS A 46 -8.27 5.21 8.08
C LYS A 46 -6.85 5.58 8.48
N THR A 47 -5.99 5.76 7.49
CA THR A 47 -4.60 6.12 7.74
C THR A 47 -4.45 7.62 7.98
N ASN A 48 -5.41 8.38 7.49
CA ASN A 48 -5.39 9.83 7.65
C ASN A 48 -4.30 10.46 6.78
N LEU A 49 -4.00 9.81 5.66
CA LEU A 49 -2.98 10.31 4.75
C LEU A 49 -3.61 10.95 3.52
N SER A 50 -2.77 11.34 2.56
CA SER A 50 -3.26 11.97 1.33
C SER A 50 -2.98 11.07 0.12
N LEU A 51 -3.98 10.94 -0.74
CA LEU A 51 -3.85 10.12 -1.94
C LEU A 51 -2.42 10.16 -2.48
N LEU A 52 -1.83 11.35 -2.45
CA LEU A 52 -0.46 11.53 -2.94
C LEU A 52 0.51 10.62 -2.19
N GLN A 53 0.41 10.63 -0.86
CA GLN A 53 1.28 9.80 -0.03
C GLN A 53 0.89 8.33 -0.14
N ILE A 54 -0.40 8.07 -0.35
CA ILE A 54 -0.90 6.71 -0.47
C ILE A 54 -0.20 5.96 -1.60
N SER A 55 -0.49 6.39 -2.84
CA SER A 55 0.11 5.76 -4.01
C SER A 55 1.64 5.81 -3.93
N ASN A 56 2.17 6.98 -3.64
CA ASN A 56 3.61 7.16 -3.53
C ASN A 56 4.24 6.08 -2.65
N TRP A 57 3.56 5.76 -1.55
CA TRP A 57 4.04 4.74 -0.63
C TRP A 57 4.07 3.37 -1.29
N PHE A 58 2.99 3.04 -1.98
CA PHE A 58 2.89 1.75 -2.67
C PHE A 58 4.07 1.54 -3.61
N ILE A 59 4.51 2.61 -4.26
CA ILE A 59 5.63 2.54 -5.18
C ILE A 59 6.83 1.85 -4.54
N ASN A 60 7.37 2.48 -3.49
CA ASN A 60 8.53 1.93 -2.78
C ASN A 60 8.15 0.65 -2.04
N ALA A 61 6.89 0.57 -1.61
CA ALA A 61 6.40 -0.59 -0.89
C ALA A 61 6.45 -1.84 -1.78
N ARG A 62 6.11 -1.67 -3.04
CA ARG A 62 6.12 -2.79 -3.99
C ARG A 62 7.54 -3.25 -4.28
N ARG A 63 8.51 -2.59 -3.66
CA ARG A 63 9.91 -2.92 -3.86
C ARG A 63 10.45 -3.71 -2.67
N ARG A 64 9.82 -3.54 -1.52
CA ARG A 64 10.24 -4.23 -0.30
C ARG A 64 9.07 -5.00 0.31
N ILE A 65 7.91 -4.37 0.36
CA ILE A 65 6.72 -5.01 0.92
C ILE A 65 6.18 -6.09 -0.02
N LEU A 66 5.76 -5.68 -1.21
CA LEU A 66 5.23 -6.62 -2.19
C LEU A 66 6.04 -7.91 -2.22
N PRO A 67 7.37 -7.76 -2.35
CA PRO A 67 8.29 -8.91 -2.39
C PRO A 67 8.40 -9.60 -1.05
N ASP A 68 8.05 -8.89 0.02
CA ASP A 68 8.11 -9.44 1.37
C ASP A 68 6.88 -10.27 1.67
N MET A 69 5.74 -9.84 1.15
CA MET A 69 4.47 -10.54 1.37
C MET A 69 4.26 -11.61 0.28
N LEU A 70 4.68 -11.29 -0.94
CA LEU A 70 4.51 -12.21 -2.06
C LEU A 70 5.43 -13.43 -1.88
N GLN A 71 6.69 -13.18 -1.59
CA GLN A 71 7.66 -14.25 -1.40
C GLN A 71 7.07 -15.38 -0.55
N GLN A 72 6.86 -16.53 -1.17
CA GLN A 72 6.30 -17.68 -0.47
C GLN A 72 7.25 -18.88 -0.54
N ARG A 73 7.94 -19.12 0.57
CA ARG A 73 8.89 -20.23 0.63
C ARG A 73 8.27 -21.52 0.09
N ARG A 74 7.08 -21.85 0.59
CA ARG A 74 6.38 -23.05 0.15
C ARG A 74 6.18 -23.04 -1.37
N ASN A 75 6.21 -24.22 -1.97
CA ASN A 75 6.04 -24.35 -3.41
C ASN A 75 4.58 -24.62 -3.76
N ASP A 76 3.98 -23.71 -4.53
CA ASP A 76 2.60 -23.85 -4.93
C ASP A 76 2.50 -24.21 -6.41
N PRO A 77 1.49 -25.02 -6.77
CA PRO A 77 1.25 -25.46 -8.14
C PRO A 77 0.78 -24.31 -9.04
N SER A 78 1.73 -23.57 -9.61
CA SER A 78 1.40 -22.45 -10.48
C SER A 78 1.27 -22.91 -11.93
N GLY A 79 0.46 -22.18 -12.70
CA GLY A 79 0.25 -22.53 -14.10
C GLY A 79 0.70 -21.43 -15.04
N PRO A 80 2.02 -21.31 -15.23
CA PRO A 80 2.59 -20.28 -16.12
C PRO A 80 2.29 -20.57 -17.59
N SER A 81 2.50 -19.56 -18.43
CA SER A 81 2.25 -19.68 -19.86
C SER A 81 3.19 -18.78 -20.66
N SER A 82 3.48 -19.19 -21.90
CA SER A 82 4.37 -18.41 -22.76
C SER A 82 3.92 -18.51 -24.22
N GLY A 83 4.44 -17.61 -25.05
CA GLY A 83 4.08 -17.61 -26.45
C GLY A 83 5.28 -17.35 -27.36
N GLY A 1 -19.76 15.68 -5.02
CA GLY A 1 -18.51 15.23 -4.43
C GLY A 1 -17.31 15.98 -4.98
N SER A 2 -16.86 16.99 -4.24
CA SER A 2 -15.71 17.78 -4.65
C SER A 2 -14.57 17.67 -3.65
N SER A 3 -13.37 17.38 -4.15
CA SER A 3 -12.20 17.24 -3.30
C SER A 3 -11.08 18.19 -3.74
N GLY A 4 -10.75 18.15 -5.03
CA GLY A 4 -9.71 19.00 -5.56
C GLY A 4 -8.42 18.25 -5.81
N SER A 5 -7.53 18.86 -6.59
CA SER A 5 -6.25 18.24 -6.92
C SER A 5 -5.10 19.18 -6.61
N SER A 6 -3.94 18.60 -6.29
CA SER A 6 -2.76 19.39 -5.97
C SER A 6 -1.49 18.53 -6.03
N GLY A 7 -0.52 18.97 -6.82
CA GLY A 7 0.72 18.22 -6.94
C GLY A 7 1.86 18.87 -6.19
N LYS A 8 2.49 18.11 -5.31
CA LYS A 8 3.61 18.61 -4.51
C LYS A 8 4.68 17.54 -4.34
N LYS A 9 5.90 17.98 -4.04
CA LYS A 9 7.01 17.06 -3.84
C LYS A 9 7.38 16.95 -2.36
N ARG A 10 7.35 15.74 -1.82
CA ARG A 10 7.67 15.52 -0.42
C ARG A 10 7.97 14.05 -0.16
N LYS A 11 8.83 13.79 0.83
CA LYS A 11 9.20 12.42 1.17
C LYS A 11 8.85 12.11 2.62
N GLY A 12 8.75 10.83 2.95
CA GLY A 12 8.41 10.43 4.30
C GLY A 12 7.75 9.06 4.35
N ASN A 13 8.04 8.30 5.39
CA ASN A 13 7.47 6.97 5.56
C ASN A 13 6.27 7.01 6.52
N LEU A 14 5.24 6.24 6.19
CA LEU A 14 4.04 6.18 7.01
C LEU A 14 4.28 5.32 8.26
N PRO A 15 3.57 5.66 9.35
CA PRO A 15 3.68 4.93 10.61
C PRO A 15 3.07 3.53 10.53
N ALA A 16 3.80 2.55 11.05
CA ALA A 16 3.33 1.17 11.03
C ALA A 16 1.80 1.10 11.16
N GLU A 17 1.29 1.64 12.26
CA GLU A 17 -0.15 1.63 12.51
C GLU A 17 -0.92 1.95 11.23
N SER A 18 -0.55 3.05 10.58
CA SER A 18 -1.20 3.47 9.34
C SER A 18 -0.86 2.52 8.19
N VAL A 19 0.37 1.99 8.23
CA VAL A 19 0.81 1.06 7.20
C VAL A 19 -0.05 -0.19 7.15
N LYS A 20 -0.22 -0.83 8.30
CA LYS A 20 -1.03 -2.03 8.40
C LYS A 20 -2.27 -1.92 7.52
N ILE A 21 -2.93 -0.77 7.56
CA ILE A 21 -4.13 -0.54 6.77
C ILE A 21 -3.85 -0.72 5.29
N LEU A 22 -2.75 -0.12 4.81
CA LEU A 22 -2.38 -0.21 3.41
C LEU A 22 -1.87 -1.61 3.08
N ARG A 23 -0.89 -2.08 3.84
CA ARG A 23 -0.32 -3.41 3.63
C ARG A 23 -1.41 -4.45 3.50
N ASP A 24 -2.22 -4.60 4.54
CA ASP A 24 -3.31 -5.57 4.55
C ASP A 24 -3.99 -5.62 3.18
N TRP A 25 -4.20 -4.45 2.58
CA TRP A 25 -4.84 -4.37 1.27
C TRP A 25 -3.88 -4.81 0.17
N MET A 26 -2.69 -4.23 0.15
CA MET A 26 -1.69 -4.55 -0.85
C MET A 26 -1.54 -6.07 -0.98
N TYR A 27 -1.92 -6.80 0.06
CA TYR A 27 -1.83 -8.24 0.06
C TYR A 27 -2.85 -8.86 -0.89
N LYS A 28 -4.10 -8.43 -0.77
CA LYS A 28 -5.17 -8.93 -1.63
C LYS A 28 -4.89 -8.62 -3.09
N HIS A 29 -4.32 -7.44 -3.34
CA HIS A 29 -3.99 -7.01 -4.70
C HIS A 29 -2.52 -7.24 -5.00
N ARG A 30 -1.81 -7.83 -4.06
CA ARG A 30 -0.38 -8.09 -4.21
C ARG A 30 -0.06 -8.46 -5.66
N PHE A 31 -1.00 -9.14 -6.31
CA PHE A 31 -0.80 -9.55 -7.70
C PHE A 31 -0.49 -8.36 -8.59
N LYS A 32 -1.30 -7.32 -8.47
CA LYS A 32 -1.12 -6.10 -9.26
C LYS A 32 -0.32 -5.06 -8.48
N ALA A 33 -0.71 -4.84 -7.23
CA ALA A 33 -0.04 -3.87 -6.37
C ALA A 33 -0.33 -2.44 -6.81
N TYR A 34 -1.62 -2.13 -6.98
CA TYR A 34 -2.03 -0.80 -7.41
C TYR A 34 -3.50 -0.58 -7.11
N PRO A 35 -3.79 0.23 -6.07
CA PRO A 35 -5.16 0.55 -5.66
C PRO A 35 -5.86 1.44 -6.68
N SER A 36 -7.18 1.56 -6.54
CA SER A 36 -7.98 2.38 -7.43
C SER A 36 -8.35 3.71 -6.77
N GLU A 37 -8.57 4.73 -7.58
CA GLU A 37 -8.93 6.05 -7.08
C GLU A 37 -9.85 5.94 -5.87
N GLU A 38 -10.64 4.87 -5.83
CA GLU A 38 -11.56 4.64 -4.73
C GLU A 38 -10.84 4.04 -3.53
N GLU A 39 -10.03 3.01 -3.78
CA GLU A 39 -9.28 2.35 -2.72
C GLU A 39 -8.45 3.36 -1.93
N LYS A 40 -7.63 4.14 -2.63
CA LYS A 40 -6.79 5.13 -2.00
C LYS A 40 -7.61 6.04 -1.09
N GLN A 41 -8.57 6.75 -1.68
CA GLN A 41 -9.43 7.66 -0.93
C GLN A 41 -10.06 6.95 0.26
N MET A 42 -10.31 5.65 0.11
CA MET A 42 -10.90 4.85 1.18
C MET A 42 -9.92 4.65 2.32
N LEU A 43 -8.72 4.19 1.99
CA LEU A 43 -7.69 3.95 3.00
C LEU A 43 -7.27 5.26 3.67
N SER A 44 -7.14 6.32 2.86
CA SER A 44 -6.75 7.62 3.38
C SER A 44 -7.59 8.00 4.60
N GLU A 45 -8.76 7.40 4.70
CA GLU A 45 -9.66 7.68 5.82
C GLU A 45 -9.18 6.99 7.09
N LYS A 46 -8.73 5.74 6.94
CA LYS A 46 -8.25 4.96 8.08
C LYS A 46 -6.82 5.34 8.44
N THR A 47 -6.04 5.70 7.42
CA THR A 47 -4.65 6.10 7.62
C THR A 47 -4.53 7.61 7.80
N ASN A 48 -5.54 8.34 7.32
CA ASN A 48 -5.53 9.79 7.43
C ASN A 48 -4.39 10.40 6.63
N LEU A 49 -4.11 9.82 5.47
CA LEU A 49 -3.03 10.30 4.61
C LEU A 49 -3.59 10.98 3.37
N SER A 50 -2.70 11.43 2.50
CA SER A 50 -3.11 12.11 1.27
C SER A 50 -2.92 11.20 0.05
N LEU A 51 -3.94 11.16 -0.81
CA LEU A 51 -3.89 10.34 -2.00
C LEU A 51 -2.47 10.27 -2.57
N LEU A 52 -1.77 11.40 -2.53
CA LEU A 52 -0.41 11.48 -3.04
C LEU A 52 0.50 10.54 -2.27
N GLN A 53 0.46 10.61 -0.95
CA GLN A 53 1.28 9.77 -0.09
C GLN A 53 0.90 8.29 -0.26
N ILE A 54 -0.40 8.04 -0.35
CA ILE A 54 -0.89 6.67 -0.50
C ILE A 54 -0.16 5.96 -1.63
N SER A 55 -0.40 6.41 -2.87
CA SER A 55 0.23 5.81 -4.03
C SER A 55 1.74 5.80 -3.89
N ASN A 56 2.29 6.92 -3.43
CA ASN A 56 3.73 7.06 -3.25
C ASN A 56 4.28 5.92 -2.38
N TRP A 57 3.52 5.56 -1.35
CA TRP A 57 3.93 4.49 -0.45
C TRP A 57 3.81 3.14 -1.12
N PHE A 58 2.85 3.01 -2.03
CA PHE A 58 2.64 1.75 -2.75
C PHE A 58 3.80 1.48 -3.72
N ILE A 59 4.39 2.54 -4.24
CA ILE A 59 5.51 2.41 -5.16
C ILE A 59 6.73 1.80 -4.48
N ASN A 60 7.35 2.57 -3.59
CA ASN A 60 8.53 2.11 -2.88
C ASN A 60 8.23 0.81 -2.12
N ALA A 61 7.06 0.76 -1.49
CA ALA A 61 6.66 -0.42 -0.73
C ALA A 61 6.61 -1.66 -1.63
N ARG A 62 6.10 -1.48 -2.85
CA ARG A 62 5.99 -2.58 -3.80
C ARG A 62 7.38 -3.09 -4.18
N ARG A 63 8.41 -2.43 -3.69
CA ARG A 63 9.79 -2.82 -3.97
C ARG A 63 10.30 -3.82 -2.93
N ARG A 64 9.81 -3.67 -1.70
CA ARG A 64 10.24 -4.55 -0.61
C ARG A 64 9.02 -5.20 0.05
N ILE A 65 7.99 -4.40 0.29
CA ILE A 65 6.77 -4.90 0.91
C ILE A 65 6.14 -6.01 0.08
N LEU A 66 5.72 -5.66 -1.13
CA LEU A 66 5.09 -6.63 -2.04
C LEU A 66 5.87 -7.94 -2.05
N PRO A 67 7.17 -7.87 -2.35
CA PRO A 67 8.04 -9.05 -2.39
C PRO A 67 8.29 -9.62 -1.01
N ASP A 68 7.87 -8.91 0.02
CA ASP A 68 8.05 -9.36 1.40
C ASP A 68 6.83 -10.12 1.89
N MET A 69 5.66 -9.73 1.40
CA MET A 69 4.41 -10.38 1.78
C MET A 69 4.27 -11.73 1.08
N LEU A 70 4.94 -11.88 -0.05
CA LEU A 70 4.88 -13.12 -0.82
C LEU A 70 5.57 -14.26 -0.06
N GLN A 71 6.76 -13.98 0.47
CA GLN A 71 7.51 -14.98 1.22
C GLN A 71 6.64 -15.63 2.29
N GLN A 72 7.08 -16.79 2.78
CA GLN A 72 6.33 -17.51 3.79
C GLN A 72 5.92 -16.58 4.93
N ARG A 73 4.62 -16.58 5.24
CA ARG A 73 4.10 -15.73 6.31
C ARG A 73 2.90 -16.39 6.97
N ARG A 74 2.55 -15.90 8.16
CA ARG A 74 1.42 -16.44 8.91
C ARG A 74 0.28 -16.82 7.97
N ASN A 75 -0.30 -15.82 7.32
CA ASN A 75 -1.41 -16.04 6.40
C ASN A 75 -1.05 -17.12 5.38
N ASP A 76 -2.08 -17.70 4.77
CA ASP A 76 -1.87 -18.74 3.76
C ASP A 76 -2.04 -18.18 2.36
N PRO A 77 -0.91 -18.01 1.66
CA PRO A 77 -0.91 -17.48 0.29
C PRO A 77 -1.49 -18.47 -0.72
N SER A 78 -2.33 -17.97 -1.62
CA SER A 78 -2.96 -18.80 -2.63
C SER A 78 -1.91 -19.58 -3.42
N GLY A 79 -2.27 -20.78 -3.88
CA GLY A 79 -1.35 -21.59 -4.64
C GLY A 79 -1.80 -21.77 -6.08
N PRO A 80 -1.74 -20.68 -6.87
CA PRO A 80 -2.14 -20.71 -8.27
C PRO A 80 -1.17 -21.51 -9.14
N SER A 81 -1.72 -22.35 -10.02
CA SER A 81 -0.90 -23.17 -10.91
C SER A 81 -0.96 -22.65 -12.34
N SER A 82 0.09 -22.93 -13.10
CA SER A 82 0.16 -22.49 -14.49
C SER A 82 -1.19 -22.62 -15.17
N GLY A 83 -1.77 -23.82 -15.11
CA GLY A 83 -3.06 -24.05 -15.73
C GLY A 83 -4.17 -24.24 -14.71
N GLY A 1 -25.22 20.89 -0.50
CA GLY A 1 -25.25 19.90 -1.55
C GLY A 1 -23.89 19.69 -2.19
N SER A 2 -23.36 20.75 -2.80
CA SER A 2 -22.06 20.69 -3.45
C SER A 2 -21.05 21.59 -2.75
N SER A 3 -20.38 21.04 -1.75
CA SER A 3 -19.38 21.80 -1.00
C SER A 3 -18.24 20.89 -0.53
N GLY A 4 -17.19 21.50 0.01
CA GLY A 4 -16.06 20.73 0.49
C GLY A 4 -14.78 21.08 -0.24
N SER A 5 -13.68 21.19 0.51
CA SER A 5 -12.39 21.51 -0.09
C SER A 5 -11.25 21.18 0.87
N SER A 6 -10.11 20.81 0.32
CA SER A 6 -8.94 20.46 1.13
C SER A 6 -7.70 20.31 0.26
N GLY A 7 -6.53 20.35 0.89
CA GLY A 7 -5.29 20.21 0.15
C GLY A 7 -4.06 20.34 1.04
N LYS A 8 -3.14 19.40 0.93
CA LYS A 8 -1.92 19.42 1.73
C LYS A 8 -0.77 18.74 0.99
N LYS A 9 0.42 18.82 1.57
CA LYS A 9 1.61 18.21 0.96
C LYS A 9 2.64 17.87 2.02
N ARG A 10 2.97 16.59 2.14
CA ARG A 10 3.95 16.13 3.12
C ARG A 10 4.80 15.00 2.54
N LYS A 11 5.96 14.78 3.14
CA LYS A 11 6.86 13.73 2.70
C LYS A 11 7.27 12.83 3.87
N GLY A 12 7.95 11.73 3.56
CA GLY A 12 8.39 10.81 4.58
C GLY A 12 7.60 9.51 4.58
N ASN A 13 8.05 8.54 5.38
CA ASN A 13 7.39 7.24 5.45
C ASN A 13 6.12 7.35 6.29
N LEU A 14 5.38 6.24 6.35
CA LEU A 14 4.14 6.20 7.12
C LEU A 14 4.30 5.36 8.38
N PRO A 15 3.52 5.69 9.42
CA PRO A 15 3.56 4.96 10.69
C PRO A 15 2.99 3.55 10.59
N ALA A 16 3.69 2.59 11.14
CA ALA A 16 3.25 1.19 11.11
C ALA A 16 1.73 1.09 11.20
N GLU A 17 1.19 1.54 12.34
CA GLU A 17 -0.26 1.49 12.55
C GLU A 17 -1.01 1.82 11.26
N SER A 18 -0.66 2.93 10.64
CA SER A 18 -1.31 3.36 9.41
C SER A 18 -0.94 2.42 8.25
N VAL A 19 0.29 1.92 8.28
CA VAL A 19 0.76 1.01 7.24
C VAL A 19 -0.09 -0.24 7.18
N LYS A 20 -0.30 -0.87 8.32
CA LYS A 20 -1.11 -2.09 8.40
C LYS A 20 -2.35 -1.97 7.52
N ILE A 21 -3.01 -0.81 7.59
CA ILE A 21 -4.22 -0.58 6.81
C ILE A 21 -3.92 -0.70 5.32
N LEU A 22 -2.82 -0.11 4.87
CA LEU A 22 -2.43 -0.16 3.47
C LEU A 22 -1.95 -1.56 3.09
N ARG A 23 -0.96 -2.06 3.81
CA ARG A 23 -0.41 -3.39 3.55
C ARG A 23 -1.53 -4.42 3.42
N ASP A 24 -2.32 -4.56 4.47
CA ASP A 24 -3.43 -5.50 4.48
C ASP A 24 -4.12 -5.56 3.11
N TRP A 25 -4.40 -4.39 2.55
CA TRP A 25 -5.04 -4.30 1.25
C TRP A 25 -4.07 -4.66 0.13
N MET A 26 -2.83 -4.21 0.27
CA MET A 26 -1.80 -4.49 -0.73
C MET A 26 -1.57 -5.98 -0.88
N TYR A 27 -1.85 -6.73 0.19
CA TYR A 27 -1.68 -8.17 0.18
C TYR A 27 -2.73 -8.85 -0.70
N LYS A 28 -3.99 -8.55 -0.43
CA LYS A 28 -5.09 -9.13 -1.20
C LYS A 28 -4.99 -8.73 -2.67
N HIS A 29 -4.64 -7.48 -2.92
CA HIS A 29 -4.50 -6.96 -4.28
C HIS A 29 -3.05 -7.03 -4.74
N ARG A 30 -2.18 -7.57 -3.89
CA ARG A 30 -0.77 -7.67 -4.20
C ARG A 30 -0.56 -8.06 -5.66
N PHE A 31 -1.44 -8.92 -6.17
CA PHE A 31 -1.36 -9.38 -7.55
C PHE A 31 -0.85 -8.26 -8.47
N LYS A 32 -1.32 -7.04 -8.21
CA LYS A 32 -0.92 -5.88 -9.00
C LYS A 32 -0.25 -4.83 -8.12
N ALA A 33 -0.62 -4.80 -6.85
CA ALA A 33 -0.06 -3.84 -5.90
C ALA A 33 -0.31 -2.41 -6.36
N TYR A 34 -1.56 -2.11 -6.68
CA TYR A 34 -1.93 -0.78 -7.13
C TYR A 34 -3.42 -0.52 -6.91
N PRO A 35 -3.74 0.28 -5.89
CA PRO A 35 -5.13 0.62 -5.55
C PRO A 35 -5.78 1.53 -6.59
N SER A 36 -7.08 1.75 -6.45
CA SER A 36 -7.81 2.60 -7.39
C SER A 36 -8.24 3.90 -6.71
N GLU A 37 -8.41 4.95 -7.51
CA GLU A 37 -8.81 6.25 -7.00
C GLU A 37 -9.80 6.09 -5.84
N GLU A 38 -10.58 5.02 -5.88
CA GLU A 38 -11.57 4.76 -4.84
C GLU A 38 -10.91 4.13 -3.62
N GLU A 39 -10.11 3.10 -3.86
CA GLU A 39 -9.43 2.40 -2.76
C GLU A 39 -8.62 3.38 -1.92
N LYS A 40 -7.81 4.21 -2.60
CA LYS A 40 -6.98 5.19 -1.91
C LYS A 40 -7.84 6.12 -1.06
N GLN A 41 -8.70 6.90 -1.72
CA GLN A 41 -9.57 7.83 -1.02
C GLN A 41 -10.21 7.18 0.20
N MET A 42 -10.36 5.86 0.15
CA MET A 42 -10.94 5.11 1.26
C MET A 42 -9.92 4.88 2.36
N LEU A 43 -8.74 4.40 1.99
CA LEU A 43 -7.68 4.14 2.95
C LEU A 43 -7.23 5.43 3.64
N SER A 44 -7.05 6.48 2.85
CA SER A 44 -6.64 7.77 3.38
C SER A 44 -7.42 8.12 4.65
N GLU A 45 -8.63 7.61 4.74
CA GLU A 45 -9.49 7.87 5.90
C GLU A 45 -9.03 7.05 7.10
N LYS A 46 -8.63 5.80 6.84
CA LYS A 46 -8.16 4.91 7.90
C LYS A 46 -6.74 5.27 8.33
N THR A 47 -5.93 5.68 7.36
CA THR A 47 -4.55 6.05 7.64
C THR A 47 -4.41 7.55 7.88
N ASN A 48 -5.39 8.31 7.40
CA ASN A 48 -5.39 9.76 7.57
C ASN A 48 -4.28 10.40 6.73
N LEU A 49 -4.05 9.83 5.54
CA LEU A 49 -3.02 10.35 4.64
C LEU A 49 -3.65 10.96 3.40
N SER A 50 -2.81 11.37 2.45
CA SER A 50 -3.29 11.98 1.21
C SER A 50 -3.01 11.08 0.02
N LEU A 51 -4.00 10.94 -0.86
CA LEU A 51 -3.86 10.10 -2.04
C LEU A 51 -2.43 10.13 -2.57
N LEU A 52 -1.84 11.32 -2.58
CA LEU A 52 -0.47 11.48 -3.06
C LEU A 52 0.49 10.58 -2.30
N GLN A 53 0.44 10.67 -0.97
CA GLN A 53 1.30 9.85 -0.13
C GLN A 53 0.92 8.38 -0.21
N ILE A 54 -0.36 8.11 -0.42
CA ILE A 54 -0.86 6.75 -0.53
C ILE A 54 -0.20 6.01 -1.69
N SER A 55 -0.50 6.45 -2.90
CA SER A 55 0.06 5.84 -4.10
C SER A 55 1.58 5.80 -4.03
N ASN A 56 2.19 6.96 -3.80
CA ASN A 56 3.64 7.06 -3.71
C ASN A 56 4.21 5.97 -2.81
N TRP A 57 3.48 5.67 -1.73
CA TRP A 57 3.91 4.64 -0.78
C TRP A 57 3.87 3.25 -1.43
N PHE A 58 2.72 2.91 -2.01
CA PHE A 58 2.56 1.62 -2.65
C PHE A 58 3.75 1.31 -3.56
N ILE A 59 4.32 2.35 -4.16
CA ILE A 59 5.46 2.19 -5.05
C ILE A 59 6.68 1.70 -4.28
N ASN A 60 7.26 2.58 -3.47
CA ASN A 60 8.44 2.23 -2.68
C ASN A 60 8.13 1.10 -1.70
N ALA A 61 6.84 0.86 -1.47
CA ALA A 61 6.42 -0.19 -0.56
C ALA A 61 6.43 -1.56 -1.25
N ARG A 62 5.77 -1.63 -2.41
CA ARG A 62 5.71 -2.87 -3.17
C ARG A 62 7.07 -3.23 -3.75
N ARG A 63 8.06 -2.37 -3.50
CA ARG A 63 9.41 -2.59 -4.00
C ARG A 63 10.24 -3.35 -2.99
N ARG A 64 9.91 -3.21 -1.72
CA ARG A 64 10.62 -3.88 -0.65
C ARG A 64 9.67 -4.70 0.23
N ILE A 65 8.37 -4.55 -0.03
CA ILE A 65 7.36 -5.28 0.72
C ILE A 65 6.68 -6.34 -0.14
N LEU A 66 6.42 -5.99 -1.40
CA LEU A 66 5.77 -6.91 -2.33
C LEU A 66 6.49 -8.26 -2.34
N PRO A 67 7.83 -8.22 -2.44
CA PRO A 67 8.66 -9.43 -2.47
C PRO A 67 8.68 -10.14 -1.12
N ASP A 68 8.32 -9.42 -0.07
CA ASP A 68 8.29 -9.98 1.27
C ASP A 68 7.03 -10.79 1.51
N MET A 69 5.88 -10.20 1.19
CA MET A 69 4.59 -10.86 1.36
C MET A 69 4.53 -12.14 0.53
N LEU A 70 4.93 -12.04 -0.73
CA LEU A 70 4.93 -13.19 -1.63
C LEU A 70 5.72 -14.36 -1.05
N GLN A 71 6.68 -14.04 -0.18
CA GLN A 71 7.50 -15.05 0.46
C GLN A 71 6.67 -16.28 0.82
N GLN A 72 7.35 -17.40 1.01
CA GLN A 72 6.68 -18.64 1.36
C GLN A 72 5.96 -19.24 0.15
N ARG A 73 6.70 -19.44 -0.93
CA ARG A 73 6.12 -20.00 -2.15
C ARG A 73 5.05 -21.02 -1.83
N ARG A 74 4.07 -21.14 -2.72
CA ARG A 74 2.97 -22.09 -2.52
C ARG A 74 3.47 -23.38 -1.88
N ASN A 75 2.71 -23.87 -0.91
CA ASN A 75 3.08 -25.10 -0.21
C ASN A 75 2.05 -26.20 -0.46
N ASP A 76 0.79 -25.92 -0.14
CA ASP A 76 -0.28 -26.88 -0.33
C ASP A 76 -1.02 -26.61 -1.64
N PRO A 77 -1.38 -27.68 -2.36
CA PRO A 77 -2.10 -27.58 -3.64
C PRO A 77 -3.54 -27.11 -3.45
N SER A 78 -3.90 -26.03 -4.13
CA SER A 78 -5.23 -25.47 -4.04
C SER A 78 -6.02 -25.74 -5.32
N GLY A 79 -7.34 -25.83 -5.19
CA GLY A 79 -8.19 -26.09 -6.34
C GLY A 79 -7.67 -25.40 -7.60
N PRO A 80 -7.86 -26.07 -8.75
CA PRO A 80 -7.42 -25.54 -10.05
C PRO A 80 -8.24 -24.34 -10.49
N SER A 81 -9.55 -24.47 -10.46
CA SER A 81 -10.45 -23.40 -10.86
C SER A 81 -11.88 -23.68 -10.42
N SER A 82 -12.76 -22.69 -10.59
CA SER A 82 -14.16 -22.83 -10.20
C SER A 82 -15.02 -23.16 -11.42
N GLY A 83 -16.06 -23.97 -11.20
CA GLY A 83 -16.94 -24.35 -12.28
C GLY A 83 -16.27 -25.25 -13.29
N GLY A 1 -15.06 3.06 13.56
CA GLY A 1 -14.91 4.37 14.16
C GLY A 1 -14.70 5.46 13.12
N SER A 2 -15.72 6.30 12.93
CA SER A 2 -15.64 7.37 11.96
C SER A 2 -14.34 8.17 12.12
N SER A 3 -13.46 8.05 11.13
CA SER A 3 -12.18 8.75 11.17
C SER A 3 -11.76 9.18 9.78
N GLY A 4 -10.97 10.25 9.71
CA GLY A 4 -10.51 10.75 8.42
C GLY A 4 -10.14 12.22 8.48
N SER A 5 -8.98 12.56 7.92
CA SER A 5 -8.50 13.94 7.91
C SER A 5 -7.28 14.08 7.02
N SER A 6 -7.13 15.26 6.41
CA SER A 6 -6.00 15.52 5.53
C SER A 6 -4.93 16.34 6.24
N GLY A 7 -3.89 15.67 6.71
CA GLY A 7 -2.81 16.36 7.40
C GLY A 7 -1.70 16.78 6.47
N LYS A 8 -0.51 16.99 7.03
CA LYS A 8 0.64 17.41 6.24
C LYS A 8 1.86 16.54 6.55
N LYS A 9 2.55 16.10 5.51
CA LYS A 9 3.73 15.27 5.67
C LYS A 9 4.54 15.70 6.89
N ARG A 10 4.65 14.81 7.87
CA ARG A 10 5.40 15.10 9.09
C ARG A 10 6.75 14.38 9.09
N LYS A 11 6.72 13.10 8.73
CA LYS A 11 7.94 12.29 8.69
C LYS A 11 8.11 11.65 7.32
N GLY A 12 9.14 10.83 7.19
CA GLY A 12 9.41 10.15 5.92
C GLY A 12 8.31 9.17 5.56
N ASN A 13 8.48 7.93 5.98
CA ASN A 13 7.50 6.88 5.69
C ASN A 13 6.29 6.99 6.62
N LEU A 14 5.28 6.16 6.38
CA LEU A 14 4.08 6.16 7.19
C LEU A 14 4.25 5.27 8.42
N PRO A 15 3.53 5.59 9.50
CA PRO A 15 3.59 4.83 10.75
C PRO A 15 2.96 3.44 10.61
N ALA A 16 3.63 2.44 11.17
CA ALA A 16 3.14 1.07 11.10
C ALA A 16 1.62 1.02 11.24
N GLU A 17 1.12 1.44 12.40
CA GLU A 17 -0.32 1.44 12.66
C GLU A 17 -1.09 1.79 11.39
N SER A 18 -0.71 2.89 10.75
CA SER A 18 -1.38 3.32 9.53
C SER A 18 -1.02 2.41 8.35
N VAL A 19 0.22 1.93 8.34
CA VAL A 19 0.69 1.05 7.28
C VAL A 19 -0.15 -0.22 7.22
N LYS A 20 -0.29 -0.90 8.36
CA LYS A 20 -1.07 -2.12 8.43
C LYS A 20 -2.33 -2.02 7.58
N ILE A 21 -2.94 -0.85 7.57
CA ILE A 21 -4.15 -0.62 6.79
C ILE A 21 -3.88 -0.76 5.30
N LEU A 22 -2.77 -0.18 4.85
CA LEU A 22 -2.39 -0.24 3.44
C LEU A 22 -1.85 -1.62 3.09
N ARG A 23 -0.93 -2.13 3.90
CA ARG A 23 -0.33 -3.43 3.66
C ARG A 23 -1.41 -4.50 3.52
N ASP A 24 -2.22 -4.67 4.57
CA ASP A 24 -3.29 -5.66 4.56
C ASP A 24 -3.98 -5.70 3.19
N TRP A 25 -4.31 -4.53 2.67
CA TRP A 25 -4.97 -4.43 1.36
C TRP A 25 -4.00 -4.78 0.23
N MET A 26 -2.75 -4.37 0.39
CA MET A 26 -1.73 -4.63 -0.62
C MET A 26 -1.54 -6.14 -0.81
N TYR A 27 -1.77 -6.91 0.25
CA TYR A 27 -1.62 -8.35 0.20
C TYR A 27 -2.72 -8.98 -0.65
N LYS A 28 -3.97 -8.60 -0.37
CA LYS A 28 -5.11 -9.12 -1.11
C LYS A 28 -5.00 -8.78 -2.59
N HIS A 29 -4.69 -7.51 -2.88
CA HIS A 29 -4.56 -7.05 -4.26
C HIS A 29 -3.11 -7.14 -4.72
N ARG A 30 -2.25 -7.67 -3.86
CA ARG A 30 -0.84 -7.80 -4.18
C ARG A 30 -0.64 -8.24 -5.62
N PHE A 31 -1.57 -9.06 -6.12
CA PHE A 31 -1.51 -9.55 -7.48
C PHE A 31 -0.98 -8.47 -8.44
N LYS A 32 -1.48 -7.25 -8.25
CA LYS A 32 -1.06 -6.13 -9.09
C LYS A 32 -0.35 -5.07 -8.26
N ALA A 33 -0.68 -5.01 -6.97
CA ALA A 33 -0.06 -4.05 -6.07
C ALA A 33 -0.32 -2.62 -6.54
N TYR A 34 -1.58 -2.30 -6.78
CA TYR A 34 -1.97 -0.97 -7.25
C TYR A 34 -3.45 -0.71 -6.99
N PRO A 35 -3.74 0.11 -5.96
CA PRO A 35 -5.11 0.45 -5.59
C PRO A 35 -5.78 1.35 -6.61
N SER A 36 -7.10 1.50 -6.49
CA SER A 36 -7.86 2.33 -7.42
C SER A 36 -8.26 3.65 -6.77
N GLU A 37 -8.43 4.68 -7.59
CA GLU A 37 -8.80 6.00 -7.09
C GLU A 37 -9.76 5.88 -5.90
N GLU A 38 -10.57 4.83 -5.91
CA GLU A 38 -11.53 4.59 -4.84
C GLU A 38 -10.85 3.99 -3.61
N GLU A 39 -10.03 2.97 -3.85
CA GLU A 39 -9.32 2.30 -2.76
C GLU A 39 -8.50 3.31 -1.95
N LYS A 40 -7.68 4.09 -2.64
CA LYS A 40 -6.85 5.10 -2.00
C LYS A 40 -7.70 6.04 -1.14
N GLN A 41 -8.55 6.83 -1.80
CA GLN A 41 -9.41 7.77 -1.11
C GLN A 41 -10.05 7.12 0.11
N MET A 42 -10.22 5.80 0.05
CA MET A 42 -10.83 5.07 1.16
C MET A 42 -9.81 4.83 2.27
N LEU A 43 -8.63 4.33 1.89
CA LEU A 43 -7.58 4.06 2.87
C LEU A 43 -7.13 5.34 3.55
N SER A 44 -7.02 6.42 2.78
CA SER A 44 -6.59 7.70 3.32
C SER A 44 -7.42 8.08 4.53
N GLU A 45 -8.62 7.52 4.62
CA GLU A 45 -9.51 7.80 5.74
C GLU A 45 -9.09 7.03 6.99
N LYS A 46 -8.69 5.77 6.80
CA LYS A 46 -8.27 4.92 7.90
C LYS A 46 -6.85 5.29 8.35
N THR A 47 -5.98 5.56 7.39
CA THR A 47 -4.60 5.93 7.70
C THR A 47 -4.48 7.43 7.96
N ASN A 48 -5.39 8.20 7.38
CA ASN A 48 -5.37 9.65 7.56
C ASN A 48 -4.25 10.29 6.76
N LEU A 49 -3.96 9.72 5.59
CA LEU A 49 -2.90 10.24 4.73
C LEU A 49 -3.50 10.95 3.51
N SER A 50 -2.63 11.38 2.60
CA SER A 50 -3.06 12.08 1.40
C SER A 50 -2.93 11.17 0.17
N LEU A 51 -3.90 11.27 -0.73
CA LEU A 51 -3.88 10.46 -1.95
C LEU A 51 -2.51 10.47 -2.60
N LEU A 52 -1.75 11.53 -2.35
CA LEU A 52 -0.40 11.65 -2.91
C LEU A 52 0.57 10.73 -2.18
N GLN A 53 0.46 10.68 -0.86
CA GLN A 53 1.32 9.84 -0.05
C GLN A 53 0.97 8.37 -0.21
N ILE A 54 -0.32 8.10 -0.41
CA ILE A 54 -0.79 6.73 -0.58
C ILE A 54 -0.10 6.04 -1.74
N SER A 55 -0.40 6.48 -2.96
CA SER A 55 0.20 5.91 -4.15
C SER A 55 1.72 5.90 -4.04
N ASN A 56 2.29 7.02 -3.61
CA ASN A 56 3.73 7.14 -3.46
C ASN A 56 4.29 5.99 -2.63
N TRP A 57 3.66 5.74 -1.49
CA TRP A 57 4.10 4.67 -0.60
C TRP A 57 4.10 3.32 -1.33
N PHE A 58 3.01 3.03 -2.02
CA PHE A 58 2.87 1.78 -2.76
C PHE A 58 4.08 1.58 -3.69
N ILE A 59 4.62 2.68 -4.19
CA ILE A 59 5.77 2.62 -5.08
C ILE A 59 6.92 1.85 -4.46
N ASN A 60 7.57 2.47 -3.47
CA ASN A 60 8.69 1.84 -2.79
C ASN A 60 8.21 0.66 -1.93
N ALA A 61 6.93 0.65 -1.62
CA ALA A 61 6.35 -0.42 -0.80
C ALA A 61 6.07 -1.65 -1.65
N ARG A 62 5.85 -1.45 -2.95
CA ARG A 62 5.57 -2.56 -3.86
C ARG A 62 6.86 -3.27 -4.26
N ARG A 63 8.00 -2.62 -3.99
CA ARG A 63 9.30 -3.19 -4.31
C ARG A 63 10.00 -3.71 -3.07
N ARG A 64 9.39 -3.47 -1.91
CA ARG A 64 9.95 -3.92 -0.64
C ARG A 64 8.95 -4.76 0.15
N ILE A 65 7.70 -4.30 0.17
CA ILE A 65 6.64 -5.01 0.88
C ILE A 65 6.07 -6.16 0.03
N LEU A 66 5.40 -5.79 -1.06
CA LEU A 66 4.82 -6.77 -1.97
C LEU A 66 5.68 -8.02 -2.04
N PRO A 67 6.96 -7.84 -2.37
CA PRO A 67 7.93 -8.93 -2.48
C PRO A 67 8.25 -9.56 -1.13
N ASP A 68 8.21 -8.75 -0.08
CA ASP A 68 8.51 -9.23 1.27
C ASP A 68 7.37 -10.10 1.79
N MET A 69 6.16 -9.83 1.32
CA MET A 69 4.99 -10.59 1.74
C MET A 69 4.74 -11.78 0.81
N LEU A 70 5.10 -11.61 -0.46
CA LEU A 70 4.92 -12.66 -1.45
C LEU A 70 5.77 -13.88 -1.11
N GLN A 71 7.03 -13.63 -0.76
CA GLN A 71 7.95 -14.71 -0.42
C GLN A 71 7.43 -15.52 0.76
N GLN A 72 6.74 -14.83 1.68
CA GLN A 72 6.19 -15.49 2.86
C GLN A 72 5.15 -16.53 2.46
N ARG A 73 5.11 -17.64 3.20
CA ARG A 73 4.17 -18.71 2.93
C ARG A 73 2.75 -18.17 2.85
N ARG A 74 1.81 -19.03 2.46
CA ARG A 74 0.41 -18.65 2.34
C ARG A 74 -0.51 -19.74 2.88
N ASN A 75 -1.72 -19.36 3.27
CA ASN A 75 -2.69 -20.30 3.80
C ASN A 75 -4.03 -20.17 3.09
N ASP A 76 -4.00 -20.09 1.76
CA ASP A 76 -5.21 -19.96 0.96
C ASP A 76 -5.26 -21.03 -0.13
N PRO A 77 -6.34 -21.84 -0.10
CA PRO A 77 -6.54 -22.91 -1.08
C PRO A 77 -6.84 -22.39 -2.48
N SER A 78 -7.07 -23.30 -3.41
CA SER A 78 -7.37 -22.92 -4.79
C SER A 78 -8.66 -22.11 -4.87
N GLY A 79 -8.54 -20.87 -5.33
CA GLY A 79 -9.71 -20.02 -5.45
C GLY A 79 -10.70 -20.52 -6.48
N PRO A 80 -10.35 -20.39 -7.76
CA PRO A 80 -11.20 -20.83 -8.87
C PRO A 80 -11.30 -22.34 -8.95
N SER A 81 -12.19 -22.83 -9.83
CA SER A 81 -12.38 -24.27 -10.00
C SER A 81 -11.79 -24.74 -11.33
N SER A 82 -11.24 -25.94 -11.32
CA SER A 82 -10.64 -26.52 -12.52
C SER A 82 -10.46 -28.02 -12.37
N GLY A 83 -10.54 -28.74 -13.50
CA GLY A 83 -10.39 -30.18 -13.47
C GLY A 83 -10.77 -30.82 -14.79
N GLY A 1 -18.74 15.70 17.95
CA GLY A 1 -18.24 15.35 16.62
C GLY A 1 -17.76 16.57 15.86
N SER A 2 -16.95 16.33 14.83
CA SER A 2 -16.41 17.41 14.02
C SER A 2 -15.70 16.85 12.78
N SER A 3 -15.62 17.67 11.73
CA SER A 3 -14.97 17.26 10.49
C SER A 3 -13.66 18.03 10.29
N GLY A 4 -13.75 19.35 10.36
CA GLY A 4 -12.56 20.18 10.19
C GLY A 4 -11.83 19.86 8.90
N SER A 5 -10.59 20.34 8.79
CA SER A 5 -9.78 20.11 7.60
C SER A 5 -8.49 19.40 7.96
N SER A 6 -7.71 19.04 6.94
CA SER A 6 -6.44 18.34 7.14
C SER A 6 -5.43 18.73 6.06
N GLY A 7 -4.16 18.52 6.35
CA GLY A 7 -3.11 18.85 5.39
C GLY A 7 -1.75 18.38 5.85
N LYS A 8 -1.01 17.75 4.94
CA LYS A 8 0.32 17.25 5.25
C LYS A 8 1.21 17.25 4.00
N LYS A 9 2.39 17.86 4.13
CA LYS A 9 3.33 17.93 3.02
C LYS A 9 4.73 17.54 3.46
N ARG A 10 4.82 16.87 4.61
CA ARG A 10 6.10 16.43 5.14
C ARG A 10 6.40 14.99 4.73
N LYS A 11 7.51 14.81 4.02
CA LYS A 11 7.91 13.49 3.58
C LYS A 11 8.35 12.62 4.74
N GLY A 12 8.24 11.30 4.58
CA GLY A 12 8.62 10.38 5.63
C GLY A 12 7.75 9.14 5.66
N ASN A 13 8.40 7.98 5.79
CA ASN A 13 7.68 6.72 5.82
C ASN A 13 6.45 6.80 6.72
N LEU A 14 5.40 6.08 6.35
CA LEU A 14 4.16 6.08 7.13
C LEU A 14 4.30 5.22 8.38
N PRO A 15 3.55 5.57 9.44
CA PRO A 15 3.57 4.84 10.70
C PRO A 15 2.93 3.46 10.59
N ALA A 16 3.53 2.47 11.23
CA ALA A 16 3.02 1.11 11.20
C ALA A 16 1.50 1.09 11.36
N GLU A 17 1.02 1.56 12.51
CA GLU A 17 -0.41 1.59 12.78
C GLU A 17 -1.20 1.90 11.52
N SER A 18 -0.75 2.92 10.77
CA SER A 18 -1.42 3.32 9.54
C SER A 18 -1.14 2.31 8.43
N VAL A 19 0.14 1.95 8.27
CA VAL A 19 0.53 0.99 7.24
C VAL A 19 -0.36 -0.24 7.25
N LYS A 20 -0.54 -0.82 8.44
CA LYS A 20 -1.38 -2.01 8.58
C LYS A 20 -2.60 -1.93 7.68
N ILE A 21 -3.19 -0.73 7.60
CA ILE A 21 -4.37 -0.53 6.77
C ILE A 21 -4.04 -0.72 5.30
N LEU A 22 -2.96 -0.11 4.84
CA LEU A 22 -2.54 -0.21 3.45
C LEU A 22 -2.05 -1.62 3.14
N ARG A 23 -1.09 -2.10 3.93
CA ARG A 23 -0.53 -3.43 3.74
C ARG A 23 -1.64 -4.47 3.61
N ASP A 24 -2.49 -4.56 4.63
CA ASP A 24 -3.58 -5.51 4.63
C ASP A 24 -4.22 -5.62 3.25
N TRP A 25 -4.51 -4.47 2.64
CA TRP A 25 -5.11 -4.44 1.31
C TRP A 25 -4.08 -4.77 0.24
N MET A 26 -2.85 -4.31 0.44
CA MET A 26 -1.77 -4.56 -0.51
C MET A 26 -1.46 -6.04 -0.60
N TYR A 27 -1.73 -6.77 0.48
CA TYR A 27 -1.48 -8.20 0.53
C TYR A 27 -2.44 -8.96 -0.37
N LYS A 28 -3.74 -8.77 -0.13
CA LYS A 28 -4.77 -9.43 -0.91
C LYS A 28 -4.67 -9.05 -2.39
N HIS A 29 -4.47 -7.75 -2.64
CA HIS A 29 -4.35 -7.25 -4.00
C HIS A 29 -2.89 -7.22 -4.44
N ARG A 30 -2.01 -7.71 -3.58
CA ARG A 30 -0.59 -7.74 -3.88
C ARG A 30 -0.34 -8.14 -5.33
N PHE A 31 -1.12 -9.11 -5.81
CA PHE A 31 -0.99 -9.59 -7.18
C PHE A 31 -0.68 -8.44 -8.13
N LYS A 32 -1.36 -7.31 -7.92
CA LYS A 32 -1.16 -6.13 -8.76
C LYS A 32 -0.52 -5.00 -7.97
N ALA A 33 -0.82 -4.95 -6.67
CA ALA A 33 -0.26 -3.92 -5.80
C ALA A 33 -0.51 -2.54 -6.36
N TYR A 34 -1.62 -2.38 -7.07
CA TYR A 34 -1.98 -1.09 -7.67
C TYR A 34 -3.44 -0.76 -7.41
N PRO A 35 -3.69 -0.02 -6.31
CA PRO A 35 -5.04 0.38 -5.92
C PRO A 35 -5.63 1.42 -6.87
N SER A 36 -6.93 1.64 -6.77
CA SER A 36 -7.62 2.61 -7.62
C SER A 36 -7.95 3.88 -6.85
N GLU A 37 -8.02 5.00 -7.56
CA GLU A 37 -8.31 6.29 -6.93
C GLU A 37 -9.32 6.11 -5.80
N GLU A 38 -10.21 5.13 -5.93
CA GLU A 38 -11.22 4.86 -4.92
C GLU A 38 -10.61 4.14 -3.72
N GLU A 39 -9.88 3.06 -4.00
CA GLU A 39 -9.24 2.28 -2.94
C GLU A 39 -8.36 3.17 -2.06
N LYS A 40 -7.48 3.93 -2.69
CA LYS A 40 -6.58 4.82 -1.97
C LYS A 40 -7.36 5.77 -1.07
N GLN A 41 -8.19 6.62 -1.68
CA GLN A 41 -9.00 7.57 -0.94
C GLN A 41 -9.66 6.91 0.27
N MET A 42 -10.17 5.70 0.06
CA MET A 42 -10.83 4.95 1.12
C MET A 42 -9.87 4.71 2.29
N LEU A 43 -8.70 4.17 1.99
CA LEU A 43 -7.69 3.89 3.01
C LEU A 43 -7.20 5.18 3.66
N SER A 44 -7.06 6.23 2.86
CA SER A 44 -6.60 7.52 3.35
C SER A 44 -7.47 7.99 4.51
N GLU A 45 -8.70 7.49 4.57
CA GLU A 45 -9.63 7.87 5.64
C GLU A 45 -9.25 7.18 6.95
N LYS A 46 -8.79 5.94 6.86
CA LYS A 46 -8.39 5.19 8.03
C LYS A 46 -6.98 5.56 8.48
N THR A 47 -6.08 5.73 7.50
CA THR A 47 -4.70 6.09 7.78
C THR A 47 -4.54 7.60 7.92
N ASN A 48 -5.57 8.34 7.51
CA ASN A 48 -5.53 9.79 7.59
C ASN A 48 -4.38 10.36 6.77
N LEU A 49 -4.05 9.68 5.68
CA LEU A 49 -2.96 10.12 4.81
C LEU A 49 -3.51 10.85 3.59
N SER A 50 -2.62 11.22 2.68
CA SER A 50 -3.00 11.93 1.47
C SER A 50 -2.80 11.06 0.23
N LEU A 51 -3.77 11.09 -0.67
CA LEU A 51 -3.70 10.30 -1.90
C LEU A 51 -2.27 10.21 -2.41
N LEU A 52 -1.60 11.36 -2.46
CA LEU A 52 -0.22 11.42 -2.93
C LEU A 52 0.67 10.48 -2.12
N GLN A 53 0.54 10.55 -0.80
CA GLN A 53 1.34 9.69 0.08
C GLN A 53 0.97 8.22 -0.10
N ILE A 54 -0.32 7.96 -0.28
CA ILE A 54 -0.81 6.60 -0.46
C ILE A 54 -0.12 5.92 -1.64
N SER A 55 -0.41 6.39 -2.85
CA SER A 55 0.18 5.83 -4.05
C SER A 55 1.70 5.85 -3.97
N ASN A 56 2.25 6.99 -3.54
CA ASN A 56 3.70 7.13 -3.42
C ASN A 56 4.30 6.00 -2.59
N TRP A 57 3.64 5.66 -1.49
CA TRP A 57 4.10 4.59 -0.62
C TRP A 57 4.02 3.23 -1.33
N PHE A 58 2.92 3.01 -2.05
CA PHE A 58 2.72 1.76 -2.76
C PHE A 58 3.89 1.50 -3.72
N ILE A 59 4.33 2.55 -4.39
CA ILE A 59 5.44 2.43 -5.34
C ILE A 59 6.64 1.75 -4.70
N ASN A 60 7.31 2.46 -3.81
CA ASN A 60 8.48 1.91 -3.13
C ASN A 60 8.11 0.72 -2.26
N ALA A 61 6.87 0.72 -1.76
CA ALA A 61 6.39 -0.37 -0.93
C ALA A 61 6.08 -1.60 -1.76
N ARG A 62 5.85 -1.39 -3.06
CA ARG A 62 5.54 -2.48 -3.97
C ARG A 62 6.81 -3.21 -4.41
N ARG A 63 7.95 -2.57 -4.18
CA ARG A 63 9.23 -3.15 -4.55
C ARG A 63 10.01 -3.61 -3.32
N ARG A 64 9.42 -3.39 -2.15
CA ARG A 64 10.05 -3.79 -0.90
C ARG A 64 9.10 -4.64 -0.05
N ILE A 65 7.85 -4.22 0.02
CA ILE A 65 6.83 -4.95 0.78
C ILE A 65 6.23 -6.07 -0.04
N LEU A 66 5.59 -5.72 -1.15
CA LEU A 66 4.96 -6.70 -2.02
C LEU A 66 5.85 -7.93 -2.17
N PRO A 67 7.13 -7.71 -2.51
CA PRO A 67 8.10 -8.80 -2.69
C PRO A 67 8.46 -9.46 -1.37
N ASP A 68 8.25 -8.76 -0.27
CA ASP A 68 8.55 -9.28 1.06
C ASP A 68 7.41 -10.16 1.57
N MET A 69 6.19 -9.77 1.25
CA MET A 69 5.01 -10.51 1.68
C MET A 69 4.91 -11.84 0.95
N LEU A 70 5.10 -11.80 -0.37
CA LEU A 70 5.04 -13.00 -1.20
C LEU A 70 5.82 -14.14 -0.56
N GLN A 71 7.10 -13.89 -0.27
CA GLN A 71 7.95 -14.89 0.35
C GLN A 71 7.70 -14.98 1.85
N GLN A 72 6.60 -15.63 2.21
CA GLN A 72 6.24 -15.79 3.62
C GLN A 72 5.93 -17.25 3.94
N ARG A 73 6.26 -17.68 5.15
CA ARG A 73 6.02 -19.05 5.58
C ARG A 73 4.53 -19.36 5.59
N ARG A 74 4.18 -20.57 5.16
CA ARG A 74 2.78 -20.99 5.13
C ARG A 74 2.29 -21.38 6.51
N ASN A 75 1.86 -20.37 7.28
CA ASN A 75 1.37 -20.61 8.64
C ASN A 75 0.04 -21.37 8.60
N ASP A 76 -0.39 -21.84 9.77
CA ASP A 76 -1.65 -22.58 9.88
C ASP A 76 -2.56 -21.95 10.93
N PRO A 77 -3.39 -20.99 10.48
CA PRO A 77 -4.33 -20.28 11.36
C PRO A 77 -5.46 -21.19 11.83
N SER A 78 -5.59 -21.33 13.14
CA SER A 78 -6.63 -22.17 13.72
C SER A 78 -8.01 -21.52 13.55
N GLY A 79 -8.93 -22.26 12.94
CA GLY A 79 -10.26 -21.74 12.73
C GLY A 79 -11.34 -22.72 13.15
N PRO A 80 -12.46 -22.19 13.67
CA PRO A 80 -13.59 -23.01 14.12
C PRO A 80 -14.32 -23.68 12.96
N SER A 81 -15.34 -24.46 13.29
CA SER A 81 -16.13 -25.17 12.28
C SER A 81 -17.59 -24.74 12.33
N SER A 82 -18.13 -24.65 13.55
CA SER A 82 -19.52 -24.26 13.74
C SER A 82 -19.75 -23.77 15.17
N GLY A 83 -20.79 -22.96 15.34
CA GLY A 83 -21.10 -22.43 16.66
C GLY A 83 -22.20 -23.21 17.35
N GLY A 1 -14.33 18.20 -15.16
CA GLY A 1 -13.30 19.14 -14.75
C GLY A 1 -12.04 18.45 -14.26
N SER A 2 -10.89 18.88 -14.77
CA SER A 2 -9.62 18.29 -14.39
C SER A 2 -8.70 19.33 -13.76
N SER A 3 -7.73 18.87 -12.98
CA SER A 3 -6.79 19.78 -12.32
C SER A 3 -5.50 19.05 -11.97
N GLY A 4 -4.49 19.81 -11.54
CA GLY A 4 -3.21 19.22 -11.19
C GLY A 4 -2.84 18.05 -12.08
N SER A 5 -2.66 18.32 -13.37
CA SER A 5 -2.30 17.28 -14.32
C SER A 5 -1.05 16.54 -13.88
N SER A 6 -0.05 17.29 -13.40
CA SER A 6 1.20 16.70 -12.95
C SER A 6 2.02 17.73 -12.18
N GLY A 7 3.08 17.26 -11.53
CA GLY A 7 3.94 18.14 -10.76
C GLY A 7 3.93 17.80 -9.28
N LYS A 8 4.70 16.79 -8.90
CA LYS A 8 4.78 16.38 -7.50
C LYS A 8 6.15 15.78 -7.19
N LYS A 9 6.92 16.47 -6.36
CA LYS A 9 8.25 16.01 -5.99
C LYS A 9 8.36 15.82 -4.48
N ARG A 10 7.58 14.88 -3.96
CA ARG A 10 7.59 14.59 -2.52
C ARG A 10 8.12 13.19 -2.25
N LYS A 11 8.27 12.86 -0.97
CA LYS A 11 8.79 11.55 -0.57
C LYS A 11 8.73 11.40 0.95
N GLY A 12 8.45 10.18 1.40
CA GLY A 12 8.38 9.91 2.82
C GLY A 12 7.78 8.55 3.13
N ASN A 13 7.89 8.14 4.39
CA ASN A 13 7.35 6.84 4.81
C ASN A 13 6.14 7.03 5.71
N LEU A 14 5.43 5.94 5.97
CA LEU A 14 4.24 5.98 6.82
C LEU A 14 4.43 5.10 8.06
N PRO A 15 3.74 5.48 9.15
CA PRO A 15 3.82 4.75 10.42
C PRO A 15 3.14 3.39 10.34
N ALA A 16 3.80 2.37 10.89
CA ALA A 16 3.26 1.01 10.89
C ALA A 16 1.75 1.02 11.02
N GLU A 17 1.26 1.51 12.17
CA GLU A 17 -0.18 1.57 12.42
C GLU A 17 -0.94 1.89 11.15
N SER A 18 -0.56 2.97 10.48
CA SER A 18 -1.22 3.38 9.25
C SER A 18 -0.94 2.39 8.12
N VAL A 19 0.29 1.90 8.06
CA VAL A 19 0.69 0.94 7.04
C VAL A 19 -0.20 -0.29 7.07
N LYS A 20 -0.31 -0.90 8.25
CA LYS A 20 -1.13 -2.09 8.42
C LYS A 20 -2.41 -1.99 7.59
N ILE A 21 -3.03 -0.82 7.60
CA ILE A 21 -4.26 -0.61 6.84
C ILE A 21 -4.02 -0.75 5.34
N LEU A 22 -2.91 -0.19 4.87
CA LEU A 22 -2.56 -0.26 3.46
C LEU A 22 -2.04 -1.65 3.09
N ARG A 23 -1.00 -2.09 3.78
CA ARG A 23 -0.42 -3.40 3.53
C ARG A 23 -1.51 -4.47 3.42
N ASP A 24 -2.40 -4.50 4.39
CA ASP A 24 -3.49 -5.47 4.40
C ASP A 24 -4.15 -5.55 3.04
N TRP A 25 -4.39 -4.40 2.42
CA TRP A 25 -5.01 -4.34 1.10
C TRP A 25 -4.02 -4.74 0.01
N MET A 26 -2.78 -4.27 0.15
CA MET A 26 -1.74 -4.57 -0.83
C MET A 26 -1.50 -6.08 -0.92
N TYR A 27 -1.84 -6.79 0.15
CA TYR A 27 -1.65 -8.24 0.18
C TYR A 27 -2.73 -8.94 -0.63
N LYS A 28 -3.99 -8.67 -0.30
CA LYS A 28 -5.11 -9.28 -1.00
C LYS A 28 -5.10 -8.91 -2.49
N HIS A 29 -4.69 -7.68 -2.78
CA HIS A 29 -4.63 -7.20 -4.15
C HIS A 29 -3.19 -7.24 -4.67
N ARG A 30 -2.28 -7.77 -3.85
CA ARG A 30 -0.88 -7.86 -4.23
C ARG A 30 -0.73 -8.15 -5.72
N PHE A 31 -1.64 -8.96 -6.25
CA PHE A 31 -1.62 -9.32 -7.66
C PHE A 31 -1.25 -8.11 -8.52
N LYS A 32 -1.89 -6.99 -8.25
CA LYS A 32 -1.62 -5.75 -9.00
C LYS A 32 -1.03 -4.67 -8.10
N ALA A 33 -1.40 -4.72 -6.82
CA ALA A 33 -0.91 -3.75 -5.85
C ALA A 33 -1.11 -2.32 -6.35
N TYR A 34 -2.23 -2.09 -7.02
CA TYR A 34 -2.54 -0.77 -7.56
C TYR A 34 -3.98 -0.38 -7.26
N PRO A 35 -4.18 0.34 -6.14
CA PRO A 35 -5.52 0.79 -5.73
C PRO A 35 -6.08 1.86 -6.64
N SER A 36 -7.40 1.89 -6.78
CA SER A 36 -8.06 2.88 -7.63
C SER A 36 -8.36 4.15 -6.86
N GLU A 37 -8.48 5.26 -7.58
CA GLU A 37 -8.76 6.55 -6.96
C GLU A 37 -9.72 6.39 -5.78
N GLU A 38 -10.57 5.38 -5.86
CA GLU A 38 -11.55 5.12 -4.80
C GLU A 38 -10.90 4.38 -3.64
N GLU A 39 -10.18 3.31 -3.96
CA GLU A 39 -9.51 2.51 -2.93
C GLU A 39 -8.63 3.39 -2.04
N LYS A 40 -7.79 4.20 -2.68
CA LYS A 40 -6.89 5.09 -1.95
C LYS A 40 -7.67 6.01 -1.02
N GLN A 41 -8.48 6.90 -1.60
CA GLN A 41 -9.29 7.83 -0.82
C GLN A 41 -9.95 7.12 0.35
N MET A 42 -10.33 5.86 0.14
CA MET A 42 -10.98 5.07 1.18
C MET A 42 -10.01 4.78 2.32
N LEU A 43 -8.83 4.29 1.98
CA LEU A 43 -7.81 3.97 2.98
C LEU A 43 -7.32 5.23 3.68
N SER A 44 -7.12 6.30 2.91
CA SER A 44 -6.65 7.57 3.46
C SER A 44 -7.47 7.96 4.68
N GLU A 45 -8.68 7.43 4.76
CA GLU A 45 -9.57 7.73 5.89
C GLU A 45 -9.11 7.02 7.16
N LYS A 46 -8.77 5.74 7.01
CA LYS A 46 -8.32 4.94 8.14
C LYS A 46 -6.88 5.29 8.52
N THR A 47 -6.07 5.61 7.50
CA THR A 47 -4.68 5.97 7.73
C THR A 47 -4.51 7.47 7.90
N ASN A 48 -5.54 8.22 7.47
CA ASN A 48 -5.50 9.67 7.57
C ASN A 48 -4.35 10.25 6.75
N LEU A 49 -4.09 9.63 5.60
CA LEU A 49 -3.02 10.09 4.72
C LEU A 49 -3.59 10.81 3.50
N SER A 50 -2.71 11.18 2.57
CA SER A 50 -3.12 11.87 1.36
C SER A 50 -2.95 10.98 0.14
N LEU A 51 -3.96 10.97 -0.74
CA LEU A 51 -3.91 10.17 -1.95
C LEU A 51 -2.50 10.09 -2.51
N LEU A 52 -1.78 11.21 -2.45
CA LEU A 52 -0.41 11.27 -2.94
C LEU A 52 0.50 10.32 -2.15
N GLN A 53 0.37 10.37 -0.83
CA GLN A 53 1.18 9.52 0.04
C GLN A 53 0.84 8.06 -0.16
N ILE A 54 -0.45 7.77 -0.29
CA ILE A 54 -0.92 6.40 -0.49
C ILE A 54 -0.17 5.73 -1.65
N SER A 55 -0.43 6.19 -2.86
CA SER A 55 0.23 5.63 -4.04
C SER A 55 1.74 5.69 -3.91
N ASN A 56 2.25 6.86 -3.55
CA ASN A 56 3.68 7.04 -3.38
C ASN A 56 4.28 5.93 -2.54
N TRP A 57 3.55 5.48 -1.54
CA TRP A 57 4.00 4.41 -0.66
C TRP A 57 3.99 3.07 -1.38
N PHE A 58 2.92 2.83 -2.14
CA PHE A 58 2.78 1.58 -2.88
C PHE A 58 3.95 1.38 -3.83
N ILE A 59 4.44 2.46 -4.41
CA ILE A 59 5.56 2.40 -5.34
C ILE A 59 6.78 1.78 -4.67
N ASN A 60 7.39 2.52 -3.74
CA ASN A 60 8.57 2.04 -3.03
C ASN A 60 8.25 0.76 -2.26
N ALA A 61 7.05 0.68 -1.71
CA ALA A 61 6.63 -0.48 -0.95
C ALA A 61 6.58 -1.73 -1.84
N ARG A 62 6.10 -1.56 -3.05
CA ARG A 62 5.99 -2.67 -4.00
C ARG A 62 7.39 -3.16 -4.41
N ARG A 63 8.42 -2.51 -3.88
CA ARG A 63 9.79 -2.87 -4.19
C ARG A 63 10.42 -3.63 -3.03
N ARG A 64 9.92 -3.38 -1.82
CA ARG A 64 10.44 -4.04 -0.62
C ARG A 64 9.31 -4.71 0.16
N ILE A 65 8.19 -4.01 0.30
CA ILE A 65 7.04 -4.54 1.02
C ILE A 65 6.38 -5.68 0.24
N LEU A 66 5.97 -5.38 -0.98
CA LEU A 66 5.32 -6.38 -1.83
C LEU A 66 6.11 -7.69 -1.83
N PRO A 67 7.41 -7.59 -2.15
CA PRO A 67 8.29 -8.77 -2.19
C PRO A 67 8.57 -9.33 -0.80
N ASP A 68 7.93 -8.76 0.20
CA ASP A 68 8.10 -9.20 1.58
C ASP A 68 6.99 -10.17 1.98
N MET A 69 5.74 -9.74 1.83
CA MET A 69 4.60 -10.56 2.17
C MET A 69 4.47 -11.74 1.20
N LEU A 70 4.81 -11.50 -0.05
CA LEU A 70 4.73 -12.55 -1.08
C LEU A 70 5.57 -13.76 -0.69
N GLN A 71 6.84 -13.51 -0.40
CA GLN A 71 7.75 -14.59 0.00
C GLN A 71 7.03 -15.63 0.83
N GLN A 72 7.27 -16.90 0.51
CA GLN A 72 6.63 -18.01 1.23
C GLN A 72 6.47 -17.67 2.70
N ARG A 73 5.28 -17.93 3.23
CA ARG A 73 5.00 -17.66 4.64
C ARG A 73 4.68 -18.94 5.40
N ARG A 74 4.55 -18.83 6.71
CA ARG A 74 4.26 -19.99 7.54
C ARG A 74 3.11 -20.81 6.96
N ASN A 75 1.97 -20.17 6.77
CA ASN A 75 0.80 -20.84 6.21
C ASN A 75 -0.21 -19.83 5.67
N ASP A 76 -1.06 -20.28 4.75
CA ASP A 76 -2.06 -19.41 4.15
C ASP A 76 -3.46 -19.76 4.66
N PRO A 77 -3.90 -19.05 5.71
CA PRO A 77 -5.21 -19.28 6.32
C PRO A 77 -6.35 -18.83 5.40
N SER A 78 -7.11 -19.79 4.89
CA SER A 78 -8.23 -19.50 4.01
C SER A 78 -9.54 -19.44 4.79
N GLY A 79 -10.54 -18.78 4.21
CA GLY A 79 -11.83 -18.67 4.87
C GLY A 79 -12.93 -18.26 3.91
N PRO A 80 -13.51 -19.26 3.21
CA PRO A 80 -14.58 -19.01 2.25
C PRO A 80 -15.89 -18.60 2.92
N SER A 81 -16.93 -18.41 2.12
CA SER A 81 -18.23 -18.00 2.64
C SER A 81 -19.36 -18.56 1.77
N SER A 82 -20.59 -18.39 2.24
CA SER A 82 -21.75 -18.87 1.51
C SER A 82 -23.04 -18.31 2.09
N GLY A 83 -24.16 -18.55 1.41
CA GLY A 83 -25.44 -18.05 1.88
C GLY A 83 -25.60 -16.57 1.66
N GLY A 1 -4.01 18.98 -24.40
CA GLY A 1 -3.04 18.74 -23.34
C GLY A 1 -2.91 19.94 -22.42
N SER A 2 -2.73 19.66 -21.12
CA SER A 2 -2.57 20.71 -20.13
C SER A 2 -1.91 20.18 -18.87
N SER A 3 -0.96 20.95 -18.33
CA SER A 3 -0.25 20.56 -17.12
C SER A 3 0.48 21.75 -16.51
N GLY A 4 1.08 21.53 -15.35
CA GLY A 4 1.82 22.59 -14.68
C GLY A 4 2.35 22.16 -13.33
N SER A 5 3.65 21.87 -13.28
CA SER A 5 4.29 21.44 -12.04
C SER A 5 5.80 21.39 -12.20
N SER A 6 6.51 21.99 -11.25
CA SER A 6 7.97 22.02 -11.28
C SER A 6 8.55 21.82 -9.89
N GLY A 7 9.59 21.01 -9.80
CA GLY A 7 10.22 20.74 -8.52
C GLY A 7 9.22 20.35 -7.45
N LYS A 8 9.10 19.05 -7.21
CA LYS A 8 8.16 18.55 -6.20
C LYS A 8 8.45 17.08 -5.88
N LYS A 9 8.99 16.83 -4.69
CA LYS A 9 9.31 15.48 -4.27
C LYS A 9 9.73 15.46 -2.81
N ARG A 10 9.48 14.33 -2.14
CA ARG A 10 9.82 14.18 -0.73
C ARG A 10 9.79 12.72 -0.32
N LYS A 11 10.75 12.31 0.50
CA LYS A 11 10.83 10.93 0.98
C LYS A 11 10.30 10.82 2.40
N GLY A 12 9.65 9.70 2.70
CA GLY A 12 9.11 9.48 4.03
C GLY A 12 8.32 8.18 4.13
N ASN A 13 8.32 7.59 5.32
CA ASN A 13 7.60 6.34 5.55
C ASN A 13 6.43 6.55 6.50
N LEU A 14 5.34 5.85 6.24
CA LEU A 14 4.14 5.96 7.08
C LEU A 14 4.28 5.11 8.34
N PRO A 15 3.60 5.53 9.41
CA PRO A 15 3.62 4.82 10.69
C PRO A 15 2.90 3.48 10.63
N ALA A 16 3.49 2.46 11.24
CA ALA A 16 2.90 1.13 11.25
C ALA A 16 1.38 1.21 11.32
N GLU A 17 0.88 1.72 12.44
CA GLU A 17 -0.57 1.85 12.64
C GLU A 17 -1.27 2.18 11.33
N SER A 18 -0.71 3.12 10.58
CA SER A 18 -1.29 3.52 9.30
C SER A 18 -0.98 2.51 8.22
N VAL A 19 0.23 1.94 8.27
CA VAL A 19 0.65 0.95 7.30
C VAL A 19 -0.25 -0.27 7.32
N LYS A 20 -0.45 -0.84 8.50
CA LYS A 20 -1.30 -2.01 8.66
C LYS A 20 -2.53 -1.92 7.76
N ILE A 21 -3.09 -0.72 7.65
CA ILE A 21 -4.27 -0.49 6.81
C ILE A 21 -3.94 -0.71 5.34
N LEU A 22 -2.81 -0.16 4.91
CA LEU A 22 -2.39 -0.30 3.51
C LEU A 22 -1.89 -1.71 3.23
N ARG A 23 -0.93 -2.16 4.02
CA ARG A 23 -0.36 -3.50 3.86
C ARG A 23 -1.47 -4.54 3.72
N ASP A 24 -2.32 -4.61 4.73
CA ASP A 24 -3.43 -5.57 4.72
C ASP A 24 -4.09 -5.63 3.35
N TRP A 25 -4.21 -4.48 2.70
CA TRP A 25 -4.82 -4.40 1.38
C TRP A 25 -3.85 -4.86 0.31
N MET A 26 -2.62 -4.33 0.34
CA MET A 26 -1.60 -4.69 -0.63
C MET A 26 -1.44 -6.20 -0.71
N TYR A 27 -1.83 -6.89 0.36
CA TYR A 27 -1.71 -8.35 0.42
C TYR A 27 -2.77 -9.00 -0.46
N LYS A 28 -4.03 -8.78 -0.12
CA LYS A 28 -5.14 -9.35 -0.88
C LYS A 28 -5.01 -9.04 -2.36
N HIS A 29 -4.46 -7.86 -2.67
CA HIS A 29 -4.28 -7.45 -4.05
C HIS A 29 -2.83 -7.63 -4.49
N ARG A 30 -2.02 -8.20 -3.60
CA ARG A 30 -0.61 -8.44 -3.89
C ARG A 30 -0.41 -8.81 -5.35
N PHE A 31 -1.40 -9.50 -5.92
CA PHE A 31 -1.34 -9.92 -7.31
C PHE A 31 -0.89 -8.78 -8.21
N LYS A 32 -1.52 -7.62 -8.06
CA LYS A 32 -1.19 -6.44 -8.85
C LYS A 32 -0.43 -5.43 -8.02
N ALA A 33 -0.92 -5.15 -6.81
CA ALA A 33 -0.28 -4.21 -5.92
C ALA A 33 -0.49 -2.77 -6.40
N TYR A 34 -1.74 -2.42 -6.66
CA TYR A 34 -2.07 -1.07 -7.13
C TYR A 34 -3.55 -0.77 -6.91
N PRO A 35 -3.83 0.07 -5.89
CA PRO A 35 -5.19 0.46 -5.56
C PRO A 35 -5.82 1.38 -6.61
N SER A 36 -7.12 1.62 -6.49
CA SER A 36 -7.83 2.48 -7.42
C SER A 36 -8.22 3.79 -6.77
N GLU A 37 -8.39 4.83 -7.59
CA GLU A 37 -8.76 6.15 -7.09
C GLU A 37 -9.74 6.04 -5.93
N GLU A 38 -10.54 4.97 -5.95
CA GLU A 38 -11.53 4.75 -4.89
C GLU A 38 -10.87 4.12 -3.66
N GLU A 39 -10.08 3.08 -3.88
CA GLU A 39 -9.40 2.39 -2.79
C GLU A 39 -8.56 3.37 -1.97
N LYS A 40 -7.70 4.11 -2.65
CA LYS A 40 -6.84 5.09 -1.99
C LYS A 40 -7.65 6.04 -1.12
N GLN A 41 -8.53 6.80 -1.76
CA GLN A 41 -9.38 7.75 -1.04
C GLN A 41 -10.00 7.10 0.19
N MET A 42 -10.33 5.81 0.08
CA MET A 42 -10.93 5.08 1.18
C MET A 42 -9.92 4.87 2.30
N LEU A 43 -8.75 4.34 1.95
CA LEU A 43 -7.70 4.09 2.93
C LEU A 43 -7.26 5.38 3.61
N SER A 44 -7.09 6.43 2.82
CA SER A 44 -6.67 7.72 3.35
C SER A 44 -7.52 8.12 4.55
N GLU A 45 -8.74 7.59 4.62
CA GLU A 45 -9.65 7.88 5.71
C GLU A 45 -9.21 7.16 6.98
N LYS A 46 -8.77 5.91 6.83
CA LYS A 46 -8.33 5.11 7.96
C LYS A 46 -6.91 5.50 8.39
N THR A 47 -6.05 5.73 7.39
CA THR A 47 -4.67 6.11 7.67
C THR A 47 -4.54 7.61 7.85
N ASN A 48 -5.54 8.35 7.38
CA ASN A 48 -5.54 9.81 7.50
C ASN A 48 -4.40 10.41 6.68
N LEU A 49 -4.03 9.73 5.61
CA LEU A 49 -2.94 10.20 4.74
C LEU A 49 -3.51 10.93 3.52
N SER A 50 -2.62 11.30 2.61
CA SER A 50 -3.03 12.00 1.39
C SER A 50 -2.89 11.10 0.17
N LEU A 51 -3.86 11.17 -0.72
CA LEU A 51 -3.84 10.36 -1.94
C LEU A 51 -2.43 10.28 -2.52
N LEU A 52 -1.71 11.39 -2.47
CA LEU A 52 -0.35 11.44 -2.97
C LEU A 52 0.56 10.50 -2.19
N GLN A 53 0.49 10.57 -0.87
CA GLN A 53 1.31 9.72 -0.01
C GLN A 53 0.93 8.26 -0.19
N ILE A 54 -0.36 7.99 -0.31
CA ILE A 54 -0.85 6.62 -0.48
C ILE A 54 -0.16 5.94 -1.66
N SER A 55 -0.47 6.40 -2.87
CA SER A 55 0.12 5.83 -4.08
C SER A 55 1.65 5.82 -3.99
N ASN A 56 2.21 6.91 -3.46
CA ASN A 56 3.65 7.02 -3.32
C ASN A 56 4.22 5.85 -2.53
N TRP A 57 3.69 5.64 -1.33
CA TRP A 57 4.14 4.54 -0.48
C TRP A 57 4.13 3.22 -1.24
N PHE A 58 3.07 3.00 -2.01
CA PHE A 58 2.94 1.77 -2.79
C PHE A 58 4.13 1.58 -3.73
N ILE A 59 4.63 2.70 -4.26
CA ILE A 59 5.76 2.67 -5.18
C ILE A 59 6.91 1.86 -4.60
N ASN A 60 7.56 2.42 -3.58
CA ASN A 60 8.68 1.74 -2.93
C ASN A 60 8.20 0.53 -2.15
N ALA A 61 7.09 0.67 -1.45
CA ALA A 61 6.53 -0.41 -0.65
C ALA A 61 6.28 -1.64 -1.50
N ARG A 62 5.91 -1.42 -2.77
CA ARG A 62 5.64 -2.50 -3.70
C ARG A 62 6.94 -3.12 -4.21
N ARG A 63 8.05 -2.48 -3.89
CA ARG A 63 9.36 -2.96 -4.32
C ARG A 63 10.12 -3.61 -3.17
N ARG A 64 9.57 -3.47 -1.96
CA ARG A 64 10.20 -4.05 -0.78
C ARG A 64 9.19 -4.90 0.00
N ILE A 65 7.98 -4.38 0.14
CA ILE A 65 6.93 -5.10 0.87
C ILE A 65 6.31 -6.19 0.00
N LEU A 66 5.75 -5.79 -1.14
CA LEU A 66 5.12 -6.73 -2.05
C LEU A 66 6.00 -7.96 -2.26
N PRO A 67 7.30 -7.73 -2.57
CA PRO A 67 8.26 -8.80 -2.79
C PRO A 67 8.60 -9.54 -1.50
N ASP A 68 8.25 -8.96 -0.37
CA ASP A 68 8.51 -9.57 0.93
C ASP A 68 7.37 -10.46 1.36
N MET A 69 6.20 -10.24 0.76
CA MET A 69 5.01 -11.04 1.09
C MET A 69 4.85 -12.18 0.10
N LEU A 70 5.09 -11.91 -1.18
CA LEU A 70 4.97 -12.92 -2.22
C LEU A 70 5.91 -14.10 -1.96
N GLN A 71 7.13 -13.79 -1.54
CA GLN A 71 8.12 -14.81 -1.24
C GLN A 71 8.30 -15.76 -2.43
N GLN A 72 8.15 -15.21 -3.63
CA GLN A 72 8.30 -16.00 -4.86
C GLN A 72 9.76 -16.10 -5.28
N ARG A 73 10.43 -14.95 -5.33
CA ARG A 73 11.83 -14.90 -5.72
C ARG A 73 12.59 -13.88 -4.87
N ARG A 74 13.87 -14.16 -4.63
CA ARG A 74 14.72 -13.27 -3.84
C ARG A 74 16.01 -12.94 -4.58
N ASN A 75 16.46 -11.71 -4.45
CA ASN A 75 17.69 -11.26 -5.11
C ASN A 75 18.85 -12.20 -4.78
N ASP A 76 19.66 -12.51 -5.79
CA ASP A 76 20.81 -13.39 -5.60
C ASP A 76 22.09 -12.71 -6.06
N PRO A 77 23.21 -13.05 -5.40
CA PRO A 77 24.53 -12.48 -5.72
C PRO A 77 25.05 -12.97 -7.06
N SER A 78 24.68 -12.26 -8.13
CA SER A 78 25.12 -12.62 -9.48
C SER A 78 26.45 -11.96 -9.80
N GLY A 79 27.39 -12.76 -10.27
CA GLY A 79 28.70 -12.24 -10.62
C GLY A 79 28.69 -11.45 -11.93
N PRO A 80 28.37 -12.13 -13.03
CA PRO A 80 28.31 -11.51 -14.36
C PRO A 80 27.14 -10.55 -14.50
N SER A 81 27.36 -9.30 -14.09
CA SER A 81 26.31 -8.28 -14.17
C SER A 81 26.74 -7.14 -15.09
N SER A 82 27.95 -6.63 -14.86
CA SER A 82 28.48 -5.53 -15.66
C SER A 82 28.68 -5.96 -17.11
N GLY A 83 28.30 -5.09 -18.04
CA GLY A 83 28.45 -5.40 -19.45
C GLY A 83 27.50 -6.50 -19.91
#